data_6FDP
#
_entry.id   6FDP
#
loop_
_entity.id
_entity.type
_entity.pdbx_description
1 polymer 'RNA polymerase II-associated protein 3'
2 polymer 'Heat shock protein HSP 90-alpha'
#
loop_
_entity_poly.entity_id
_entity_poly.type
_entity_poly.pdbx_seq_one_letter_code
_entity_poly.pdbx_strand_id
1 'polypeptide(L)'
;GPHMQAISEKDRGNGFFKEGKYERAIECYTRGIAADGANALLPANRAMAYLKIQKYEEAEKDCTQAILLDGSYSKAFARR
GTARTFLGKLNEAKQDFETVLLLEPGNKQAVTELSKIKKK
;
A
2 'polypeptide(L)' DTSRMEEVD B
#
# COMPACT_ATOMS: atom_id res chain seq x y z
N GLY A 1 15.11 -15.96 -14.62
CA GLY A 1 13.75 -16.48 -14.81
C GLY A 1 12.70 -15.44 -14.43
N PRO A 2 11.40 -15.77 -14.58
CA PRO A 2 10.30 -14.81 -14.38
C PRO A 2 10.24 -14.21 -12.97
N HIS A 3 10.44 -15.03 -11.93
CA HIS A 3 10.49 -14.54 -10.55
C HIS A 3 11.63 -13.53 -10.35
N MET A 4 12.86 -13.84 -10.80
CA MET A 4 14.00 -12.94 -10.68
C MET A 4 13.85 -11.64 -11.48
N GLN A 5 13.18 -11.68 -12.64
CA GLN A 5 12.83 -10.48 -13.41
C GLN A 5 11.87 -9.56 -12.64
N ALA A 6 10.93 -10.15 -11.89
CA ALA A 6 9.93 -9.41 -11.12
C ALA A 6 10.51 -8.90 -9.78
N ILE A 7 11.52 -9.58 -9.24
CA ILE A 7 12.37 -9.05 -8.16
C ILE A 7 13.21 -7.87 -8.65
N SER A 8 13.83 -7.93 -9.83
CA SER A 8 14.73 -6.85 -10.30
C SER A 8 14.03 -5.50 -10.36
N GLU A 9 12.84 -5.41 -10.97
CA GLU A 9 12.12 -4.13 -11.05
C GLU A 9 11.55 -3.66 -9.69
N LYS A 10 11.37 -4.59 -8.72
CA LYS A 10 11.04 -4.26 -7.31
C LYS A 10 12.25 -3.68 -6.59
N ASP A 11 13.36 -4.42 -6.55
CA ASP A 11 14.65 -4.01 -5.97
C ASP A 11 15.15 -2.67 -6.53
N ARG A 12 14.93 -2.41 -7.83
CA ARG A 12 15.21 -1.14 -8.53
C ARG A 12 14.33 0.02 -8.06
N GLY A 13 13.01 -0.19 -8.00
CA GLY A 13 12.07 0.84 -7.54
C GLY A 13 12.23 1.16 -6.06
N ASN A 14 12.55 0.16 -5.23
CA ASN A 14 12.81 0.38 -3.80
C ASN A 14 13.95 1.39 -3.62
N GLY A 15 15.05 1.26 -4.38
CA GLY A 15 16.19 2.18 -4.29
C GLY A 15 15.84 3.63 -4.65
N PHE A 16 14.95 3.85 -5.63
CA PHE A 16 14.42 5.18 -5.91
C PHE A 16 13.49 5.69 -4.80
N PHE A 17 12.71 4.80 -4.17
CA PHE A 17 11.82 5.18 -3.06
C PHE A 17 12.63 5.62 -1.84
N LYS A 18 13.78 4.99 -1.59
CA LYS A 18 14.64 5.33 -0.46
C LYS A 18 15.28 6.70 -0.62
N GLU A 19 15.64 7.03 -1.86
CA GLU A 19 16.19 8.32 -2.28
C GLU A 19 15.15 9.44 -2.39
N GLY A 20 13.90 9.17 -2.02
CA GLY A 20 12.77 10.10 -2.10
C GLY A 20 12.29 10.39 -3.52
N LYS A 21 12.81 9.67 -4.52
CA LYS A 21 12.42 9.74 -5.95
C LYS A 21 11.22 8.84 -6.22
N TYR A 22 10.12 9.12 -5.52
CA TYR A 22 8.91 8.31 -5.47
C TYR A 22 8.35 7.99 -6.87
N GLU A 23 8.36 8.96 -7.78
CA GLU A 23 7.87 8.77 -9.14
C GLU A 23 8.67 7.69 -9.89
N ARG A 24 10.01 7.70 -9.78
CA ARG A 24 10.87 6.66 -10.38
C ARG A 24 10.64 5.27 -9.77
N ALA A 25 10.29 5.19 -8.49
CA ALA A 25 9.81 3.96 -7.88
C ALA A 25 8.50 3.48 -8.53
N ILE A 26 7.50 4.36 -8.68
CA ILE A 26 6.25 4.07 -9.43
C ILE A 26 6.56 3.51 -10.82
N GLU A 27 7.47 4.14 -11.57
CA GLU A 27 7.84 3.70 -12.92
C GLU A 27 8.40 2.26 -12.92
N CYS A 28 9.33 1.95 -12.01
CA CYS A 28 9.92 0.61 -11.91
C CYS A 28 8.89 -0.44 -11.51
N TYR A 29 8.10 -0.18 -10.45
CA TYR A 29 7.09 -1.15 -10.01
C TYR A 29 6.04 -1.40 -11.09
N THR A 30 5.69 -0.39 -11.88
CA THR A 30 4.78 -0.53 -13.03
C THR A 30 5.31 -1.57 -14.03
N ARG A 31 6.61 -1.56 -14.34
CA ARG A 31 7.22 -2.55 -15.25
C ARG A 31 7.07 -3.98 -14.72
N GLY A 32 7.21 -4.19 -13.41
CA GLY A 32 6.97 -5.47 -12.73
C GLY A 32 5.49 -5.88 -12.69
N ILE A 33 4.58 -4.98 -12.26
CA ILE A 33 3.12 -5.24 -12.22
C ILE A 33 2.60 -5.59 -13.62
N ALA A 34 3.22 -5.00 -14.65
CA ALA A 34 2.93 -5.26 -16.07
C ALA A 34 3.61 -6.53 -16.62
N ALA A 35 4.77 -6.91 -16.09
CA ALA A 35 5.48 -8.14 -16.45
C ALA A 35 4.79 -9.39 -15.84
N ASP A 36 4.34 -9.27 -14.60
CA ASP A 36 3.84 -10.36 -13.74
C ASP A 36 2.36 -10.19 -13.41
N GLY A 37 2.03 -9.20 -12.57
CA GLY A 37 0.66 -8.82 -12.24
C GLY A 37 -0.04 -9.70 -11.20
N ALA A 38 0.72 -10.56 -10.51
CA ALA A 38 0.24 -11.59 -9.57
C ALA A 38 0.93 -11.53 -8.19
N ASN A 39 2.05 -10.81 -8.06
CA ASN A 39 2.67 -10.45 -6.79
C ASN A 39 1.98 -9.24 -6.13
N ALA A 40 1.43 -9.41 -4.92
CA ALA A 40 0.85 -8.33 -4.12
C ALA A 40 1.86 -7.26 -3.63
N LEU A 41 3.17 -7.56 -3.58
CA LEU A 41 4.19 -6.66 -3.02
C LEU A 41 4.60 -5.56 -4.01
N LEU A 42 4.52 -5.83 -5.31
CA LEU A 42 4.80 -4.87 -6.37
C LEU A 42 3.87 -3.63 -6.32
N PRO A 43 2.54 -3.79 -6.40
CA PRO A 43 1.60 -2.68 -6.27
C PRO A 43 1.57 -2.12 -4.84
N ALA A 44 1.89 -2.93 -3.83
CA ALA A 44 1.97 -2.46 -2.43
C ALA A 44 3.04 -1.37 -2.22
N ASN A 45 4.18 -1.49 -2.91
CA ASN A 45 5.21 -0.45 -2.92
C ASN A 45 4.81 0.70 -3.88
N ARG A 46 4.15 0.42 -5.02
CA ARG A 46 3.68 1.46 -5.96
C ARG A 46 2.66 2.40 -5.31
N ALA A 47 1.73 1.86 -4.54
CA ALA A 47 0.75 2.64 -3.78
C ALA A 47 1.40 3.56 -2.75
N MET A 48 2.45 3.11 -2.04
CA MET A 48 3.20 3.97 -1.11
C MET A 48 3.79 5.19 -1.82
N ALA A 49 4.40 5.01 -2.98
CA ALA A 49 4.95 6.12 -3.74
C ALA A 49 3.87 7.09 -4.23
N TYR A 50 2.75 6.60 -4.80
CA TYR A 50 1.57 7.42 -5.13
C TYR A 50 1.05 8.21 -3.91
N LEU A 51 1.08 7.61 -2.72
CA LEU A 51 0.64 8.26 -1.49
C LEU A 51 1.61 9.36 -1.01
N LYS A 52 2.92 9.18 -1.20
CA LYS A 52 3.92 10.23 -0.96
C LYS A 52 3.79 11.41 -1.92
N ILE A 53 3.42 11.19 -3.19
CA ILE A 53 3.16 12.27 -4.16
C ILE A 53 1.71 12.77 -4.12
N GLN A 54 0.95 12.36 -3.09
CA GLN A 54 -0.38 12.84 -2.75
C GLN A 54 -1.44 12.54 -3.81
N LYS A 55 -1.15 11.57 -4.69
CA LYS A 55 -2.07 10.97 -5.64
C LYS A 55 -2.86 9.82 -4.97
N TYR A 56 -3.63 10.12 -3.92
CA TYR A 56 -4.32 9.11 -3.11
C TYR A 56 -5.36 8.32 -3.91
N GLU A 57 -5.96 8.95 -4.93
CA GLU A 57 -6.90 8.30 -5.84
C GLU A 57 -6.25 7.14 -6.60
N GLU A 58 -4.96 7.27 -6.93
CA GLU A 58 -4.18 6.26 -7.63
C GLU A 58 -3.58 5.24 -6.65
N ALA A 59 -3.18 5.69 -5.45
CA ALA A 59 -2.69 4.83 -4.37
C ALA A 59 -3.77 3.85 -3.87
N GLU A 60 -5.01 4.31 -3.69
CA GLU A 60 -6.17 3.44 -3.40
C GLU A 60 -6.24 2.22 -4.34
N LYS A 61 -6.10 2.43 -5.66
CA LYS A 61 -6.26 1.40 -6.70
C LYS A 61 -5.20 0.30 -6.61
N ASP A 62 -3.93 0.70 -6.43
CA ASP A 62 -2.83 -0.25 -6.26
C ASP A 62 -2.89 -0.97 -4.89
N CYS A 63 -3.43 -0.32 -3.86
CA CYS A 63 -3.69 -1.01 -2.60
C CYS A 63 -4.79 -2.07 -2.76
N THR A 64 -5.88 -1.75 -3.47
CA THR A 64 -6.89 -2.76 -3.84
C THR A 64 -6.25 -3.89 -4.64
N GLN A 65 -5.35 -3.61 -5.59
CA GLN A 65 -4.66 -4.66 -6.33
C GLN A 65 -3.91 -5.62 -5.39
N ALA A 66 -3.14 -5.13 -4.43
CA ALA A 66 -2.46 -6.00 -3.46
C ALA A 66 -3.44 -6.88 -2.65
N ILE A 67 -4.66 -6.40 -2.39
CA ILE A 67 -5.71 -7.13 -1.63
C ILE A 67 -6.46 -8.12 -2.53
N LEU A 68 -6.50 -7.91 -3.83
CA LEU A 68 -7.04 -8.87 -4.80
C LEU A 68 -6.13 -10.09 -4.96
N LEU A 69 -4.81 -9.89 -4.94
CA LEU A 69 -3.83 -10.96 -5.17
C LEU A 69 -3.61 -11.78 -3.91
N ASP A 70 -3.36 -11.07 -2.80
CA ASP A 70 -3.09 -11.71 -1.50
C ASP A 70 -4.32 -11.82 -0.58
N GLY A 71 -4.99 -10.70 -0.30
CA GLY A 71 -6.21 -10.65 0.52
C GLY A 71 -5.96 -10.70 2.02
N SER A 72 -4.70 -10.85 2.45
CA SER A 72 -4.31 -10.95 3.86
C SER A 72 -3.26 -9.92 4.30
N TYR A 73 -2.90 -8.99 3.42
CA TYR A 73 -1.77 -8.08 3.65
C TYR A 73 -2.20 -6.85 4.48
N SER A 74 -1.94 -6.86 5.79
CA SER A 74 -2.39 -5.79 6.70
C SER A 74 -1.83 -4.41 6.31
N LYS A 75 -0.58 -4.36 5.82
CA LYS A 75 0.03 -3.13 5.26
C LYS A 75 -0.76 -2.58 4.05
N ALA A 76 -1.26 -3.42 3.15
CA ALA A 76 -2.05 -2.96 2.00
C ALA A 76 -3.41 -2.38 2.42
N PHE A 77 -4.09 -2.98 3.40
CA PHE A 77 -5.33 -2.42 3.96
C PHE A 77 -5.09 -1.10 4.70
N ALA A 78 -4.03 -1.01 5.52
CA ALA A 78 -3.64 0.22 6.22
C ALA A 78 -3.30 1.35 5.22
N ARG A 79 -2.62 1.02 4.11
CA ARG A 79 -2.34 1.96 3.02
C ARG A 79 -3.61 2.36 2.26
N ARG A 80 -4.59 1.47 2.02
CA ARG A 80 -5.85 1.84 1.37
C ARG A 80 -6.71 2.74 2.26
N GLY A 81 -6.90 2.37 3.52
CA GLY A 81 -7.60 3.21 4.50
C GLY A 81 -6.95 4.60 4.62
N THR A 82 -5.61 4.66 4.71
CA THR A 82 -4.90 5.95 4.76
C THR A 82 -5.11 6.76 3.48
N ALA A 83 -5.01 6.15 2.29
CA ALA A 83 -5.27 6.84 1.04
C ALA A 83 -6.69 7.42 0.99
N ARG A 84 -7.72 6.59 1.22
CA ARG A 84 -9.13 7.00 1.32
C ARG A 84 -9.40 8.11 2.31
N THR A 85 -8.68 8.14 3.43
CA THR A 85 -8.82 9.17 4.48
C THR A 85 -8.51 10.56 3.94
N PHE A 86 -7.42 10.71 3.20
CA PHE A 86 -7.05 11.93 2.47
C PHE A 86 -7.81 12.14 1.14
N LEU A 87 -8.47 11.09 0.62
CA LEU A 87 -9.31 11.14 -0.58
C LEU A 87 -10.74 11.65 -0.29
N GLY A 88 -11.15 11.64 0.97
CA GLY A 88 -12.50 11.99 1.44
C GLY A 88 -13.43 10.79 1.64
N LYS A 89 -12.98 9.57 1.29
CA LYS A 89 -13.70 8.31 1.42
C LYS A 89 -13.61 7.75 2.85
N LEU A 90 -13.87 8.60 3.83
CA LEU A 90 -13.62 8.36 5.25
C LEU A 90 -14.41 7.15 5.80
N ASN A 91 -15.66 6.99 5.35
CA ASN A 91 -16.50 5.82 5.67
C ASN A 91 -15.98 4.51 5.03
N GLU A 92 -15.40 4.57 3.84
CA GLU A 92 -14.76 3.41 3.20
C GLU A 92 -13.42 3.05 3.88
N ALA A 93 -12.66 4.06 4.33
CA ALA A 93 -11.44 3.89 5.10
C ALA A 93 -11.68 3.28 6.50
N LYS A 94 -12.78 3.66 7.18
CA LYS A 94 -13.25 3.06 8.44
C LYS A 94 -13.35 1.53 8.35
N GLN A 95 -13.90 1.02 7.23
CA GLN A 95 -14.04 -0.41 6.96
C GLN A 95 -12.69 -1.10 6.70
N ASP A 96 -11.73 -0.39 6.08
CA ASP A 96 -10.39 -0.93 5.83
C ASP A 96 -9.57 -1.01 7.10
N PHE A 97 -9.63 0.00 7.98
CA PHE A 97 -8.94 -0.04 9.27
C PHE A 97 -9.56 -1.08 10.21
N GLU A 98 -10.89 -1.24 10.22
CA GLU A 98 -11.53 -2.38 10.90
C GLU A 98 -11.07 -3.74 10.36
N THR A 99 -10.73 -3.84 9.07
CA THR A 99 -10.18 -5.06 8.45
C THR A 99 -8.73 -5.30 8.87
N VAL A 100 -7.89 -4.25 9.02
CA VAL A 100 -6.53 -4.40 9.56
C VAL A 100 -6.56 -5.06 10.95
N LEU A 101 -7.54 -4.72 11.78
CA LEU A 101 -7.74 -5.33 13.10
C LEU A 101 -8.14 -6.82 13.05
N LEU A 102 -8.62 -7.35 11.92
CA LEU A 102 -8.86 -8.80 11.75
C LEU A 102 -7.54 -9.54 11.44
N LEU A 103 -6.67 -8.88 10.67
CA LEU A 103 -5.39 -9.42 10.21
C LEU A 103 -4.29 -9.36 11.28
N GLU A 104 -4.33 -8.33 12.15
CA GLU A 104 -3.52 -8.20 13.36
C GLU A 104 -4.39 -7.66 14.52
N PRO A 105 -4.82 -8.50 15.48
CA PRO A 105 -5.55 -8.05 16.66
C PRO A 105 -4.73 -7.04 17.48
N GLY A 106 -5.36 -5.93 17.85
CA GLY A 106 -4.72 -4.85 18.60
C GLY A 106 -3.75 -3.98 17.79
N ASN A 107 -3.76 -4.08 16.45
CA ASN A 107 -2.91 -3.29 15.56
C ASN A 107 -2.98 -1.78 15.86
N LYS A 108 -1.80 -1.18 15.98
CA LYS A 108 -1.62 0.19 16.51
C LYS A 108 -2.19 1.25 15.58
N GLN A 109 -1.99 1.08 14.28
CA GLN A 109 -2.66 1.88 13.26
C GLN A 109 -4.16 1.59 13.23
N ALA A 110 -4.58 0.32 13.32
CA ALA A 110 -5.99 0.00 13.20
C ALA A 110 -6.86 0.53 14.35
N VAL A 111 -6.29 0.77 15.54
CA VAL A 111 -6.95 1.58 16.57
C VAL A 111 -6.84 3.07 16.22
N THR A 112 -5.62 3.58 16.00
CA THR A 112 -5.37 5.03 15.92
C THR A 112 -5.97 5.69 14.68
N GLU A 113 -5.81 5.11 13.50
CA GLU A 113 -6.35 5.63 12.24
C GLU A 113 -7.89 5.50 12.17
N LEU A 114 -8.46 4.46 12.79
CA LEU A 114 -9.89 4.30 12.99
C LEU A 114 -10.46 5.30 14.01
N SER A 115 -9.60 5.76 14.93
CA SER A 115 -9.92 6.78 15.92
C SER A 115 -9.89 8.20 15.31
N LYS A 116 -9.01 8.46 14.34
CA LYS A 116 -8.93 9.74 13.60
C LYS A 116 -10.22 10.06 12.82
N ILE A 117 -10.97 9.02 12.41
CA ILE A 117 -12.28 9.14 11.74
C ILE A 117 -13.24 10.02 12.54
N LYS A 118 -13.23 9.88 13.88
CA LYS A 118 -14.19 10.53 14.79
C LYS A 118 -13.83 11.96 15.22
N LYS A 119 -12.78 12.59 14.67
CA LYS A 119 -12.34 13.98 14.98
C LYS A 119 -13.26 15.10 14.42
N LYS A 120 -14.52 14.76 14.11
CA LYS A 120 -15.59 15.62 13.54
C LYS A 120 -15.72 16.97 14.24
N ASP B 1 3.76 -7.88 18.30
CA ASP B 1 3.84 -6.62 17.52
C ASP B 1 3.03 -6.74 16.20
N THR B 2 2.81 -5.61 15.51
CA THR B 2 1.97 -5.50 14.30
C THR B 2 2.62 -4.61 13.24
N SER B 3 2.04 -4.60 12.04
CA SER B 3 2.64 -4.00 10.83
C SER B 3 2.44 -2.50 10.74
N ARG B 4 3.50 -1.76 10.40
CA ARG B 4 3.53 -0.31 10.13
C ARG B 4 3.20 -0.05 8.66
N MET B 5 2.44 1.00 8.37
CA MET B 5 2.09 1.40 7.01
C MET B 5 3.29 1.86 6.16
N GLU B 6 4.04 2.87 6.61
CA GLU B 6 4.96 3.63 5.74
C GLU B 6 6.32 2.92 5.54
N GLU B 7 6.42 2.10 4.49
CA GLU B 7 7.60 1.26 4.17
C GLU B 7 7.50 0.70 2.73
N VAL B 8 8.60 0.22 2.14
CA VAL B 8 8.64 -0.61 0.90
C VAL B 8 9.49 -1.88 1.11
N ASP B 9 9.73 -2.69 0.06
CA ASP B 9 10.56 -3.92 0.17
C ASP B 9 12.07 -3.66 0.42
N GLY A 1 14.61 -14.73 -16.69
CA GLY A 1 13.48 -15.40 -16.04
C GLY A 1 12.42 -14.38 -15.63
N PRO A 2 11.14 -14.54 -16.02
CA PRO A 2 10.08 -13.57 -15.74
C PRO A 2 9.82 -13.24 -14.27
N HIS A 3 10.17 -14.12 -13.33
CA HIS A 3 10.08 -13.85 -11.89
C HIS A 3 11.28 -13.02 -11.39
N MET A 4 12.50 -13.31 -11.85
CA MET A 4 13.69 -12.49 -11.56
C MET A 4 13.64 -11.09 -12.20
N GLN A 5 12.95 -10.93 -13.33
CA GLN A 5 12.59 -9.61 -13.88
C GLN A 5 11.66 -8.84 -12.93
N ALA A 6 10.72 -9.52 -12.27
CA ALA A 6 9.75 -8.93 -11.36
C ALA A 6 10.37 -8.59 -10.00
N ILE A 7 11.34 -9.38 -9.55
CA ILE A 7 12.22 -9.04 -8.42
C ILE A 7 13.11 -7.85 -8.78
N SER A 8 13.73 -7.84 -9.96
CA SER A 8 14.67 -6.78 -10.35
C SER A 8 14.01 -5.41 -10.29
N GLU A 9 12.85 -5.25 -10.92
CA GLU A 9 12.11 -3.98 -10.88
C GLU A 9 11.56 -3.63 -9.48
N LYS A 10 11.42 -4.63 -8.59
CA LYS A 10 11.10 -4.39 -7.17
C LYS A 10 12.31 -3.83 -6.44
N ASP A 11 13.46 -4.53 -6.46
CA ASP A 11 14.75 -4.07 -5.90
C ASP A 11 15.10 -2.64 -6.35
N ARG A 12 14.98 -2.41 -7.66
CA ARG A 12 15.26 -1.12 -8.32
C ARG A 12 14.33 0.00 -7.84
N GLY A 13 13.02 -0.24 -7.79
CA GLY A 13 12.07 0.74 -7.27
C GLY A 13 12.21 0.98 -5.77
N ASN A 14 12.59 -0.02 -4.98
CA ASN A 14 12.74 0.11 -3.53
C ASN A 14 13.79 1.18 -3.18
N GLY A 15 14.97 1.14 -3.82
CA GLY A 15 16.02 2.14 -3.59
C GLY A 15 15.55 3.56 -3.89
N PHE A 16 14.84 3.76 -5.00
CA PHE A 16 14.26 5.06 -5.34
C PHE A 16 13.21 5.53 -4.33
N PHE A 17 12.43 4.63 -3.73
CA PHE A 17 11.45 5.02 -2.71
C PHE A 17 12.14 5.56 -1.45
N LYS A 18 13.29 4.98 -1.08
CA LYS A 18 14.06 5.42 0.10
C LYS A 18 14.83 6.71 -0.13
N GLU A 19 15.21 6.98 -1.38
CA GLU A 19 15.72 8.27 -1.85
C GLU A 19 14.63 9.35 -1.96
N GLY A 20 13.35 9.01 -1.67
CA GLY A 20 12.20 9.90 -1.88
C GLY A 20 11.90 10.19 -3.35
N LYS A 21 12.55 9.47 -4.28
CA LYS A 21 12.37 9.52 -5.74
C LYS A 21 11.17 8.65 -6.12
N TYR A 22 10.01 9.05 -5.59
CA TYR A 22 8.74 8.33 -5.66
C TYR A 22 8.33 8.03 -7.11
N GLU A 23 8.47 9.00 -7.99
CA GLU A 23 8.18 8.86 -9.43
C GLU A 23 8.99 7.72 -10.05
N ARG A 24 10.32 7.65 -9.80
CA ARG A 24 11.20 6.56 -10.26
C ARG A 24 10.84 5.20 -9.66
N ALA A 25 10.49 5.14 -8.37
CA ALA A 25 9.98 3.93 -7.75
C ALA A 25 8.69 3.44 -8.46
N ILE A 26 7.75 4.36 -8.75
CA ILE A 26 6.53 4.05 -9.50
C ILE A 26 6.86 3.50 -10.89
N GLU A 27 7.82 4.09 -11.61
CA GLU A 27 8.23 3.60 -12.94
C GLU A 27 8.68 2.14 -12.90
N CYS A 28 9.54 1.79 -11.94
CA CYS A 28 10.05 0.43 -11.77
C CYS A 28 8.92 -0.53 -11.41
N TYR A 29 8.15 -0.24 -10.35
CA TYR A 29 7.09 -1.17 -9.92
C TYR A 29 6.03 -1.38 -11.01
N THR A 30 5.72 -0.35 -11.80
CA THR A 30 4.81 -0.47 -12.96
C THR A 30 5.29 -1.51 -13.97
N ARG A 31 6.59 -1.53 -14.27
CA ARG A 31 7.20 -2.54 -15.18
C ARG A 31 7.07 -3.95 -14.62
N GLY A 32 7.22 -4.13 -13.30
CA GLY A 32 7.02 -5.38 -12.58
C GLY A 32 5.55 -5.83 -12.58
N ILE A 33 4.60 -4.97 -12.14
CA ILE A 33 3.16 -5.28 -12.11
C ILE A 33 2.67 -5.66 -13.51
N ALA A 34 3.25 -5.07 -14.54
CA ALA A 34 2.95 -5.38 -15.95
C ALA A 34 3.61 -6.68 -16.46
N ALA A 35 4.77 -7.05 -15.92
CA ALA A 35 5.54 -8.26 -16.23
C ALA A 35 5.09 -9.53 -15.47
N ASP A 36 4.45 -9.36 -14.32
CA ASP A 36 4.09 -10.42 -13.35
C ASP A 36 2.57 -10.43 -13.07
N GLY A 37 2.07 -9.34 -12.49
CA GLY A 37 0.64 -9.09 -12.28
C GLY A 37 -0.04 -10.00 -11.26
N ALA A 38 0.75 -10.68 -10.43
CA ALA A 38 0.35 -11.76 -9.53
C ALA A 38 0.94 -11.62 -8.12
N ASN A 39 2.03 -10.86 -7.96
CA ASN A 39 2.62 -10.50 -6.67
C ASN A 39 1.93 -9.27 -6.06
N ALA A 40 1.30 -9.43 -4.90
CA ALA A 40 0.68 -8.34 -4.12
C ALA A 40 1.67 -7.29 -3.60
N LEU A 41 2.98 -7.60 -3.52
CA LEU A 41 4.02 -6.72 -2.98
C LEU A 41 4.45 -5.63 -3.98
N LEU A 42 4.40 -5.93 -5.27
CA LEU A 42 4.71 -4.99 -6.35
C LEU A 42 3.82 -3.73 -6.34
N PRO A 43 2.49 -3.86 -6.41
CA PRO A 43 1.56 -2.73 -6.30
C PRO A 43 1.52 -2.17 -4.87
N ALA A 44 1.80 -2.99 -3.84
CA ALA A 44 1.87 -2.50 -2.45
C ALA A 44 2.95 -1.43 -2.25
N ASN A 45 4.13 -1.62 -2.85
CA ASN A 45 5.19 -0.63 -2.84
C ASN A 45 4.86 0.57 -3.77
N ARG A 46 4.22 0.33 -4.93
CA ARG A 46 3.80 1.38 -5.87
C ARG A 46 2.78 2.34 -5.26
N ALA A 47 1.81 1.82 -4.52
CA ALA A 47 0.80 2.60 -3.81
C ALA A 47 1.41 3.54 -2.77
N MET A 48 2.47 3.13 -2.05
CA MET A 48 3.17 4.01 -1.11
C MET A 48 3.74 5.25 -1.81
N ALA A 49 4.39 5.09 -2.97
CA ALA A 49 4.94 6.23 -3.69
C ALA A 49 3.84 7.18 -4.20
N TYR A 50 2.76 6.67 -4.82
CA TYR A 50 1.56 7.46 -5.19
C TYR A 50 0.97 8.20 -3.98
N LEU A 51 1.00 7.60 -2.78
CA LEU A 51 0.51 8.24 -1.56
C LEU A 51 1.42 9.41 -1.12
N LYS A 52 2.74 9.26 -1.18
CA LYS A 52 3.70 10.34 -0.86
C LYS A 52 3.63 11.54 -1.80
N ILE A 53 3.27 11.33 -3.07
CA ILE A 53 3.00 12.39 -4.04
C ILE A 53 1.54 12.87 -4.02
N GLN A 54 0.77 12.44 -3.02
CA GLN A 54 -0.59 12.87 -2.71
C GLN A 54 -1.59 12.53 -3.82
N LYS A 55 -1.28 11.52 -4.62
CA LYS A 55 -2.17 10.90 -5.61
C LYS A 55 -2.94 9.75 -4.97
N TYR A 56 -3.72 10.05 -3.93
CA TYR A 56 -4.41 9.03 -3.12
C TYR A 56 -5.43 8.23 -3.95
N GLU A 57 -6.02 8.85 -4.96
CA GLU A 57 -6.97 8.20 -5.87
C GLU A 57 -6.32 7.07 -6.66
N GLU A 58 -5.03 7.19 -6.97
CA GLU A 58 -4.23 6.16 -7.63
C GLU A 58 -3.61 5.17 -6.62
N ALA A 59 -3.18 5.64 -5.44
CA ALA A 59 -2.69 4.78 -4.37
C ALA A 59 -3.76 3.80 -3.86
N GLU A 60 -4.99 4.24 -3.69
CA GLU A 60 -6.15 3.39 -3.37
C GLU A 60 -6.27 2.18 -4.32
N LYS A 61 -6.16 2.39 -5.64
CA LYS A 61 -6.33 1.36 -6.67
C LYS A 61 -5.29 0.25 -6.58
N ASP A 62 -4.02 0.61 -6.42
CA ASP A 62 -2.93 -0.36 -6.29
C ASP A 62 -2.95 -1.08 -4.94
N CYS A 63 -3.49 -0.44 -3.91
CA CYS A 63 -3.77 -1.14 -2.65
C CYS A 63 -4.89 -2.19 -2.84
N THR A 64 -5.97 -1.85 -3.57
CA THR A 64 -6.97 -2.86 -3.96
C THR A 64 -6.36 -3.97 -4.81
N GLN A 65 -5.45 -3.66 -5.75
CA GLN A 65 -4.76 -4.70 -6.51
C GLN A 65 -4.05 -5.68 -5.56
N ALA A 66 -3.27 -5.22 -4.58
CA ALA A 66 -2.63 -6.09 -3.59
C ALA A 66 -3.64 -6.96 -2.79
N ILE A 67 -4.86 -6.46 -2.55
CA ILE A 67 -5.93 -7.19 -1.82
C ILE A 67 -6.66 -8.19 -2.74
N LEU A 68 -6.65 -7.95 -4.06
CA LEU A 68 -7.19 -8.87 -5.07
C LEU A 68 -6.27 -10.08 -5.31
N LEU A 69 -4.96 -9.91 -5.13
CA LEU A 69 -3.97 -10.97 -5.32
C LEU A 69 -3.78 -11.78 -4.03
N ASP A 70 -3.50 -11.09 -2.92
CA ASP A 70 -3.28 -11.74 -1.62
C ASP A 70 -4.56 -11.90 -0.78
N GLY A 71 -5.26 -10.80 -0.51
CA GLY A 71 -6.50 -10.77 0.28
C GLY A 71 -6.30 -10.73 1.80
N SER A 72 -5.06 -10.81 2.27
CA SER A 72 -4.72 -10.84 3.70
C SER A 72 -3.54 -9.94 4.07
N TYR A 73 -3.13 -9.05 3.16
CA TYR A 73 -1.95 -8.21 3.36
C TYR A 73 -2.28 -6.94 4.17
N SER A 74 -1.95 -6.94 5.47
CA SER A 74 -2.28 -5.86 6.40
C SER A 74 -1.73 -4.48 6.00
N LYS A 75 -0.51 -4.41 5.45
CA LYS A 75 0.05 -3.22 4.79
C LYS A 75 -0.85 -2.65 3.69
N ALA A 76 -1.37 -3.49 2.80
CA ALA A 76 -2.23 -3.04 1.70
C ALA A 76 -3.54 -2.43 2.21
N PHE A 77 -4.18 -3.04 3.22
CA PHE A 77 -5.38 -2.47 3.84
C PHE A 77 -5.08 -1.16 4.59
N ALA A 78 -3.99 -1.09 5.38
CA ALA A 78 -3.56 0.12 6.08
C ALA A 78 -3.28 1.29 5.11
N ARG A 79 -2.64 0.99 3.96
CA ARG A 79 -2.39 1.95 2.90
C ARG A 79 -3.67 2.38 2.17
N ARG A 80 -4.64 1.48 1.90
CA ARG A 80 -5.91 1.88 1.29
C ARG A 80 -6.73 2.74 2.22
N GLY A 81 -6.85 2.37 3.49
CA GLY A 81 -7.53 3.18 4.51
C GLY A 81 -6.88 4.57 4.62
N THR A 82 -5.55 4.64 4.73
CA THR A 82 -4.83 5.91 4.78
C THR A 82 -5.06 6.75 3.50
N ALA A 83 -5.03 6.14 2.32
CA ALA A 83 -5.32 6.83 1.06
C ALA A 83 -6.75 7.43 1.04
N ARG A 84 -7.77 6.60 1.25
CA ARG A 84 -9.18 6.99 1.36
C ARG A 84 -9.46 8.09 2.35
N THR A 85 -8.72 8.12 3.46
CA THR A 85 -8.84 9.14 4.51
C THR A 85 -8.63 10.53 3.94
N PHE A 86 -7.53 10.73 3.19
CA PHE A 86 -7.24 11.99 2.48
C PHE A 86 -8.05 12.17 1.18
N LEU A 87 -8.56 11.08 0.61
CA LEU A 87 -9.41 11.09 -0.61
C LEU A 87 -10.85 11.56 -0.32
N GLY A 88 -11.27 11.57 0.94
CA GLY A 88 -12.62 11.95 1.39
C GLY A 88 -13.59 10.77 1.52
N LYS A 89 -13.10 9.53 1.41
CA LYS A 89 -13.87 8.28 1.57
C LYS A 89 -13.74 7.74 3.00
N LEU A 90 -13.94 8.59 3.99
CA LEU A 90 -13.60 8.33 5.39
C LEU A 90 -14.35 7.11 5.98
N ASN A 91 -15.63 6.94 5.64
CA ASN A 91 -16.42 5.74 5.98
C ASN A 91 -15.89 4.45 5.34
N GLU A 92 -15.32 4.51 4.14
CA GLU A 92 -14.74 3.33 3.46
C GLU A 92 -13.34 3.01 4.01
N ALA A 93 -12.56 4.04 4.38
CA ALA A 93 -11.31 3.89 5.11
C ALA A 93 -11.49 3.26 6.50
N LYS A 94 -12.56 3.62 7.21
CA LYS A 94 -13.00 2.95 8.45
C LYS A 94 -13.12 1.42 8.27
N GLN A 95 -13.71 0.98 7.16
CA GLN A 95 -13.88 -0.45 6.82
C GLN A 95 -12.54 -1.15 6.52
N ASP A 96 -11.54 -0.42 6.02
CA ASP A 96 -10.20 -0.94 5.77
C ASP A 96 -9.41 -1.07 7.08
N PHE A 97 -9.42 -0.06 7.95
CA PHE A 97 -8.75 -0.13 9.25
C PHE A 97 -9.38 -1.22 10.15
N GLU A 98 -10.70 -1.36 10.11
CA GLU A 98 -11.43 -2.44 10.77
C GLU A 98 -11.06 -3.84 10.24
N THR A 99 -10.61 -3.95 8.99
CA THR A 99 -10.02 -5.18 8.43
C THR A 99 -8.56 -5.39 8.84
N VAL A 100 -7.75 -4.34 8.98
CA VAL A 100 -6.37 -4.48 9.51
C VAL A 100 -6.41 -5.09 10.91
N LEU A 101 -7.43 -4.74 11.71
CA LEU A 101 -7.69 -5.29 13.05
C LEU A 101 -8.13 -6.78 13.05
N LEU A 102 -8.40 -7.39 11.89
CA LEU A 102 -8.54 -8.86 11.74
C LEU A 102 -7.18 -9.53 11.45
N LEU A 103 -6.33 -8.84 10.69
CA LEU A 103 -5.04 -9.35 10.18
C LEU A 103 -3.90 -9.22 11.22
N GLU A 104 -3.89 -8.13 12.00
CA GLU A 104 -3.33 -8.12 13.36
C GLU A 104 -4.31 -7.43 14.32
N PRO A 105 -5.02 -8.16 15.20
CA PRO A 105 -5.81 -7.55 16.26
C PRO A 105 -4.93 -6.71 17.19
N GLY A 106 -5.37 -5.48 17.50
CA GLY A 106 -4.61 -4.50 18.27
C GLY A 106 -3.56 -3.71 17.49
N ASN A 107 -3.51 -3.80 16.15
CA ASN A 107 -2.59 -3.03 15.30
C ASN A 107 -2.62 -1.51 15.58
N LYS A 108 -1.42 -0.92 15.68
CA LYS A 108 -1.22 0.44 16.21
C LYS A 108 -1.82 1.51 15.29
N GLN A 109 -1.69 1.31 13.98
CA GLN A 109 -2.42 2.12 12.99
C GLN A 109 -3.92 1.83 13.02
N ALA A 110 -4.33 0.57 13.09
CA ALA A 110 -5.76 0.22 13.09
C ALA A 110 -6.54 0.74 14.32
N VAL A 111 -5.86 1.07 15.43
CA VAL A 111 -6.44 1.90 16.50
C VAL A 111 -6.30 3.38 16.18
N THR A 112 -5.08 3.86 15.91
CA THR A 112 -4.78 5.31 15.81
C THR A 112 -5.52 6.01 14.67
N GLU A 113 -5.52 5.42 13.47
CA GLU A 113 -6.16 6.00 12.28
C GLU A 113 -7.69 5.85 12.34
N LEU A 114 -8.18 4.70 12.82
CA LEU A 114 -9.60 4.47 13.10
C LEU A 114 -10.15 5.44 14.16
N SER A 115 -9.28 5.93 15.04
CA SER A 115 -9.60 6.97 16.01
C SER A 115 -9.79 8.34 15.34
N LYS A 116 -8.96 8.68 14.34
CA LYS A 116 -9.04 9.96 13.60
C LYS A 116 -10.35 10.10 12.82
N ILE A 117 -10.97 8.99 12.43
CA ILE A 117 -12.29 8.93 11.78
C ILE A 117 -13.35 9.70 12.59
N LYS A 118 -13.37 9.48 13.91
CA LYS A 118 -14.26 10.14 14.87
C LYS A 118 -13.58 11.31 15.62
N LYS A 119 -12.49 11.87 15.08
CA LYS A 119 -11.68 12.96 15.67
C LYS A 119 -11.18 12.68 17.11
N LYS A 120 -10.74 11.43 17.35
CA LYS A 120 -10.02 10.98 18.56
C LYS A 120 -8.53 10.70 18.29
N ASP B 1 3.79 -6.48 18.58
CA ASP B 1 4.15 -5.72 17.37
C ASP B 1 3.33 -6.18 16.16
N THR B 2 3.14 -5.27 15.20
CA THR B 2 2.21 -5.40 14.07
C THR B 2 2.76 -4.74 12.80
N SER B 3 2.04 -4.86 11.68
CA SER B 3 2.45 -4.28 10.40
C SER B 3 2.51 -2.75 10.43
N ARG B 4 3.56 -2.18 9.82
CA ARG B 4 3.76 -0.74 9.65
C ARG B 4 3.50 -0.35 8.20
N MET B 5 2.72 0.71 8.01
CA MET B 5 2.34 1.17 6.67
C MET B 5 3.54 1.65 5.83
N GLU B 6 4.51 2.33 6.44
CA GLU B 6 5.56 3.13 5.77
C GLU B 6 6.64 2.36 4.99
N GLU B 7 6.69 1.02 5.07
CA GLU B 7 7.77 0.20 4.48
C GLU B 7 7.61 -0.06 2.97
N VAL B 8 8.69 -0.46 2.30
CA VAL B 8 8.70 -1.16 1.00
C VAL B 8 9.36 -2.54 1.14
N ASP B 9 9.63 -3.25 0.05
CA ASP B 9 10.25 -4.60 0.09
C ASP B 9 11.67 -4.67 0.68
N GLY A 1 14.73 -14.68 -16.22
CA GLY A 1 13.64 -15.55 -15.75
C GLY A 1 12.53 -14.74 -15.09
N PRO A 2 11.25 -15.14 -15.20
CA PRO A 2 10.11 -14.26 -14.90
C PRO A 2 9.96 -13.88 -13.42
N HIS A 3 10.24 -14.78 -12.47
CA HIS A 3 10.19 -14.44 -11.04
C HIS A 3 11.36 -13.52 -10.65
N MET A 4 12.56 -13.78 -11.16
CA MET A 4 13.75 -12.95 -10.92
C MET A 4 13.67 -11.56 -11.57
N GLN A 5 12.98 -11.42 -12.70
CA GLN A 5 12.63 -10.11 -13.27
C GLN A 5 11.65 -9.34 -12.35
N ALA A 6 10.72 -10.04 -11.71
CA ALA A 6 9.72 -9.41 -10.85
C ALA A 6 10.30 -9.04 -9.47
N ILE A 7 11.38 -9.70 -9.06
CA ILE A 7 12.29 -9.21 -8.03
C ILE A 7 13.07 -7.99 -8.54
N SER A 8 13.66 -8.07 -9.72
CA SER A 8 14.60 -7.05 -10.22
C SER A 8 13.99 -5.66 -10.31
N GLU A 9 12.78 -5.55 -10.87
CA GLU A 9 12.06 -4.27 -10.98
C GLU A 9 11.57 -3.75 -9.61
N LYS A 10 11.40 -4.64 -8.61
CA LYS A 10 11.07 -4.28 -7.23
C LYS A 10 12.30 -3.73 -6.50
N ASP A 11 13.39 -4.48 -6.50
CA ASP A 11 14.69 -4.09 -5.91
C ASP A 11 15.18 -2.74 -6.48
N ARG A 12 15.03 -2.53 -7.80
CA ARG A 12 15.26 -1.24 -8.50
C ARG A 12 14.42 -0.09 -7.95
N GLY A 13 13.09 -0.26 -7.88
CA GLY A 13 12.17 0.79 -7.45
C GLY A 13 12.25 1.10 -5.95
N ASN A 14 12.58 0.09 -5.12
CA ASN A 14 12.76 0.30 -3.68
C ASN A 14 13.85 1.35 -3.43
N GLY A 15 15.00 1.24 -4.09
CA GLY A 15 16.10 2.21 -3.97
C GLY A 15 15.66 3.64 -4.30
N PHE A 16 14.91 3.82 -5.38
CA PHE A 16 14.35 5.12 -5.76
C PHE A 16 13.36 5.67 -4.72
N PHE A 17 12.57 4.83 -4.05
CA PHE A 17 11.67 5.30 -3.00
C PHE A 17 12.46 5.82 -1.78
N LYS A 18 13.59 5.19 -1.45
CA LYS A 18 14.44 5.60 -0.33
C LYS A 18 15.27 6.84 -0.62
N GLU A 19 15.52 7.10 -1.89
CA GLU A 19 16.05 8.37 -2.42
C GLU A 19 14.99 9.48 -2.47
N GLY A 20 13.72 9.18 -2.14
CA GLY A 20 12.58 10.11 -2.27
C GLY A 20 12.17 10.40 -3.71
N LYS A 21 12.70 9.65 -4.68
CA LYS A 21 12.43 9.73 -6.12
C LYS A 21 11.20 8.88 -6.47
N TYR A 22 10.05 9.30 -5.91
CA TYR A 22 8.81 8.53 -5.90
C TYR A 22 8.36 8.12 -7.33
N GLU A 23 8.42 9.03 -8.30
CA GLU A 23 8.10 8.76 -9.71
C GLU A 23 8.97 7.64 -10.29
N ARG A 24 10.29 7.68 -10.06
CA ARG A 24 11.24 6.65 -10.51
C ARG A 24 10.94 5.27 -9.90
N ALA A 25 10.53 5.21 -8.64
CA ALA A 25 10.04 3.99 -8.01
C ALA A 25 8.74 3.49 -8.68
N ILE A 26 7.77 4.39 -8.91
CA ILE A 26 6.53 4.08 -9.66
C ILE A 26 6.85 3.46 -11.03
N GLU A 27 7.77 4.06 -11.79
CA GLU A 27 8.15 3.55 -13.12
C GLU A 27 8.63 2.09 -13.05
N CYS A 28 9.51 1.77 -12.09
CA CYS A 28 10.05 0.42 -11.92
C CYS A 28 8.96 -0.57 -11.52
N TYR A 29 8.17 -0.27 -10.49
CA TYR A 29 7.12 -1.19 -10.03
C TYR A 29 6.08 -1.45 -11.12
N THR A 30 5.74 -0.43 -11.94
CA THR A 30 4.81 -0.56 -13.08
C THR A 30 5.24 -1.66 -14.05
N ARG A 31 6.55 -1.76 -14.33
CA ARG A 31 7.11 -2.81 -15.20
C ARG A 31 6.94 -4.19 -14.60
N GLY A 32 7.15 -4.34 -13.29
CA GLY A 32 6.99 -5.60 -12.58
C GLY A 32 5.52 -6.05 -12.48
N ILE A 33 4.60 -5.14 -12.17
CA ILE A 33 3.15 -5.42 -12.10
C ILE A 33 2.64 -5.93 -13.45
N ALA A 34 3.23 -5.46 -14.53
CA ALA A 34 2.96 -5.95 -15.89
C ALA A 34 3.64 -7.31 -16.18
N ALA A 35 4.87 -7.50 -15.69
CA ALA A 35 5.72 -8.66 -15.96
C ALA A 35 5.35 -9.93 -15.15
N ASP A 36 4.59 -9.77 -14.07
CA ASP A 36 4.10 -10.90 -13.24
C ASP A 36 2.60 -10.77 -12.91
N GLY A 37 2.21 -9.64 -12.35
CA GLY A 37 0.81 -9.25 -12.11
C GLY A 37 0.09 -10.09 -11.06
N ALA A 38 0.85 -10.84 -10.28
CA ALA A 38 0.40 -11.83 -9.32
C ALA A 38 0.99 -11.59 -7.92
N ASN A 39 2.16 -10.95 -7.83
CA ASN A 39 2.74 -10.50 -6.57
C ASN A 39 2.10 -9.20 -6.03
N ALA A 40 1.39 -9.30 -4.90
CA ALA A 40 0.79 -8.16 -4.18
C ALA A 40 1.79 -7.11 -3.63
N LEU A 41 3.09 -7.42 -3.54
CA LEU A 41 4.11 -6.53 -2.99
C LEU A 41 4.56 -5.45 -3.98
N LEU A 42 4.47 -5.75 -5.28
CA LEU A 42 4.79 -4.83 -6.36
C LEU A 42 3.89 -3.58 -6.37
N PRO A 43 2.55 -3.72 -6.46
CA PRO A 43 1.64 -2.59 -6.39
C PRO A 43 1.59 -1.99 -4.96
N ALA A 44 1.89 -2.77 -3.91
CA ALA A 44 1.97 -2.27 -2.53
C ALA A 44 3.04 -1.18 -2.34
N ASN A 45 4.19 -1.35 -2.99
CA ASN A 45 5.24 -0.34 -2.98
C ASN A 45 4.92 0.80 -3.98
N ARG A 46 4.24 0.52 -5.11
CA ARG A 46 3.80 1.55 -6.06
C ARG A 46 2.79 2.52 -5.45
N ALA A 47 1.83 2.00 -4.70
CA ALA A 47 0.82 2.79 -3.99
C ALA A 47 1.45 3.72 -2.93
N MET A 48 2.51 3.30 -2.24
CA MET A 48 3.24 4.17 -1.30
C MET A 48 3.81 5.40 -2.00
N ALA A 49 4.42 5.24 -3.18
CA ALA A 49 4.94 6.37 -3.94
C ALA A 49 3.81 7.33 -4.40
N TYR A 50 2.69 6.82 -4.93
CA TYR A 50 1.48 7.62 -5.23
C TYR A 50 0.97 8.37 -3.98
N LEU A 51 1.06 7.76 -2.79
CA LEU A 51 0.64 8.40 -1.55
C LEU A 51 1.53 9.61 -1.18
N LYS A 52 2.86 9.49 -1.35
CA LYS A 52 3.82 10.59 -1.10
C LYS A 52 3.71 11.76 -2.07
N ILE A 53 3.23 11.53 -3.30
CA ILE A 53 2.91 12.59 -4.27
C ILE A 53 1.46 13.07 -4.14
N GLN A 54 0.76 12.65 -3.09
CA GLN A 54 -0.59 13.04 -2.71
C GLN A 54 -1.66 12.67 -3.75
N LYS A 55 -1.33 11.71 -4.61
CA LYS A 55 -2.26 11.05 -5.53
C LYS A 55 -2.99 9.91 -4.83
N TYR A 56 -3.71 10.21 -3.74
CA TYR A 56 -4.37 9.18 -2.92
C TYR A 56 -5.44 8.42 -3.71
N GLU A 57 -6.04 9.08 -4.72
CA GLU A 57 -6.99 8.49 -5.66
C GLU A 57 -6.38 7.34 -6.47
N GLU A 58 -5.09 7.45 -6.81
CA GLU A 58 -4.33 6.45 -7.53
C GLU A 58 -3.68 5.42 -6.57
N ALA A 59 -3.24 5.86 -5.39
CA ALA A 59 -2.74 4.99 -4.33
C ALA A 59 -3.82 4.00 -3.83
N GLU A 60 -5.07 4.44 -3.63
CA GLU A 60 -6.21 3.53 -3.33
C GLU A 60 -6.32 2.35 -4.32
N LYS A 61 -6.13 2.60 -5.62
CA LYS A 61 -6.29 1.60 -6.70
C LYS A 61 -5.22 0.53 -6.65
N ASP A 62 -3.96 0.92 -6.49
CA ASP A 62 -2.84 -0.02 -6.38
C ASP A 62 -2.81 -0.75 -5.03
N CYS A 63 -3.33 -0.11 -3.96
CA CYS A 63 -3.58 -0.84 -2.71
C CYS A 63 -4.68 -1.89 -2.91
N THR A 64 -5.76 -1.54 -3.62
CA THR A 64 -6.82 -2.48 -3.99
C THR A 64 -6.25 -3.62 -4.85
N GLN A 65 -5.32 -3.34 -5.79
CA GLN A 65 -4.65 -4.39 -6.55
C GLN A 65 -3.93 -5.38 -5.62
N ALA A 66 -3.15 -4.93 -4.64
CA ALA A 66 -2.49 -5.83 -3.69
C ALA A 66 -3.50 -6.71 -2.90
N ILE A 67 -4.70 -6.20 -2.63
CA ILE A 67 -5.76 -6.91 -1.89
C ILE A 67 -6.53 -7.89 -2.79
N LEU A 68 -6.58 -7.64 -4.10
CA LEU A 68 -7.14 -8.58 -5.09
C LEU A 68 -6.28 -9.84 -5.25
N LEU A 69 -4.95 -9.69 -5.20
CA LEU A 69 -4.01 -10.78 -5.41
C LEU A 69 -3.85 -11.61 -4.13
N ASP A 70 -3.53 -10.93 -3.03
CA ASP A 70 -3.27 -11.59 -1.75
C ASP A 70 -4.51 -11.71 -0.85
N GLY A 71 -5.15 -10.59 -0.53
CA GLY A 71 -6.40 -10.55 0.25
C GLY A 71 -6.21 -10.68 1.77
N SER A 72 -4.95 -10.75 2.23
CA SER A 72 -4.57 -10.83 3.64
C SER A 72 -3.48 -9.82 4.07
N TYR A 73 -3.07 -8.93 3.17
CA TYR A 73 -1.90 -8.09 3.39
C TYR A 73 -2.25 -6.84 4.23
N SER A 74 -2.01 -6.91 5.54
CA SER A 74 -2.37 -5.85 6.51
C SER A 74 -1.77 -4.48 6.14
N LYS A 75 -0.56 -4.44 5.57
CA LYS A 75 0.06 -3.20 5.07
C LYS A 75 -0.68 -2.59 3.88
N ALA A 76 -1.20 -3.40 2.95
CA ALA A 76 -2.01 -2.89 1.83
C ALA A 76 -3.36 -2.32 2.31
N PHE A 77 -3.98 -2.93 3.31
CA PHE A 77 -5.21 -2.41 3.94
C PHE A 77 -4.95 -1.10 4.71
N ALA A 78 -3.86 -1.04 5.51
CA ALA A 78 -3.46 0.18 6.22
C ALA A 78 -3.14 1.33 5.25
N ARG A 79 -2.49 1.04 4.11
CA ARG A 79 -2.24 2.01 3.03
C ARG A 79 -3.52 2.42 2.30
N ARG A 80 -4.49 1.53 2.04
CA ARG A 80 -5.77 1.91 1.42
C ARG A 80 -6.61 2.78 2.37
N GLY A 81 -6.80 2.36 3.62
CA GLY A 81 -7.48 3.17 4.64
C GLY A 81 -6.83 4.56 4.79
N THR A 82 -5.49 4.64 4.86
CA THR A 82 -4.79 5.93 4.94
C THR A 82 -5.03 6.77 3.69
N ALA A 83 -4.94 6.20 2.49
CA ALA A 83 -5.24 6.91 1.24
C ALA A 83 -6.67 7.49 1.24
N ARG A 84 -7.68 6.63 1.47
CA ARG A 84 -9.09 7.00 1.58
C ARG A 84 -9.38 8.10 2.59
N THR A 85 -8.64 8.13 3.69
CA THR A 85 -8.82 9.14 4.76
C THR A 85 -8.58 10.55 4.22
N PHE A 86 -7.47 10.75 3.51
CA PHE A 86 -7.18 12.00 2.79
C PHE A 86 -8.04 12.21 1.53
N LEU A 87 -8.49 11.12 0.90
CA LEU A 87 -9.31 11.15 -0.33
C LEU A 87 -10.75 11.63 -0.06
N GLY A 88 -11.21 11.50 1.18
CA GLY A 88 -12.58 11.81 1.60
C GLY A 88 -13.50 10.59 1.71
N LYS A 89 -12.97 9.38 1.47
CA LYS A 89 -13.69 8.09 1.61
C LYS A 89 -13.60 7.55 3.03
N LEU A 90 -13.89 8.40 4.01
CA LEU A 90 -13.64 8.16 5.43
C LEU A 90 -14.42 6.95 5.97
N ASN A 91 -15.66 6.75 5.52
CA ASN A 91 -16.48 5.60 5.86
C ASN A 91 -15.93 4.28 5.32
N GLU A 92 -15.34 4.30 4.12
CA GLU A 92 -14.69 3.13 3.53
C GLU A 92 -13.32 2.85 4.19
N ALA A 93 -12.58 3.90 4.56
CA ALA A 93 -11.35 3.78 5.35
C ALA A 93 -11.59 3.16 6.74
N LYS A 94 -12.70 3.50 7.41
CA LYS A 94 -13.17 2.84 8.65
C LYS A 94 -13.21 1.31 8.50
N GLN A 95 -13.77 0.83 7.39
CA GLN A 95 -13.90 -0.59 7.09
C GLN A 95 -12.54 -1.23 6.78
N ASP A 96 -11.60 -0.50 6.15
CA ASP A 96 -10.25 -1.01 5.91
C ASP A 96 -9.46 -1.13 7.22
N PHE A 97 -9.57 -0.15 8.13
CA PHE A 97 -8.90 -0.23 9.42
C PHE A 97 -9.51 -1.33 10.31
N GLU A 98 -10.84 -1.47 10.33
CA GLU A 98 -11.53 -2.59 10.98
C GLU A 98 -11.18 -3.96 10.36
N THR A 99 -10.72 -3.99 9.09
CA THR A 99 -10.15 -5.18 8.43
C THR A 99 -8.69 -5.45 8.81
N VAL A 100 -7.86 -4.40 8.98
CA VAL A 100 -6.49 -4.57 9.53
C VAL A 100 -6.58 -5.21 10.92
N LEU A 101 -7.61 -4.89 11.71
CA LEU A 101 -7.87 -5.47 13.02
C LEU A 101 -8.29 -6.96 13.00
N LEU A 102 -8.65 -7.53 11.83
CA LEU A 102 -8.84 -8.98 11.66
C LEU A 102 -7.49 -9.68 11.45
N LEU A 103 -6.67 -9.07 10.60
CA LEU A 103 -5.36 -9.58 10.17
C LEU A 103 -4.33 -9.49 11.30
N GLU A 104 -4.35 -8.41 12.08
CA GLU A 104 -3.63 -8.23 13.35
C GLU A 104 -4.58 -7.66 14.42
N PRO A 105 -5.15 -8.50 15.31
CA PRO A 105 -5.98 -8.03 16.42
C PRO A 105 -5.22 -7.04 17.32
N GLY A 106 -5.81 -5.88 17.58
CA GLY A 106 -5.18 -4.82 18.36
C GLY A 106 -4.07 -4.03 17.63
N ASN A 107 -4.01 -4.08 16.29
CA ASN A 107 -3.05 -3.31 15.49
C ASN A 107 -3.03 -1.81 15.82
N LYS A 108 -1.82 -1.25 15.95
CA LYS A 108 -1.57 0.13 16.41
C LYS A 108 -2.23 1.14 15.48
N GLN A 109 -1.97 1.02 14.17
CA GLN A 109 -2.63 1.85 13.16
C GLN A 109 -4.14 1.58 13.13
N ALA A 110 -4.57 0.33 13.24
CA ALA A 110 -5.98 0.01 13.17
C ALA A 110 -6.80 0.56 14.35
N VAL A 111 -6.18 0.88 15.49
CA VAL A 111 -6.81 1.73 16.52
C VAL A 111 -6.65 3.21 16.18
N THR A 112 -5.41 3.68 15.98
CA THR A 112 -5.11 5.12 15.88
C THR A 112 -5.74 5.78 14.65
N GLU A 113 -5.66 5.15 13.47
CA GLU A 113 -6.21 5.70 12.23
C GLU A 113 -7.74 5.57 12.17
N LEU A 114 -8.30 4.44 12.64
CA LEU A 114 -9.73 4.28 12.88
C LEU A 114 -10.27 5.34 13.85
N SER A 115 -9.43 5.80 14.77
CA SER A 115 -9.78 6.85 15.71
C SER A 115 -9.76 8.26 15.05
N LYS A 116 -9.02 8.46 13.95
CA LYS A 116 -9.04 9.69 13.12
C LYS A 116 -10.31 9.83 12.25
N ILE A 117 -11.01 8.72 11.97
CA ILE A 117 -12.32 8.72 11.26
C ILE A 117 -13.38 9.53 12.03
N LYS A 118 -13.23 9.56 13.35
CA LYS A 118 -14.23 10.03 14.32
C LYS A 118 -14.09 11.53 14.68
N LYS A 119 -13.26 12.27 13.92
CA LYS A 119 -12.86 13.67 14.15
C LYS A 119 -13.69 14.73 13.40
N LYS A 120 -14.94 14.44 13.04
CA LYS A 120 -15.90 15.46 12.58
C LYS A 120 -16.52 16.19 13.77
N ASP B 1 2.76 -7.46 19.03
CA ASP B 1 3.14 -6.41 18.09
C ASP B 1 2.61 -6.63 16.66
N THR B 2 2.50 -5.54 15.90
CA THR B 2 1.75 -5.45 14.64
C THR B 2 2.41 -4.48 13.64
N SER B 3 1.98 -4.52 12.37
CA SER B 3 2.67 -3.92 11.21
C SER B 3 2.65 -2.38 11.14
N ARG B 4 3.60 -1.80 10.41
CA ARG B 4 3.72 -0.38 10.04
C ARG B 4 3.30 -0.15 8.57
N MET B 5 2.65 0.98 8.30
CA MET B 5 2.29 1.39 6.93
C MET B 5 3.52 1.85 6.12
N GLU B 6 4.34 2.71 6.73
CA GLU B 6 5.53 3.39 6.19
C GLU B 6 6.69 2.43 5.89
N GLU B 7 6.60 1.68 4.78
CA GLU B 7 7.66 0.84 4.24
C GLU B 7 7.58 0.75 2.70
N VAL B 8 8.70 0.46 2.05
CA VAL B 8 8.75 -0.38 0.83
C VAL B 8 9.51 -1.67 1.15
N ASP B 9 9.65 -2.58 0.18
CA ASP B 9 10.20 -3.94 0.42
C ASP B 9 11.59 -4.00 1.08
N GLY A 1 14.63 -15.74 -14.94
CA GLY A 1 13.40 -15.73 -15.74
C GLY A 1 12.28 -15.00 -15.00
N PRO A 2 11.03 -15.49 -15.06
CA PRO A 2 9.84 -14.73 -14.63
C PRO A 2 9.80 -14.32 -13.15
N HIS A 3 10.46 -15.04 -12.24
CA HIS A 3 10.59 -14.68 -10.83
C HIS A 3 11.60 -13.54 -10.65
N MET A 4 12.84 -13.73 -11.10
CA MET A 4 13.93 -12.78 -10.87
C MET A 4 13.76 -11.46 -11.65
N GLN A 5 13.08 -11.47 -12.80
CA GLN A 5 12.69 -10.26 -13.51
C GLN A 5 11.68 -9.42 -12.70
N ALA A 6 10.76 -10.07 -11.98
CA ALA A 6 9.75 -9.39 -11.16
C ALA A 6 10.32 -8.89 -9.83
N ILE A 7 11.31 -9.59 -9.27
CA ILE A 7 12.13 -9.09 -8.16
C ILE A 7 12.96 -7.88 -8.60
N SER A 8 13.66 -7.95 -9.75
CA SER A 8 14.57 -6.90 -10.20
C SER A 8 13.90 -5.52 -10.25
N GLU A 9 12.73 -5.44 -10.89
CA GLU A 9 11.98 -4.18 -11.02
C GLU A 9 11.38 -3.68 -9.69
N LYS A 10 11.21 -4.57 -8.71
CA LYS A 10 10.87 -4.19 -7.31
C LYS A 10 12.08 -3.60 -6.62
N ASP A 11 13.20 -4.32 -6.64
CA ASP A 11 14.44 -3.98 -5.94
C ASP A 11 15.02 -2.64 -6.41
N ARG A 12 14.93 -2.40 -7.72
CA ARG A 12 15.21 -1.10 -8.38
C ARG A 12 14.34 0.04 -7.87
N GLY A 13 13.02 -0.16 -7.81
CA GLY A 13 12.07 0.87 -7.37
C GLY A 13 12.16 1.16 -5.88
N ASN A 14 12.46 0.17 -5.04
CA ASN A 14 12.67 0.39 -3.61
C ASN A 14 13.79 1.41 -3.36
N GLY A 15 14.92 1.28 -4.07
CA GLY A 15 16.04 2.23 -3.96
C GLY A 15 15.63 3.66 -4.32
N PHE A 16 14.83 3.83 -5.38
CA PHE A 16 14.30 5.14 -5.77
C PHE A 16 13.34 5.70 -4.70
N PHE A 17 12.57 4.85 -4.02
CA PHE A 17 11.68 5.29 -2.94
C PHE A 17 12.50 5.83 -1.75
N LYS A 18 13.65 5.21 -1.44
CA LYS A 18 14.51 5.62 -0.32
C LYS A 18 15.32 6.88 -0.63
N GLU A 19 15.69 7.05 -1.90
CA GLU A 19 16.29 8.28 -2.44
C GLU A 19 15.27 9.43 -2.60
N GLY A 20 14.00 9.23 -2.18
CA GLY A 20 12.93 10.21 -2.21
C GLY A 20 12.34 10.48 -3.61
N LYS A 21 12.78 9.71 -4.61
CA LYS A 21 12.41 9.80 -6.03
C LYS A 21 11.20 8.92 -6.30
N TYR A 22 10.11 9.19 -5.57
CA TYR A 22 8.88 8.40 -5.58
C TYR A 22 8.34 8.15 -7.00
N GLU A 23 8.41 9.14 -7.88
CA GLU A 23 8.03 9.04 -9.30
C GLU A 23 8.78 7.92 -10.03
N ARG A 24 10.08 7.77 -9.76
CA ARG A 24 10.98 6.73 -10.32
C ARG A 24 10.74 5.34 -9.74
N ALA A 25 10.39 5.26 -8.46
CA ALA A 25 9.93 4.02 -7.84
C ALA A 25 8.65 3.51 -8.54
N ILE A 26 7.69 4.41 -8.80
CA ILE A 26 6.46 4.09 -9.54
C ILE A 26 6.76 3.52 -10.94
N GLU A 27 7.70 4.11 -11.67
CA GLU A 27 8.11 3.60 -13.00
C GLU A 27 8.57 2.13 -12.93
N CYS A 28 9.43 1.82 -11.97
CA CYS A 28 10.01 0.49 -11.80
C CYS A 28 8.94 -0.53 -11.38
N TYR A 29 8.14 -0.24 -10.35
CA TYR A 29 7.10 -1.17 -9.92
C TYR A 29 6.08 -1.44 -11.02
N THR A 30 5.74 -0.43 -11.83
CA THR A 30 4.85 -0.58 -12.99
C THR A 30 5.37 -1.65 -13.95
N ARG A 31 6.68 -1.68 -14.24
CA ARG A 31 7.28 -2.71 -15.10
C ARG A 31 7.12 -4.12 -14.54
N GLY A 32 7.27 -4.28 -13.22
CA GLY A 32 7.06 -5.55 -12.52
C GLY A 32 5.60 -5.98 -12.53
N ILE A 33 4.65 -5.09 -12.17
CA ILE A 33 3.20 -5.40 -12.16
C ILE A 33 2.76 -5.85 -13.57
N ALA A 34 3.34 -5.24 -14.60
CA ALA A 34 3.09 -5.58 -16.01
C ALA A 34 3.86 -6.83 -16.51
N ALA A 35 4.93 -7.23 -15.81
CA ALA A 35 5.71 -8.44 -16.06
C ALA A 35 5.18 -9.69 -15.32
N ASP A 36 4.45 -9.51 -14.22
CA ASP A 36 4.03 -10.58 -13.30
C ASP A 36 2.53 -10.52 -12.97
N GLY A 37 2.08 -9.43 -12.34
CA GLY A 37 0.66 -9.13 -12.10
C GLY A 37 -0.02 -9.97 -11.00
N ALA A 38 0.77 -10.70 -10.22
CA ALA A 38 0.34 -11.77 -9.30
C ALA A 38 1.02 -11.70 -7.91
N ASN A 39 2.09 -10.93 -7.76
CA ASN A 39 2.68 -10.57 -6.48
C ASN A 39 2.07 -9.28 -5.91
N ALA A 40 1.36 -9.38 -4.79
CA ALA A 40 0.72 -8.26 -4.08
C ALA A 40 1.70 -7.19 -3.55
N LEU A 41 3.00 -7.47 -3.47
CA LEU A 41 4.03 -6.57 -2.94
C LEU A 41 4.46 -5.50 -3.97
N LEU A 42 4.38 -5.83 -5.26
CA LEU A 42 4.70 -4.91 -6.35
C LEU A 42 3.81 -3.66 -6.36
N PRO A 43 2.47 -3.80 -6.44
CA PRO A 43 1.56 -2.66 -6.35
C PRO A 43 1.55 -2.06 -4.93
N ALA A 44 1.84 -2.84 -3.89
CA ALA A 44 1.89 -2.35 -2.50
C ALA A 44 2.96 -1.27 -2.29
N ASN A 45 4.13 -1.43 -2.90
CA ASN A 45 5.19 -0.43 -2.87
C ASN A 45 4.87 0.74 -3.84
N ARG A 46 4.21 0.48 -4.99
CA ARG A 46 3.75 1.53 -5.94
C ARG A 46 2.74 2.47 -5.30
N ALA A 47 1.77 1.93 -4.54
CA ALA A 47 0.80 2.70 -3.79
C ALA A 47 1.45 3.62 -2.75
N MET A 48 2.50 3.16 -2.06
CA MET A 48 3.25 4.00 -1.12
C MET A 48 3.86 5.23 -1.80
N ALA A 49 4.49 5.07 -2.97
CA ALA A 49 5.05 6.21 -3.70
C ALA A 49 3.96 7.21 -4.11
N TYR A 50 2.85 6.76 -4.72
CA TYR A 50 1.68 7.58 -5.04
C TYR A 50 1.11 8.30 -3.81
N LEU A 51 1.11 7.67 -2.63
CA LEU A 51 0.62 8.29 -1.41
C LEU A 51 1.56 9.40 -0.88
N LYS A 52 2.89 9.21 -0.98
CA LYS A 52 3.88 10.25 -0.62
C LYS A 52 3.77 11.50 -1.49
N ILE A 53 3.41 11.34 -2.76
CA ILE A 53 3.16 12.45 -3.69
C ILE A 53 1.71 12.95 -3.68
N GLN A 54 0.94 12.51 -2.66
CA GLN A 54 -0.42 12.94 -2.35
C GLN A 54 -1.43 12.64 -3.45
N LYS A 55 -1.10 11.66 -4.32
CA LYS A 55 -1.99 11.07 -5.32
C LYS A 55 -2.76 9.90 -4.72
N TYR A 56 -3.59 10.17 -3.71
CA TYR A 56 -4.28 9.15 -2.94
C TYR A 56 -5.27 8.35 -3.79
N GLU A 57 -5.80 8.97 -4.84
CA GLU A 57 -6.70 8.33 -5.80
C GLU A 57 -6.03 7.17 -6.55
N GLU A 58 -4.75 7.33 -6.92
CA GLU A 58 -3.98 6.29 -7.60
C GLU A 58 -3.40 5.27 -6.61
N ALA A 59 -3.03 5.73 -5.40
CA ALA A 59 -2.58 4.87 -4.31
C ALA A 59 -3.68 3.91 -3.83
N GLU A 60 -4.93 4.37 -3.65
CA GLU A 60 -6.08 3.49 -3.35
C GLU A 60 -6.18 2.30 -4.33
N LYS A 61 -6.06 2.53 -5.64
CA LYS A 61 -6.25 1.52 -6.70
C LYS A 61 -5.20 0.41 -6.63
N ASP A 62 -3.94 0.76 -6.44
CA ASP A 62 -2.86 -0.22 -6.27
C ASP A 62 -2.95 -0.96 -4.94
N CYS A 63 -3.51 -0.33 -3.91
CA CYS A 63 -3.78 -1.03 -2.65
C CYS A 63 -4.90 -2.07 -2.83
N THR A 64 -5.99 -1.72 -3.53
CA THR A 64 -7.01 -2.70 -3.94
C THR A 64 -6.39 -3.81 -4.78
N GLN A 65 -5.48 -3.50 -5.72
CA GLN A 65 -4.78 -4.53 -6.48
C GLN A 65 -4.07 -5.53 -5.58
N ALA A 66 -3.28 -5.08 -4.59
CA ALA A 66 -2.64 -5.99 -3.64
C ALA A 66 -3.63 -6.89 -2.86
N ILE A 67 -4.85 -6.40 -2.61
CA ILE A 67 -5.91 -7.12 -1.87
C ILE A 67 -6.67 -8.09 -2.79
N LEU A 68 -6.66 -7.87 -4.10
CA LEU A 68 -7.22 -8.79 -5.10
C LEU A 68 -6.35 -10.04 -5.29
N LEU A 69 -5.03 -9.92 -5.09
CA LEU A 69 -4.06 -11.00 -5.25
C LEU A 69 -3.89 -11.78 -3.94
N ASP A 70 -3.62 -11.06 -2.85
CA ASP A 70 -3.34 -11.69 -1.54
C ASP A 70 -4.58 -11.79 -0.63
N GLY A 71 -5.34 -10.71 -0.47
CA GLY A 71 -6.58 -10.67 0.31
C GLY A 71 -6.39 -10.62 1.82
N SER A 72 -5.14 -10.70 2.29
CA SER A 72 -4.79 -10.72 3.71
C SER A 72 -3.66 -9.78 4.11
N TYR A 73 -3.20 -8.94 3.17
CA TYR A 73 -2.02 -8.11 3.38
C TYR A 73 -2.35 -6.87 4.21
N SER A 74 -2.06 -6.94 5.51
CA SER A 74 -2.23 -5.88 6.51
C SER A 74 -1.76 -4.50 6.02
N LYS A 75 -0.55 -4.44 5.46
CA LYS A 75 0.07 -3.23 4.91
C LYS A 75 -0.75 -2.63 3.76
N ALA A 76 -1.29 -3.45 2.85
CA ALA A 76 -2.14 -2.99 1.75
C ALA A 76 -3.46 -2.37 2.27
N PHE A 77 -4.13 -3.02 3.23
CA PHE A 77 -5.37 -2.47 3.82
C PHE A 77 -5.10 -1.16 4.58
N ALA A 78 -4.02 -1.10 5.37
CA ALA A 78 -3.61 0.12 6.09
C ALA A 78 -3.30 1.29 5.14
N ARG A 79 -2.63 1.01 4.02
CA ARG A 79 -2.37 1.99 2.96
C ARG A 79 -3.65 2.41 2.25
N ARG A 80 -4.62 1.53 1.99
CA ARG A 80 -5.90 1.90 1.37
C ARG A 80 -6.74 2.78 2.31
N GLY A 81 -6.93 2.39 3.56
CA GLY A 81 -7.62 3.21 4.56
C GLY A 81 -6.99 4.59 4.69
N THR A 82 -5.65 4.67 4.78
CA THR A 82 -4.96 5.97 4.85
C THR A 82 -5.19 6.81 3.59
N ALA A 83 -5.10 6.22 2.39
CA ALA A 83 -5.36 6.90 1.12
C ALA A 83 -6.80 7.47 1.07
N ARG A 84 -7.80 6.61 1.27
CA ARG A 84 -9.24 6.95 1.32
C ARG A 84 -9.58 8.06 2.31
N THR A 85 -8.88 8.12 3.43
CA THR A 85 -9.11 9.13 4.48
C THR A 85 -8.88 10.54 3.93
N PHE A 86 -7.77 10.75 3.24
CA PHE A 86 -7.47 12.00 2.52
C PHE A 86 -8.27 12.18 1.22
N LEU A 87 -8.71 11.08 0.60
CA LEU A 87 -9.47 11.07 -0.65
C LEU A 87 -10.92 11.53 -0.46
N GLY A 88 -11.46 11.38 0.75
CA GLY A 88 -12.89 11.63 1.03
C GLY A 88 -13.77 10.38 0.85
N LYS A 89 -13.20 9.20 1.13
CA LYS A 89 -13.91 7.92 1.31
C LYS A 89 -13.81 7.42 2.76
N LEU A 90 -14.11 8.31 3.70
CA LEU A 90 -13.84 8.14 5.12
C LEU A 90 -14.54 6.92 5.76
N ASN A 91 -15.79 6.65 5.37
CA ASN A 91 -16.54 5.48 5.81
C ASN A 91 -16.01 4.16 5.23
N GLU A 92 -15.51 4.17 3.99
CA GLU A 92 -14.84 2.99 3.41
C GLU A 92 -13.45 2.76 4.03
N ALA A 93 -12.74 3.84 4.40
CA ALA A 93 -11.50 3.77 5.17
C ALA A 93 -11.70 3.21 6.58
N LYS A 94 -12.78 3.58 7.29
CA LYS A 94 -13.19 2.96 8.56
C LYS A 94 -13.26 1.44 8.46
N GLN A 95 -13.85 0.93 7.37
CA GLN A 95 -13.99 -0.51 7.10
C GLN A 95 -12.65 -1.17 6.73
N ASP A 96 -11.70 -0.43 6.12
CA ASP A 96 -10.36 -0.92 5.84
C ASP A 96 -9.52 -1.03 7.13
N PHE A 97 -9.59 -0.03 8.01
CA PHE A 97 -8.89 -0.08 9.30
C PHE A 97 -9.45 -1.18 10.21
N GLU A 98 -10.78 -1.32 10.26
CA GLU A 98 -11.42 -2.46 10.92
C GLU A 98 -11.06 -3.83 10.31
N THR A 99 -10.66 -3.89 9.03
CA THR A 99 -10.11 -5.10 8.39
C THR A 99 -8.65 -5.36 8.79
N VAL A 100 -7.80 -4.32 8.93
CA VAL A 100 -6.44 -4.49 9.48
C VAL A 100 -6.51 -5.12 10.88
N LEU A 101 -7.53 -4.78 11.66
CA LEU A 101 -7.78 -5.36 12.99
C LEU A 101 -8.28 -6.83 12.96
N LEU A 102 -8.73 -7.36 11.81
CA LEU A 102 -8.95 -8.81 11.62
C LEU A 102 -7.63 -9.56 11.37
N LEU A 103 -6.69 -8.90 10.68
CA LEU A 103 -5.43 -9.46 10.20
C LEU A 103 -4.31 -9.41 11.27
N GLU A 104 -4.24 -8.34 12.06
CA GLU A 104 -3.49 -8.27 13.32
C GLU A 104 -4.35 -7.60 14.41
N PRO A 105 -5.07 -8.38 15.24
CA PRO A 105 -5.85 -7.85 16.36
C PRO A 105 -4.97 -7.01 17.32
N GLY A 106 -5.34 -5.74 17.48
CA GLY A 106 -4.55 -4.75 18.24
C GLY A 106 -3.52 -3.94 17.43
N ASN A 107 -3.53 -3.98 16.09
CA ASN A 107 -2.64 -3.19 15.25
C ASN A 107 -2.63 -1.68 15.55
N LYS A 108 -1.42 -1.13 15.65
CA LYS A 108 -1.14 0.23 16.12
C LYS A 108 -1.78 1.30 15.23
N GLN A 109 -1.65 1.16 13.91
CA GLN A 109 -2.36 1.99 12.95
C GLN A 109 -3.86 1.72 12.98
N ALA A 110 -4.29 0.46 13.06
CA ALA A 110 -5.72 0.16 13.02
C ALA A 110 -6.51 0.68 14.23
N VAL A 111 -5.85 0.94 15.36
CA VAL A 111 -6.43 1.75 16.45
C VAL A 111 -6.27 3.24 16.14
N THR A 112 -5.04 3.71 15.90
CA THR A 112 -4.74 5.15 15.83
C THR A 112 -5.48 5.84 14.68
N GLU A 113 -5.46 5.27 13.49
CA GLU A 113 -6.00 5.86 12.27
C GLU A 113 -7.54 5.77 12.23
N LEU A 114 -8.11 4.67 12.72
CA LEU A 114 -9.55 4.53 13.00
C LEU A 114 -10.01 5.58 14.02
N SER A 115 -9.13 5.93 14.97
CA SER A 115 -9.43 6.93 16.00
C SER A 115 -9.40 8.37 15.49
N LYS A 116 -8.72 8.64 14.35
CA LYS A 116 -8.76 9.93 13.63
C LYS A 116 -10.09 10.14 12.89
N ILE A 117 -10.79 9.06 12.52
CA ILE A 117 -12.09 9.13 11.83
C ILE A 117 -13.10 9.89 12.70
N LYS A 118 -13.15 9.51 13.99
CA LYS A 118 -14.18 9.85 14.99
C LYS A 118 -13.96 11.24 15.63
N LYS A 119 -13.47 12.19 14.83
CA LYS A 119 -13.18 13.59 15.17
C LYS A 119 -14.01 14.59 14.35
N LYS A 120 -15.23 14.18 13.95
CA LYS A 120 -16.22 15.02 13.26
C LYS A 120 -17.05 15.83 14.26
N ASP B 1 3.00 -6.83 18.85
CA ASP B 1 3.41 -5.81 17.90
C ASP B 1 2.95 -6.18 16.48
N THR B 2 2.88 -5.19 15.58
CA THR B 2 2.28 -5.35 14.25
C THR B 2 3.04 -4.61 13.15
N SER B 3 2.65 -4.88 11.92
CA SER B 3 3.04 -4.13 10.72
C SER B 3 2.79 -2.61 10.83
N ARG B 4 3.58 -1.85 10.08
CA ARG B 4 3.51 -0.38 9.91
C ARG B 4 3.13 -0.07 8.46
N MET B 5 2.38 1.00 8.22
CA MET B 5 1.96 1.39 6.86
C MET B 5 3.15 1.79 5.98
N GLU B 6 3.90 2.81 6.39
CA GLU B 6 4.90 3.50 5.55
C GLU B 6 6.20 2.71 5.45
N GLU B 7 6.23 1.75 4.52
CA GLU B 7 7.34 0.82 4.30
C GLU B 7 7.38 0.40 2.82
N VAL B 8 8.55 0.03 2.28
CA VAL B 8 8.69 -0.68 0.99
C VAL B 8 9.51 -1.97 1.18
N ASP B 9 9.63 -2.79 0.12
CA ASP B 9 10.37 -4.06 0.18
C ASP B 9 11.86 -3.91 0.57
N GLY A 1 15.53 -16.56 -14.05
CA GLY A 1 14.14 -17.05 -13.87
C GLY A 1 13.16 -15.89 -13.89
N PRO A 2 11.92 -16.06 -14.38
CA PRO A 2 10.98 -14.95 -14.56
C PRO A 2 10.60 -14.21 -13.26
N HIS A 3 10.69 -14.83 -12.08
CA HIS A 3 10.51 -14.08 -10.83
C HIS A 3 11.69 -13.12 -10.55
N MET A 4 12.91 -13.43 -10.99
CA MET A 4 14.08 -12.56 -10.84
C MET A 4 13.97 -11.29 -11.69
N GLN A 5 13.24 -11.31 -12.81
CA GLN A 5 12.85 -10.11 -13.56
C GLN A 5 11.93 -9.21 -12.72
N ALA A 6 11.00 -9.80 -11.96
CA ALA A 6 10.07 -9.04 -11.14
C ALA A 6 10.73 -8.50 -9.87
N ILE A 7 11.62 -9.30 -9.26
CA ILE A 7 12.50 -8.86 -8.17
C ILE A 7 13.40 -7.71 -8.61
N SER A 8 14.02 -7.76 -9.79
CA SER A 8 14.90 -6.68 -10.26
C SER A 8 14.19 -5.33 -10.25
N GLU A 9 13.02 -5.23 -10.90
CA GLU A 9 12.32 -3.94 -10.97
C GLU A 9 11.71 -3.55 -9.61
N LYS A 10 11.43 -4.52 -8.72
CA LYS A 10 11.07 -4.25 -7.31
C LYS A 10 12.25 -3.66 -6.54
N ASP A 11 13.40 -4.33 -6.53
CA ASP A 11 14.65 -3.89 -5.90
C ASP A 11 15.10 -2.48 -6.35
N ARG A 12 14.99 -2.26 -7.67
CA ARG A 12 15.29 -0.99 -8.35
C ARG A 12 14.34 0.13 -7.90
N GLY A 13 13.03 -0.12 -7.91
CA GLY A 13 12.04 0.85 -7.44
C GLY A 13 12.13 1.12 -5.94
N ASN A 14 12.46 0.09 -5.14
CA ASN A 14 12.69 0.27 -3.70
C ASN A 14 13.80 1.30 -3.47
N GLY A 15 14.93 1.16 -4.17
CA GLY A 15 16.07 2.07 -4.03
C GLY A 15 15.71 3.52 -4.37
N PHE A 16 14.93 3.74 -5.43
CA PHE A 16 14.45 5.07 -5.78
C PHE A 16 13.45 5.63 -4.75
N PHE A 17 12.62 4.78 -4.13
CA PHE A 17 11.69 5.22 -3.09
C PHE A 17 12.45 5.68 -1.84
N LYS A 18 13.57 5.01 -1.50
CA LYS A 18 14.42 5.39 -0.36
C LYS A 18 15.22 6.66 -0.64
N GLU A 19 15.51 6.92 -1.90
CA GLU A 19 16.18 8.14 -2.38
C GLU A 19 15.18 9.29 -2.65
N GLY A 20 13.90 9.08 -2.31
CA GLY A 20 12.80 10.04 -2.45
C GLY A 20 12.37 10.33 -3.90
N LYS A 21 12.91 9.59 -4.87
CA LYS A 21 12.54 9.63 -6.28
C LYS A 21 11.27 8.77 -6.50
N TYR A 22 10.15 9.25 -5.97
CA TYR A 22 8.91 8.48 -5.87
C TYR A 22 8.38 8.05 -7.26
N GLU A 23 8.35 8.95 -8.25
CA GLU A 23 7.96 8.62 -9.62
C GLU A 23 8.84 7.52 -10.21
N ARG A 24 10.17 7.62 -10.07
CA ARG A 24 11.11 6.58 -10.54
C ARG A 24 10.82 5.21 -9.91
N ALA A 25 10.44 5.17 -8.63
CA ALA A 25 9.94 3.95 -7.99
C ALA A 25 8.65 3.45 -8.63
N ILE A 26 7.66 4.33 -8.86
CA ILE A 26 6.40 4.00 -9.57
C ILE A 26 6.69 3.38 -10.95
N GLU A 27 7.61 3.95 -11.73
CA GLU A 27 7.98 3.41 -13.05
C GLU A 27 8.50 1.96 -12.95
N CYS A 28 9.42 1.70 -12.01
CA CYS A 28 10.00 0.36 -11.82
C CYS A 28 8.96 -0.66 -11.34
N TYR A 29 8.14 -0.32 -10.34
CA TYR A 29 7.08 -1.22 -9.88
C TYR A 29 6.02 -1.46 -10.97
N THR A 30 5.71 -0.45 -11.79
CA THR A 30 4.81 -0.61 -12.95
C THR A 30 5.33 -1.65 -13.91
N ARG A 31 6.64 -1.68 -14.20
CA ARG A 31 7.26 -2.75 -15.01
C ARG A 31 7.02 -4.13 -14.40
N GLY A 32 7.16 -4.29 -13.08
CA GLY A 32 6.87 -5.54 -12.38
C GLY A 32 5.40 -5.94 -12.48
N ILE A 33 4.46 -5.04 -12.16
CA ILE A 33 3.01 -5.29 -12.20
C ILE A 33 2.56 -5.66 -13.63
N ALA A 34 3.24 -5.10 -14.62
CA ALA A 34 3.00 -5.37 -16.05
C ALA A 34 3.69 -6.64 -16.59
N ALA A 35 4.79 -7.07 -15.95
CA ALA A 35 5.58 -8.27 -16.27
C ALA A 35 5.06 -9.53 -15.56
N ASP A 36 4.47 -9.35 -14.37
CA ASP A 36 3.89 -10.38 -13.51
C ASP A 36 2.42 -10.06 -13.20
N GLY A 37 2.15 -9.13 -12.28
CA GLY A 37 0.80 -8.65 -11.95
C GLY A 37 0.02 -9.53 -10.97
N ALA A 38 0.69 -10.51 -10.35
CA ALA A 38 0.13 -11.51 -9.45
C ALA A 38 0.77 -11.50 -8.05
N ASN A 39 1.96 -10.90 -7.89
CA ASN A 39 2.55 -10.63 -6.58
C ASN A 39 1.92 -9.38 -5.92
N ALA A 40 1.27 -9.55 -4.76
CA ALA A 40 0.68 -8.46 -3.99
C ALA A 40 1.65 -7.36 -3.51
N LEU A 41 2.97 -7.61 -3.48
CA LEU A 41 4.00 -6.69 -2.96
C LEU A 41 4.41 -5.63 -3.99
N LEU A 42 4.34 -5.95 -5.28
CA LEU A 42 4.67 -5.02 -6.36
C LEU A 42 3.80 -3.74 -6.34
N PRO A 43 2.46 -3.86 -6.43
CA PRO A 43 1.57 -2.71 -6.32
C PRO A 43 1.57 -2.13 -4.90
N ALA A 44 1.81 -2.95 -3.87
CA ALA A 44 1.89 -2.45 -2.47
C ALA A 44 2.99 -1.39 -2.28
N ASN A 45 4.13 -1.56 -2.94
CA ASN A 45 5.19 -0.56 -2.94
C ASN A 45 4.85 0.62 -3.89
N ARG A 46 4.19 0.37 -5.04
CA ARG A 46 3.75 1.42 -5.98
C ARG A 46 2.76 2.40 -5.33
N ALA A 47 1.80 1.88 -4.56
CA ALA A 47 0.84 2.66 -3.80
C ALA A 47 1.50 3.62 -2.81
N MET A 48 2.57 3.20 -2.12
CA MET A 48 3.30 4.06 -1.19
C MET A 48 3.87 5.28 -1.89
N ALA A 49 4.49 5.13 -3.07
CA ALA A 49 5.02 6.27 -3.81
C ALA A 49 3.91 7.24 -4.27
N TYR A 50 2.79 6.74 -4.82
CA TYR A 50 1.60 7.55 -5.13
C TYR A 50 1.07 8.31 -3.90
N LEU A 51 1.12 7.70 -2.71
CA LEU A 51 0.70 8.35 -1.47
C LEU A 51 1.68 9.46 -1.03
N LYS A 52 3.00 9.29 -1.26
CA LYS A 52 4.01 10.33 -0.98
C LYS A 52 3.91 11.53 -1.92
N ILE A 53 3.51 11.34 -3.18
CA ILE A 53 3.21 12.43 -4.13
C ILE A 53 1.77 12.93 -4.00
N GLN A 54 1.03 12.45 -2.99
CA GLN A 54 -0.28 12.93 -2.57
C GLN A 54 -1.38 12.68 -3.63
N LYS A 55 -1.13 11.70 -4.50
CA LYS A 55 -2.08 11.14 -5.48
C LYS A 55 -2.85 9.96 -4.86
N TYR A 56 -3.64 10.23 -3.82
CA TYR A 56 -4.32 9.19 -3.04
C TYR A 56 -5.35 8.39 -3.84
N GLU A 57 -5.95 9.02 -4.84
CA GLU A 57 -6.88 8.38 -5.78
C GLU A 57 -6.24 7.26 -6.59
N GLU A 58 -4.93 7.38 -6.88
CA GLU A 58 -4.12 6.35 -7.54
C GLU A 58 -3.53 5.35 -6.53
N ALA A 59 -3.13 5.83 -5.34
CA ALA A 59 -2.62 4.96 -4.27
C ALA A 59 -3.68 3.96 -3.77
N GLU A 60 -4.95 4.40 -3.60
CA GLU A 60 -6.09 3.51 -3.35
C GLU A 60 -6.15 2.32 -4.33
N LYS A 61 -5.99 2.55 -5.64
CA LYS A 61 -6.13 1.52 -6.69
C LYS A 61 -5.13 0.40 -6.53
N ASP A 62 -3.85 0.75 -6.34
CA ASP A 62 -2.79 -0.24 -6.17
C ASP A 62 -2.87 -0.96 -4.83
N CYS A 63 -3.41 -0.31 -3.80
CA CYS A 63 -3.68 -0.99 -2.55
C CYS A 63 -4.80 -2.02 -2.70
N THR A 64 -5.89 -1.66 -3.39
CA THR A 64 -6.94 -2.62 -3.77
C THR A 64 -6.36 -3.75 -4.61
N GLN A 65 -5.45 -3.48 -5.55
CA GLN A 65 -4.81 -4.53 -6.33
C GLN A 65 -4.07 -5.54 -5.43
N ALA A 66 -3.26 -5.08 -4.48
CA ALA A 66 -2.59 -5.98 -3.55
C ALA A 66 -3.56 -6.85 -2.71
N ILE A 67 -4.78 -6.37 -2.46
CA ILE A 67 -5.84 -7.08 -1.72
C ILE A 67 -6.60 -8.06 -2.63
N LEU A 68 -6.64 -7.81 -3.95
CA LEU A 68 -7.20 -8.73 -4.94
C LEU A 68 -6.32 -9.97 -5.16
N LEU A 69 -5.01 -9.86 -4.91
CA LEU A 69 -4.05 -10.94 -5.09
C LEU A 69 -3.90 -11.74 -3.80
N ASP A 70 -3.61 -11.06 -2.69
CA ASP A 70 -3.43 -11.75 -1.39
C ASP A 70 -4.71 -11.81 -0.53
N GLY A 71 -5.39 -10.69 -0.32
CA GLY A 71 -6.62 -10.60 0.47
C GLY A 71 -6.42 -10.59 1.99
N SER A 72 -5.17 -10.69 2.45
CA SER A 72 -4.81 -10.77 3.87
C SER A 72 -3.61 -9.90 4.25
N TYR A 73 -3.19 -9.01 3.36
CA TYR A 73 -1.99 -8.18 3.56
C TYR A 73 -2.30 -6.93 4.38
N SER A 74 -1.98 -6.94 5.68
CA SER A 74 -2.28 -5.84 6.61
C SER A 74 -1.67 -4.50 6.17
N LYS A 75 -0.46 -4.52 5.59
CA LYS A 75 0.19 -3.34 4.99
C LYS A 75 -0.64 -2.72 3.86
N ALA A 76 -1.20 -3.53 2.95
CA ALA A 76 -2.04 -3.04 1.85
C ALA A 76 -3.35 -2.40 2.36
N PHE A 77 -4.03 -3.01 3.33
CA PHE A 77 -5.25 -2.44 3.91
C PHE A 77 -4.98 -1.14 4.67
N ALA A 78 -3.91 -1.07 5.47
CA ALA A 78 -3.49 0.15 6.18
C ALA A 78 -3.17 1.30 5.21
N ARG A 79 -2.50 1.00 4.08
CA ARG A 79 -2.25 1.97 3.02
C ARG A 79 -3.52 2.42 2.31
N ARG A 80 -4.51 1.54 2.07
CA ARG A 80 -5.79 1.94 1.45
C ARG A 80 -6.63 2.82 2.36
N GLY A 81 -6.84 2.41 3.62
CA GLY A 81 -7.57 3.21 4.61
C GLY A 81 -6.93 4.59 4.78
N THR A 82 -5.59 4.67 4.83
CA THR A 82 -4.89 5.97 4.88
C THR A 82 -5.18 6.80 3.64
N ALA A 83 -5.01 6.25 2.42
CA ALA A 83 -5.27 6.96 1.16
C ALA A 83 -6.70 7.56 1.11
N ARG A 84 -7.72 6.72 1.37
CA ARG A 84 -9.14 7.11 1.45
C ARG A 84 -9.46 8.23 2.43
N THR A 85 -8.71 8.30 3.52
CA THR A 85 -8.91 9.30 4.59
C THR A 85 -8.58 10.73 4.13
N PHE A 86 -7.52 10.87 3.32
CA PHE A 86 -7.21 12.10 2.58
C PHE A 86 -8.17 12.34 1.40
N LEU A 87 -8.66 11.26 0.78
CA LEU A 87 -9.48 11.29 -0.43
C LEU A 87 -10.94 11.72 -0.15
N GLY A 88 -11.41 11.52 1.09
CA GLY A 88 -12.78 11.81 1.52
C GLY A 88 -13.72 10.59 1.48
N LYS A 89 -13.17 9.38 1.31
CA LYS A 89 -13.90 8.10 1.38
C LYS A 89 -13.86 7.51 2.79
N LEU A 90 -14.22 8.34 3.78
CA LEU A 90 -13.96 8.08 5.20
C LEU A 90 -14.66 6.80 5.73
N ASN A 91 -15.90 6.54 5.30
CA ASN A 91 -16.61 5.29 5.59
C ASN A 91 -15.89 4.06 4.99
N GLU A 92 -15.36 4.16 3.76
CA GLU A 92 -14.63 3.05 3.13
C GLU A 92 -13.28 2.81 3.82
N ALA A 93 -12.64 3.86 4.36
CA ALA A 93 -11.44 3.76 5.19
C ALA A 93 -11.71 3.15 6.57
N LYS A 94 -12.85 3.46 7.23
CA LYS A 94 -13.31 2.75 8.44
C LYS A 94 -13.32 1.24 8.23
N GLN A 95 -13.87 0.78 7.11
CA GLN A 95 -13.95 -0.65 6.75
C GLN A 95 -12.57 -1.28 6.50
N ASP A 96 -11.61 -0.51 5.99
CA ASP A 96 -10.24 -0.96 5.76
C ASP A 96 -9.46 -1.07 7.08
N PHE A 97 -9.53 -0.07 7.96
CA PHE A 97 -8.88 -0.14 9.27
C PHE A 97 -9.49 -1.23 10.15
N GLU A 98 -10.82 -1.39 10.13
CA GLU A 98 -11.51 -2.51 10.76
C GLU A 98 -11.06 -3.87 10.22
N THR A 99 -10.65 -3.96 8.94
CA THR A 99 -10.06 -5.17 8.34
C THR A 99 -8.63 -5.42 8.80
N VAL A 100 -7.79 -4.38 8.94
CA VAL A 100 -6.45 -4.53 9.53
C VAL A 100 -6.56 -5.11 10.95
N LEU A 101 -7.60 -4.72 11.70
CA LEU A 101 -7.90 -5.23 13.04
C LEU A 101 -8.47 -6.68 13.08
N LEU A 102 -8.73 -7.31 11.92
CA LEU A 102 -8.90 -8.78 11.81
C LEU A 102 -7.54 -9.48 11.66
N LEU A 103 -6.66 -8.89 10.83
CA LEU A 103 -5.40 -9.47 10.37
C LEU A 103 -4.28 -9.37 11.42
N GLU A 104 -4.27 -8.30 12.23
CA GLU A 104 -3.44 -8.11 13.43
C GLU A 104 -4.35 -7.55 14.55
N PRO A 105 -5.00 -8.39 15.37
CA PRO A 105 -5.97 -7.97 16.39
C PRO A 105 -5.35 -7.12 17.53
N GLY A 106 -5.37 -5.81 17.33
CA GLY A 106 -4.71 -4.81 18.17
C GLY A 106 -3.73 -3.87 17.42
N ASN A 107 -3.66 -3.94 16.09
CA ASN A 107 -2.75 -3.15 15.27
C ASN A 107 -2.76 -1.64 15.57
N LYS A 108 -1.58 -1.07 15.70
CA LYS A 108 -1.34 0.28 16.23
C LYS A 108 -1.95 1.37 15.35
N GLN A 109 -1.78 1.23 14.03
CA GLN A 109 -2.49 2.06 13.05
C GLN A 109 -3.99 1.76 13.06
N ALA A 110 -4.40 0.50 13.09
CA ALA A 110 -5.82 0.15 13.00
C ALA A 110 -6.66 0.59 14.20
N VAL A 111 -6.06 0.84 15.36
CA VAL A 111 -6.70 1.58 16.47
C VAL A 111 -6.58 3.09 16.25
N THR A 112 -5.36 3.60 16.02
CA THR A 112 -5.11 5.05 15.97
C THR A 112 -5.85 5.75 14.82
N GLU A 113 -5.74 5.23 13.60
CA GLU A 113 -6.35 5.85 12.41
C GLU A 113 -7.88 5.72 12.42
N LEU A 114 -8.40 4.56 12.86
CA LEU A 114 -9.82 4.34 13.12
C LEU A 114 -10.36 5.28 14.21
N SER A 115 -9.51 5.66 15.17
CA SER A 115 -9.83 6.64 16.21
C SER A 115 -9.86 8.07 15.65
N LYS A 116 -9.01 8.39 14.67
CA LYS A 116 -8.96 9.71 14.00
C LYS A 116 -10.23 9.97 13.20
N ILE A 117 -10.88 8.94 12.67
CA ILE A 117 -12.20 9.05 11.98
C ILE A 117 -13.20 9.83 12.85
N LYS A 118 -13.20 9.54 14.16
CA LYS A 118 -14.11 10.07 15.18
C LYS A 118 -13.53 11.24 15.99
N LYS A 119 -12.30 11.69 15.68
CA LYS A 119 -11.53 12.72 16.41
C LYS A 119 -11.55 12.53 17.94
N LYS A 120 -11.25 11.32 18.40
CA LYS A 120 -11.19 10.92 19.83
C LYS A 120 -10.00 11.51 20.57
N ASP B 1 4.05 -7.50 17.84
CA ASP B 1 4.02 -6.18 17.21
C ASP B 1 3.55 -6.26 15.75
N THR B 2 2.93 -5.18 15.28
CA THR B 2 2.08 -5.17 14.08
C THR B 2 2.67 -4.33 12.95
N SER B 3 2.15 -4.54 11.75
CA SER B 3 2.70 -4.03 10.50
C SER B 3 2.57 -2.52 10.37
N ARG B 4 3.65 -1.86 9.97
CA ARG B 4 3.81 -0.40 9.79
C ARG B 4 3.45 -0.05 8.34
N MET B 5 2.74 1.05 8.12
CA MET B 5 2.30 1.43 6.77
C MET B 5 3.48 1.87 5.88
N GLU B 6 4.37 2.75 6.36
CA GLU B 6 5.28 3.55 5.54
C GLU B 6 6.59 2.82 5.16
N GLU B 7 6.49 1.85 4.25
CA GLU B 7 7.56 0.89 3.98
C GLU B 7 7.51 0.36 2.53
N VAL B 8 8.66 -0.08 1.99
CA VAL B 8 8.78 -0.87 0.75
C VAL B 8 9.59 -2.15 0.99
N ASP B 9 9.71 -3.03 -0.01
CA ASP B 9 10.22 -4.41 0.12
C ASP B 9 11.59 -4.57 0.81
N GLY A 1 13.73 -17.11 -12.95
CA GLY A 1 12.71 -16.91 -13.99
C GLY A 1 11.74 -15.81 -13.59
N PRO A 2 10.42 -15.98 -13.82
CA PRO A 2 9.44 -14.89 -13.72
C PRO A 2 9.39 -14.12 -12.39
N HIS A 3 9.54 -14.79 -11.24
CA HIS A 3 9.61 -14.09 -9.94
C HIS A 3 10.92 -13.30 -9.80
N MET A 4 12.08 -13.89 -10.17
CA MET A 4 13.38 -13.19 -10.16
C MET A 4 13.42 -11.98 -11.10
N GLN A 5 12.76 -12.06 -12.26
CA GLN A 5 12.61 -10.94 -13.19
C GLN A 5 11.80 -9.78 -12.58
N ALA A 6 10.85 -10.09 -11.68
CA ALA A 6 10.05 -9.11 -10.98
C ALA A 6 10.76 -8.54 -9.74
N ILE A 7 11.58 -9.34 -9.05
CA ILE A 7 12.42 -8.90 -7.94
C ILE A 7 13.35 -7.76 -8.37
N SER A 8 13.99 -7.83 -9.54
CA SER A 8 14.90 -6.76 -9.98
C SER A 8 14.21 -5.39 -10.00
N GLU A 9 13.06 -5.25 -10.66
CA GLU A 9 12.36 -3.96 -10.73
C GLU A 9 11.75 -3.55 -9.37
N LYS A 10 11.45 -4.51 -8.49
CA LYS A 10 11.06 -4.25 -7.10
C LYS A 10 12.22 -3.66 -6.31
N ASP A 11 13.38 -4.33 -6.29
CA ASP A 11 14.62 -3.88 -5.67
C ASP A 11 15.05 -2.48 -6.15
N ARG A 12 15.01 -2.27 -7.47
CA ARG A 12 15.27 -0.97 -8.12
C ARG A 12 14.32 0.14 -7.63
N GLY A 13 13.01 -0.11 -7.64
CA GLY A 13 12.02 0.87 -7.20
C GLY A 13 12.12 1.17 -5.70
N ASN A 14 12.44 0.15 -4.87
CA ASN A 14 12.62 0.35 -3.44
C ASN A 14 13.71 1.40 -3.18
N GLY A 15 14.85 1.33 -3.88
CA GLY A 15 15.94 2.30 -3.73
C GLY A 15 15.53 3.72 -4.11
N PHE A 16 14.82 3.89 -5.24
CA PHE A 16 14.29 5.20 -5.64
C PHE A 16 13.29 5.77 -4.61
N PHE A 17 12.50 4.92 -3.96
CA PHE A 17 11.56 5.33 -2.92
C PHE A 17 12.31 5.83 -1.67
N LYS A 18 13.46 5.21 -1.33
CA LYS A 18 14.25 5.60 -0.15
C LYS A 18 15.03 6.90 -0.40
N GLU A 19 15.51 7.11 -1.62
CA GLU A 19 16.21 8.34 -2.04
C GLU A 19 15.24 9.52 -2.29
N GLY A 20 13.95 9.34 -2.01
CA GLY A 20 12.89 10.35 -2.12
C GLY A 20 12.34 10.54 -3.53
N LYS A 21 12.92 9.87 -4.53
CA LYS A 21 12.46 9.83 -5.93
C LYS A 21 11.28 8.85 -6.09
N TYR A 22 10.20 9.06 -5.33
CA TYR A 22 8.97 8.26 -5.34
C TYR A 22 8.45 8.01 -6.76
N GLU A 23 8.45 9.03 -7.60
CA GLU A 23 8.04 8.97 -9.01
C GLU A 23 8.85 7.93 -9.81
N ARG A 24 10.17 7.86 -9.58
CA ARG A 24 11.08 6.85 -10.19
C ARG A 24 10.85 5.43 -9.70
N ALA A 25 10.40 5.25 -8.46
CA ALA A 25 9.94 3.97 -7.94
C ALA A 25 8.65 3.49 -8.62
N ILE A 26 7.68 4.39 -8.84
CA ILE A 26 6.41 4.07 -9.56
C ILE A 26 6.70 3.45 -10.93
N GLU A 27 7.65 4.00 -11.68
CA GLU A 27 8.06 3.46 -13.00
C GLU A 27 8.54 2.00 -12.89
N CYS A 28 9.45 1.74 -11.94
CA CYS A 28 10.02 0.41 -11.73
C CYS A 28 8.96 -0.62 -11.34
N TYR A 29 8.11 -0.30 -10.36
CA TYR A 29 7.03 -1.21 -9.95
C TYR A 29 6.02 -1.42 -11.08
N THR A 30 5.73 -0.38 -11.89
CA THR A 30 4.87 -0.52 -13.08
C THR A 30 5.41 -1.57 -14.04
N ARG A 31 6.73 -1.61 -14.29
CA ARG A 31 7.34 -2.65 -15.15
C ARG A 31 7.09 -4.05 -14.60
N GLY A 32 7.21 -4.24 -13.28
CA GLY A 32 6.93 -5.51 -12.61
C GLY A 32 5.46 -5.92 -12.66
N ILE A 33 4.53 -5.02 -12.32
CA ILE A 33 3.08 -5.29 -12.32
C ILE A 33 2.62 -5.69 -13.73
N ALA A 34 3.24 -5.09 -14.75
CA ALA A 34 3.02 -5.43 -16.15
C ALA A 34 3.70 -6.75 -16.60
N ALA A 35 4.86 -7.08 -16.02
CA ALA A 35 5.63 -8.29 -16.32
C ALA A 35 5.11 -9.58 -15.62
N ASP A 36 4.38 -9.39 -14.52
CA ASP A 36 3.78 -10.44 -13.70
C ASP A 36 2.26 -10.21 -13.54
N GLY A 37 1.85 -9.36 -12.60
CA GLY A 37 0.47 -8.97 -12.35
C GLY A 37 -0.25 -9.76 -11.24
N ALA A 38 0.45 -10.58 -10.47
CA ALA A 38 -0.09 -11.48 -9.43
C ALA A 38 0.59 -11.35 -8.05
N ASN A 39 1.81 -10.82 -7.98
CA ASN A 39 2.47 -10.49 -6.71
C ASN A 39 1.89 -9.21 -6.10
N ALA A 40 1.17 -9.34 -4.98
CA ALA A 40 0.56 -8.21 -4.26
C ALA A 40 1.55 -7.14 -3.77
N LEU A 41 2.83 -7.48 -3.65
CA LEU A 41 3.90 -6.60 -3.14
C LEU A 41 4.33 -5.52 -4.15
N LEU A 42 4.24 -5.83 -5.43
CA LEU A 42 4.56 -4.91 -6.50
C LEU A 42 3.67 -3.64 -6.51
N PRO A 43 2.33 -3.76 -6.59
CA PRO A 43 1.44 -2.63 -6.48
C PRO A 43 1.43 -2.07 -5.05
N ALA A 44 1.72 -2.87 -4.01
CA ALA A 44 1.79 -2.39 -2.62
C ALA A 44 2.87 -1.31 -2.42
N ASN A 45 4.06 -1.51 -2.99
CA ASN A 45 5.12 -0.51 -2.96
C ASN A 45 4.80 0.67 -3.92
N ARG A 46 4.15 0.41 -5.07
CA ARG A 46 3.71 1.47 -6.01
C ARG A 46 2.69 2.42 -5.38
N ALA A 47 1.72 1.87 -4.64
CA ALA A 47 0.73 2.64 -3.91
C ALA A 47 1.36 3.53 -2.84
N MET A 48 2.38 3.05 -2.11
CA MET A 48 3.15 3.89 -1.19
C MET A 48 3.76 5.09 -1.91
N ALA A 49 4.39 4.90 -3.08
CA ALA A 49 4.97 6.01 -3.83
C ALA A 49 3.92 7.03 -4.29
N TYR A 50 2.78 6.61 -4.87
CA TYR A 50 1.63 7.48 -5.16
C TYR A 50 1.13 8.23 -3.91
N LEU A 51 1.14 7.59 -2.75
CA LEU A 51 0.70 8.20 -1.50
C LEU A 51 1.69 9.26 -0.97
N LYS A 52 3.00 9.07 -1.17
CA LYS A 52 4.04 10.07 -0.86
C LYS A 52 3.99 11.29 -1.76
N ILE A 53 3.45 11.18 -2.98
CA ILE A 53 3.24 12.29 -3.92
C ILE A 53 1.81 12.84 -3.90
N GLN A 54 1.02 12.47 -2.88
CA GLN A 54 -0.31 12.99 -2.61
C GLN A 54 -1.37 12.61 -3.67
N LYS A 55 -1.07 11.60 -4.50
CA LYS A 55 -1.95 11.02 -5.52
C LYS A 55 -2.77 9.85 -4.96
N TYR A 56 -3.65 10.14 -3.99
CA TYR A 56 -4.34 9.09 -3.23
C TYR A 56 -5.35 8.32 -4.07
N GLU A 57 -5.91 8.93 -5.10
CA GLU A 57 -6.83 8.25 -6.02
C GLU A 57 -6.17 7.08 -6.76
N GLU A 58 -4.89 7.24 -7.13
CA GLU A 58 -4.11 6.21 -7.83
C GLU A 58 -3.48 5.21 -6.84
N ALA A 59 -3.14 5.69 -5.64
CA ALA A 59 -2.67 4.84 -4.54
C ALA A 59 -3.76 3.86 -4.06
N GLU A 60 -5.00 4.33 -3.85
CA GLU A 60 -6.14 3.46 -3.50
C GLU A 60 -6.29 2.27 -4.47
N LYS A 61 -6.20 2.51 -5.78
CA LYS A 61 -6.36 1.50 -6.84
C LYS A 61 -5.36 0.36 -6.69
N ASP A 62 -4.08 0.69 -6.51
CA ASP A 62 -3.03 -0.30 -6.35
C ASP A 62 -3.08 -1.01 -4.99
N CYS A 63 -3.61 -0.35 -3.96
CA CYS A 63 -3.86 -1.03 -2.69
C CYS A 63 -4.98 -2.06 -2.83
N THR A 64 -6.09 -1.70 -3.51
CA THR A 64 -7.14 -2.65 -3.88
C THR A 64 -6.56 -3.79 -4.74
N GLN A 65 -5.68 -3.50 -5.70
CA GLN A 65 -5.00 -4.55 -6.47
C GLN A 65 -4.23 -5.51 -5.54
N ALA A 66 -3.41 -5.03 -4.60
CA ALA A 66 -2.73 -5.91 -3.65
C ALA A 66 -3.69 -6.80 -2.82
N ILE A 67 -4.91 -6.33 -2.54
CA ILE A 67 -5.93 -7.07 -1.79
C ILE A 67 -6.67 -8.07 -2.69
N LEU A 68 -6.81 -7.79 -3.99
CA LEU A 68 -7.38 -8.71 -4.98
C LEU A 68 -6.48 -9.92 -5.21
N LEU A 69 -5.17 -9.77 -5.04
CA LEU A 69 -4.19 -10.82 -5.24
C LEU A 69 -4.03 -11.62 -3.95
N ASP A 70 -3.67 -10.91 -2.86
CA ASP A 70 -3.37 -11.57 -1.58
C ASP A 70 -4.59 -11.78 -0.68
N GLY A 71 -5.29 -10.70 -0.37
CA GLY A 71 -6.49 -10.71 0.47
C GLY A 71 -6.21 -10.83 1.97
N SER A 72 -4.94 -10.87 2.37
CA SER A 72 -4.53 -10.98 3.77
C SER A 72 -3.38 -10.03 4.17
N TYR A 73 -3.05 -9.07 3.31
CA TYR A 73 -1.92 -8.15 3.50
C TYR A 73 -2.32 -6.92 4.33
N SER A 74 -2.00 -6.91 5.62
CA SER A 74 -2.32 -5.81 6.56
C SER A 74 -1.80 -4.45 6.09
N LYS A 75 -0.58 -4.39 5.54
CA LYS A 75 -0.02 -3.15 4.97
C LYS A 75 -0.83 -2.61 3.80
N ALA A 76 -1.37 -3.45 2.91
CA ALA A 76 -2.21 -2.99 1.79
C ALA A 76 -3.55 -2.41 2.28
N PHE A 77 -4.18 -3.03 3.28
CA PHE A 77 -5.40 -2.48 3.89
C PHE A 77 -5.14 -1.16 4.63
N ALA A 78 -4.07 -1.06 5.43
CA ALA A 78 -3.68 0.17 6.11
C ALA A 78 -3.41 1.32 5.11
N ARG A 79 -2.70 1.03 4.01
CA ARG A 79 -2.43 2.00 2.94
C ARG A 79 -3.70 2.42 2.21
N ARG A 80 -4.67 1.50 1.99
CA ARG A 80 -5.95 1.88 1.38
C ARG A 80 -6.77 2.77 2.31
N GLY A 81 -6.89 2.41 3.59
CA GLY A 81 -7.54 3.24 4.60
C GLY A 81 -6.97 4.66 4.63
N THR A 82 -5.64 4.80 4.73
CA THR A 82 -5.01 6.13 4.74
C THR A 82 -5.20 6.86 3.41
N ALA A 83 -5.08 6.19 2.26
CA ALA A 83 -5.33 6.82 0.96
C ALA A 83 -6.76 7.40 0.88
N ARG A 84 -7.78 6.57 1.15
CA ARG A 84 -9.20 6.96 1.24
C ARG A 84 -9.46 8.11 2.20
N THR A 85 -8.71 8.17 3.30
CA THR A 85 -8.89 9.19 4.35
C THR A 85 -8.57 10.60 3.86
N PHE A 86 -7.49 10.78 3.09
CA PHE A 86 -7.23 12.03 2.34
C PHE A 86 -8.16 12.23 1.14
N LEU A 87 -8.62 11.13 0.53
CA LEU A 87 -9.47 11.13 -0.67
C LEU A 87 -10.92 11.57 -0.39
N GLY A 88 -11.34 11.51 0.88
CA GLY A 88 -12.69 11.86 1.35
C GLY A 88 -13.60 10.65 1.63
N LYS A 89 -13.13 9.43 1.36
CA LYS A 89 -13.89 8.17 1.51
C LYS A 89 -13.79 7.60 2.92
N LEU A 90 -14.05 8.43 3.92
CA LEU A 90 -13.86 8.14 5.34
C LEU A 90 -14.62 6.89 5.83
N ASN A 91 -15.87 6.70 5.41
CA ASN A 91 -16.65 5.48 5.67
C ASN A 91 -15.98 4.21 5.11
N GLU A 92 -15.33 4.29 3.95
CA GLU A 92 -14.66 3.13 3.33
C GLU A 92 -13.30 2.86 3.99
N ALA A 93 -12.60 3.91 4.41
CA ALA A 93 -11.38 3.78 5.22
C ALA A 93 -11.64 3.18 6.62
N LYS A 94 -12.78 3.51 7.26
CA LYS A 94 -13.26 2.87 8.49
C LYS A 94 -13.34 1.33 8.36
N GLN A 95 -13.88 0.85 7.24
CA GLN A 95 -13.99 -0.58 6.93
C GLN A 95 -12.61 -1.24 6.70
N ASP A 96 -11.64 -0.50 6.15
CA ASP A 96 -10.28 -1.01 5.94
C ASP A 96 -9.50 -1.11 7.25
N PHE A 97 -9.57 -0.09 8.11
CA PHE A 97 -8.85 -0.12 9.39
C PHE A 97 -9.41 -1.17 10.33
N GLU A 98 -10.74 -1.34 10.39
CA GLU A 98 -11.39 -2.44 11.10
C GLU A 98 -10.96 -3.82 10.57
N THR A 99 -10.63 -3.93 9.28
CA THR A 99 -10.10 -5.15 8.65
C THR A 99 -8.63 -5.41 8.98
N VAL A 100 -7.79 -4.37 9.09
CA VAL A 100 -6.40 -4.53 9.57
C VAL A 100 -6.39 -5.18 10.95
N LEU A 101 -7.35 -4.80 11.81
CA LEU A 101 -7.52 -5.36 13.15
C LEU A 101 -7.94 -6.85 13.18
N LEU A 102 -8.41 -7.42 12.07
CA LEU A 102 -8.66 -8.87 11.94
C LEU A 102 -7.34 -9.61 11.68
N LEU A 103 -6.52 -9.05 10.78
CA LEU A 103 -5.25 -9.62 10.32
C LEU A 103 -4.13 -9.50 11.37
N GLU A 104 -4.14 -8.43 12.16
CA GLU A 104 -3.32 -8.22 13.37
C GLU A 104 -4.20 -7.64 14.51
N PRO A 105 -4.75 -8.50 15.40
CA PRO A 105 -5.47 -8.06 16.59
C PRO A 105 -4.63 -7.13 17.47
N GLY A 106 -5.10 -5.89 17.65
CA GLY A 106 -4.35 -4.85 18.36
C GLY A 106 -3.34 -4.05 17.51
N ASN A 107 -3.42 -4.09 16.17
CA ASN A 107 -2.58 -3.26 15.30
C ASN A 107 -2.62 -1.76 15.63
N LYS A 108 -1.43 -1.17 15.71
CA LYS A 108 -1.17 0.21 16.16
C LYS A 108 -1.82 1.25 15.25
N GLN A 109 -1.69 1.07 13.93
CA GLN A 109 -2.41 1.88 12.93
C GLN A 109 -3.91 1.59 12.99
N ALA A 110 -4.33 0.34 13.13
CA ALA A 110 -5.76 0.03 13.10
C ALA A 110 -6.55 0.60 14.29
N VAL A 111 -5.88 0.93 15.41
CA VAL A 111 -6.44 1.82 16.44
C VAL A 111 -6.28 3.29 16.06
N THR A 112 -5.06 3.72 15.75
CA THR A 112 -4.71 5.15 15.63
C THR A 112 -5.36 5.84 14.44
N GLU A 113 -5.42 5.18 13.29
CA GLU A 113 -6.01 5.72 12.06
C GLU A 113 -7.54 5.61 12.06
N LEU A 114 -8.10 4.51 12.58
CA LEU A 114 -9.53 4.40 12.88
C LEU A 114 -9.99 5.48 13.85
N SER A 115 -9.09 5.94 14.73
CA SER A 115 -9.37 7.05 15.64
C SER A 115 -9.46 8.38 14.89
N LYS A 116 -8.64 8.60 13.86
CA LYS A 116 -8.60 9.83 13.04
C LYS A 116 -9.85 9.98 12.17
N ILE A 117 -10.58 8.90 11.90
CA ILE A 117 -11.93 8.94 11.31
C ILE A 117 -12.89 9.76 12.19
N LYS A 118 -12.79 9.55 13.51
CA LYS A 118 -13.70 10.06 14.56
C LYS A 118 -13.15 11.31 15.27
N LYS A 119 -12.05 11.90 14.76
CA LYS A 119 -11.24 12.96 15.37
C LYS A 119 -10.75 12.65 16.80
N LYS A 120 -10.49 11.37 17.09
CA LYS A 120 -9.92 10.86 18.36
C LYS A 120 -8.41 10.65 18.26
N ASP B 1 3.91 -7.92 18.16
CA ASP B 1 4.00 -6.66 17.41
C ASP B 1 3.34 -6.80 16.01
N THR B 2 3.01 -5.67 15.40
CA THR B 2 2.16 -5.55 14.22
C THR B 2 2.83 -4.66 13.17
N SER B 3 2.36 -4.73 11.93
CA SER B 3 2.94 -4.05 10.77
C SER B 3 2.62 -2.56 10.75
N ARG B 4 3.64 -1.76 10.38
CA ARG B 4 3.52 -0.34 10.03
C ARG B 4 3.11 -0.17 8.56
N MET B 5 2.46 0.94 8.23
CA MET B 5 2.00 1.23 6.87
C MET B 5 3.18 1.52 5.92
N GLU B 6 4.08 2.41 6.32
CA GLU B 6 4.86 3.25 5.41
C GLU B 6 6.15 2.64 4.81
N GLU B 7 6.37 1.34 5.01
CA GLU B 7 7.53 0.61 4.46
C GLU B 7 7.37 0.25 2.96
N VAL B 8 8.48 -0.14 2.32
CA VAL B 8 8.50 -0.90 1.05
C VAL B 8 9.11 -2.30 1.29
N ASP B 9 9.42 -3.07 0.25
CA ASP B 9 9.99 -4.42 0.39
C ASP B 9 11.37 -4.46 1.10
N GLY A 1 9.61 -18.08 -15.70
CA GLY A 1 9.44 -16.89 -16.54
C GLY A 1 9.76 -15.61 -15.79
N PRO A 2 8.76 -14.76 -15.47
CA PRO A 2 8.98 -13.37 -15.01
C PRO A 2 9.39 -13.17 -13.55
N HIS A 3 9.39 -14.18 -12.67
CA HIS A 3 9.61 -13.99 -11.22
C HIS A 3 10.86 -13.17 -10.86
N MET A 4 12.04 -13.56 -11.36
CA MET A 4 13.29 -12.86 -11.01
C MET A 4 13.39 -11.45 -11.62
N GLN A 5 12.71 -11.18 -12.73
CA GLN A 5 12.50 -9.85 -13.30
C GLN A 5 11.52 -9.01 -12.48
N ALA A 6 10.51 -9.65 -11.88
CA ALA A 6 9.51 -9.01 -11.02
C ALA A 6 10.11 -8.67 -9.64
N ILE A 7 11.15 -9.40 -9.23
CA ILE A 7 12.07 -8.99 -8.16
C ILE A 7 12.96 -7.84 -8.61
N SER A 8 13.65 -7.94 -9.75
CA SER A 8 14.61 -6.90 -10.18
C SER A 8 13.99 -5.52 -10.25
N GLU A 9 12.83 -5.37 -10.91
CA GLU A 9 12.14 -4.08 -11.02
C GLU A 9 11.57 -3.59 -9.67
N LYS A 10 11.30 -4.50 -8.73
CA LYS A 10 10.94 -4.15 -7.33
C LYS A 10 12.14 -3.61 -6.58
N ASP A 11 13.23 -4.37 -6.53
CA ASP A 11 14.52 -3.97 -5.93
C ASP A 11 14.98 -2.59 -6.42
N ARG A 12 14.94 -2.39 -7.74
CA ARG A 12 15.25 -1.11 -8.42
C ARG A 12 14.39 0.04 -7.87
N GLY A 13 13.06 -0.12 -7.89
CA GLY A 13 12.13 0.91 -7.41
C GLY A 13 12.24 1.16 -5.91
N ASN A 14 12.54 0.14 -5.09
CA ASN A 14 12.78 0.31 -3.66
C ASN A 14 13.92 1.32 -3.45
N GLY A 15 15.05 1.17 -4.15
CA GLY A 15 16.17 2.10 -4.07
C GLY A 15 15.81 3.55 -4.48
N PHE A 16 15.01 3.73 -5.53
CA PHE A 16 14.47 5.07 -5.88
C PHE A 16 13.56 5.64 -4.77
N PHE A 17 12.79 4.79 -4.07
CA PHE A 17 11.90 5.25 -2.99
C PHE A 17 12.72 5.75 -1.79
N LYS A 18 13.88 5.13 -1.52
CA LYS A 18 14.74 5.51 -0.39
C LYS A 18 15.47 6.83 -0.65
N GLU A 19 15.80 7.09 -1.91
CA GLU A 19 16.29 8.40 -2.39
C GLU A 19 15.21 9.49 -2.39
N GLY A 20 13.96 9.16 -2.04
CA GLY A 20 12.81 10.08 -2.12
C GLY A 20 12.34 10.36 -3.56
N LYS A 21 12.91 9.65 -4.55
CA LYS A 21 12.56 9.70 -5.97
C LYS A 21 11.30 8.86 -6.21
N TYR A 22 10.20 9.21 -5.52
CA TYR A 22 8.96 8.45 -5.47
C TYR A 22 8.41 8.13 -6.87
N GLU A 23 8.39 9.11 -7.78
CA GLU A 23 7.93 8.95 -9.16
C GLU A 23 8.76 7.91 -9.91
N ARG A 24 10.08 7.94 -9.71
CA ARG A 24 11.04 6.99 -10.32
C ARG A 24 10.86 5.55 -9.85
N ALA A 25 10.45 5.36 -8.59
CA ALA A 25 10.02 4.08 -8.04
C ALA A 25 8.68 3.60 -8.65
N ILE A 26 7.68 4.48 -8.77
CA ILE A 26 6.39 4.17 -9.45
C ILE A 26 6.61 3.55 -10.84
N GLU A 27 7.52 4.11 -11.64
CA GLU A 27 7.86 3.55 -12.97
C GLU A 27 8.32 2.10 -12.86
N CYS A 28 9.30 1.83 -11.99
CA CYS A 28 9.89 0.51 -11.82
C CYS A 28 8.86 -0.53 -11.37
N TYR A 29 8.05 -0.21 -10.34
CA TYR A 29 7.00 -1.13 -9.89
C TYR A 29 5.93 -1.37 -10.96
N THR A 30 5.57 -0.35 -11.76
CA THR A 30 4.63 -0.50 -12.89
C THR A 30 5.10 -1.59 -13.84
N ARG A 31 6.40 -1.60 -14.19
CA ARG A 31 6.97 -2.62 -15.09
C ARG A 31 6.86 -4.03 -14.51
N GLY A 32 7.05 -4.20 -13.21
CA GLY A 32 6.84 -5.46 -12.50
C GLY A 32 5.38 -5.92 -12.49
N ILE A 33 4.43 -5.04 -12.13
CA ILE A 33 2.98 -5.35 -12.12
C ILE A 33 2.50 -5.78 -13.52
N ALA A 34 3.11 -5.19 -14.55
CA ALA A 34 2.80 -5.48 -15.95
C ALA A 34 3.51 -6.74 -16.50
N ALA A 35 4.66 -7.10 -15.92
CA ALA A 35 5.45 -8.30 -16.24
C ALA A 35 4.90 -9.57 -15.55
N ASP A 36 4.37 -9.43 -14.34
CA ASP A 36 3.83 -10.51 -13.49
C ASP A 36 2.39 -10.19 -13.08
N GLY A 37 2.19 -9.22 -12.18
CA GLY A 37 0.87 -8.75 -11.76
C GLY A 37 0.15 -9.67 -10.76
N ALA A 38 0.86 -10.65 -10.24
CA ALA A 38 0.37 -11.71 -9.35
C ALA A 38 1.03 -11.67 -7.96
N ASN A 39 2.13 -10.94 -7.79
CA ASN A 39 2.71 -10.59 -6.50
C ASN A 39 2.07 -9.29 -5.94
N ALA A 40 1.39 -9.37 -4.80
CA ALA A 40 0.76 -8.24 -4.11
C ALA A 40 1.74 -7.17 -3.60
N LEU A 41 3.05 -7.44 -3.53
CA LEU A 41 4.04 -6.53 -2.96
C LEU A 41 4.48 -5.45 -3.98
N LEU A 42 4.41 -5.77 -5.27
CA LEU A 42 4.69 -4.84 -6.35
C LEU A 42 3.78 -3.60 -6.34
N PRO A 43 2.45 -3.76 -6.41
CA PRO A 43 1.53 -2.64 -6.30
C PRO A 43 1.55 -2.06 -4.87
N ALA A 44 1.81 -2.87 -3.83
CA ALA A 44 1.89 -2.37 -2.45
C ALA A 44 2.97 -1.30 -2.24
N ASN A 45 4.14 -1.46 -2.88
CA ASN A 45 5.19 -0.45 -2.87
C ASN A 45 4.86 0.71 -3.84
N ARG A 46 4.19 0.44 -4.98
CA ARG A 46 3.74 1.49 -5.93
C ARG A 46 2.73 2.45 -5.28
N ALA A 47 1.79 1.91 -4.52
CA ALA A 47 0.81 2.67 -3.75
C ALA A 47 1.48 3.61 -2.74
N MET A 48 2.52 3.15 -2.03
CA MET A 48 3.28 3.99 -1.11
C MET A 48 3.87 5.21 -1.80
N ALA A 49 4.49 5.04 -2.98
CA ALA A 49 5.04 6.17 -3.72
C ALA A 49 3.95 7.13 -4.22
N TYR A 50 2.85 6.64 -4.82
CA TYR A 50 1.68 7.47 -5.18
C TYR A 50 1.12 8.23 -3.96
N LEU A 51 1.14 7.64 -2.76
CA LEU A 51 0.69 8.28 -1.54
C LEU A 51 1.63 9.41 -1.09
N LYS A 52 2.96 9.22 -1.17
CA LYS A 52 3.94 10.27 -0.87
C LYS A 52 3.87 11.48 -1.83
N ILE A 53 3.46 11.27 -3.08
CA ILE A 53 3.20 12.34 -4.05
C ILE A 53 1.74 12.83 -4.01
N GLN A 54 0.97 12.37 -3.02
CA GLN A 54 -0.36 12.82 -2.68
C GLN A 54 -1.38 12.55 -3.81
N LYS A 55 -1.08 11.55 -4.66
CA LYS A 55 -1.99 10.98 -5.66
C LYS A 55 -2.77 9.81 -5.05
N TYR A 56 -3.55 10.09 -3.99
CA TYR A 56 -4.25 9.07 -3.22
C TYR A 56 -5.28 8.29 -4.06
N GLU A 57 -5.84 8.93 -5.09
CA GLU A 57 -6.76 8.33 -6.05
C GLU A 57 -6.15 7.14 -6.79
N GLU A 58 -4.84 7.21 -7.09
CA GLU A 58 -4.09 6.12 -7.71
C GLU A 58 -3.52 5.14 -6.67
N ALA A 59 -3.09 5.65 -5.52
CA ALA A 59 -2.59 4.83 -4.41
C ALA A 59 -3.65 3.84 -3.88
N GLU A 60 -4.91 4.28 -3.73
CA GLU A 60 -6.05 3.41 -3.40
C GLU A 60 -6.16 2.19 -4.34
N LYS A 61 -6.01 2.38 -5.66
CA LYS A 61 -6.16 1.31 -6.67
C LYS A 61 -5.11 0.22 -6.53
N ASP A 62 -3.85 0.61 -6.37
CA ASP A 62 -2.76 -0.34 -6.17
C ASP A 62 -2.88 -1.08 -4.82
N CYS A 63 -3.44 -0.43 -3.81
CA CYS A 63 -3.76 -1.12 -2.57
C CYS A 63 -4.89 -2.13 -2.77
N THR A 64 -5.96 -1.78 -3.49
CA THR A 64 -7.00 -2.73 -3.92
C THR A 64 -6.37 -3.90 -4.70
N GLN A 65 -5.47 -3.63 -5.66
CA GLN A 65 -4.78 -4.67 -6.41
C GLN A 65 -4.04 -5.64 -5.48
N ALA A 66 -3.28 -5.17 -4.50
CA ALA A 66 -2.60 -6.04 -3.55
C ALA A 66 -3.57 -6.94 -2.74
N ILE A 67 -4.79 -6.48 -2.48
CA ILE A 67 -5.82 -7.21 -1.73
C ILE A 67 -6.54 -8.24 -2.62
N LEU A 68 -6.60 -8.01 -3.93
CA LEU A 68 -7.15 -8.98 -4.89
C LEU A 68 -6.25 -10.23 -5.03
N LEU A 69 -4.93 -10.04 -4.99
CA LEU A 69 -3.94 -11.10 -5.20
C LEU A 69 -3.68 -11.89 -3.91
N ASP A 70 -3.45 -11.17 -2.82
CA ASP A 70 -3.09 -11.78 -1.52
C ASP A 70 -4.30 -11.93 -0.59
N GLY A 71 -5.02 -10.84 -0.33
CA GLY A 71 -6.24 -10.82 0.50
C GLY A 71 -5.96 -10.79 2.00
N SER A 72 -4.70 -10.94 2.42
CA SER A 72 -4.30 -10.95 3.83
C SER A 72 -3.30 -9.86 4.22
N TYR A 73 -2.93 -9.00 3.28
CA TYR A 73 -1.81 -8.09 3.46
C TYR A 73 -2.21 -6.84 4.27
N SER A 74 -1.92 -6.85 5.58
CA SER A 74 -2.35 -5.81 6.51
C SER A 74 -1.81 -4.43 6.16
N LYS A 75 -0.58 -4.33 5.64
CA LYS A 75 -0.03 -3.08 5.11
C LYS A 75 -0.81 -2.56 3.89
N ALA A 76 -1.33 -3.41 3.02
CA ALA A 76 -2.15 -2.97 1.87
C ALA A 76 -3.49 -2.37 2.32
N PHE A 77 -4.17 -2.99 3.29
CA PHE A 77 -5.41 -2.43 3.86
C PHE A 77 -5.13 -1.11 4.60
N ALA A 78 -4.08 -1.05 5.43
CA ALA A 78 -3.67 0.17 6.13
C ALA A 78 -3.34 1.32 5.16
N ARG A 79 -2.65 1.02 4.04
CA ARG A 79 -2.37 1.98 2.97
C ARG A 79 -3.64 2.39 2.21
N ARG A 80 -4.61 1.50 1.95
CA ARG A 80 -5.88 1.88 1.30
C ARG A 80 -6.71 2.79 2.18
N GLY A 81 -6.92 2.42 3.44
CA GLY A 81 -7.62 3.25 4.42
C GLY A 81 -6.97 4.63 4.53
N THR A 82 -5.65 4.69 4.66
CA THR A 82 -4.92 5.97 4.73
C THR A 82 -5.10 6.80 3.45
N ALA A 83 -5.02 6.20 2.27
CA ALA A 83 -5.28 6.88 1.00
C ALA A 83 -6.70 7.47 0.94
N ARG A 84 -7.74 6.64 1.16
CA ARG A 84 -9.15 7.04 1.23
C ARG A 84 -9.41 8.20 2.20
N THR A 85 -8.69 8.24 3.32
CA THR A 85 -8.86 9.23 4.39
C THR A 85 -8.57 10.66 3.90
N PHE A 86 -7.52 10.83 3.09
CA PHE A 86 -7.20 12.09 2.40
C PHE A 86 -8.00 12.28 1.10
N LEU A 87 -8.45 11.18 0.48
CA LEU A 87 -9.27 11.19 -0.74
C LEU A 87 -10.71 11.67 -0.47
N GLY A 88 -11.15 11.61 0.78
CA GLY A 88 -12.49 12.01 1.24
C GLY A 88 -13.45 10.84 1.48
N LYS A 89 -13.01 9.60 1.23
CA LYS A 89 -13.77 8.35 1.42
C LYS A 89 -13.70 7.82 2.86
N LEU A 90 -13.93 8.70 3.84
CA LEU A 90 -13.64 8.44 5.25
C LEU A 90 -14.42 7.25 5.85
N ASN A 91 -15.71 7.14 5.52
CA ASN A 91 -16.56 6.01 5.93
C ASN A 91 -16.18 4.69 5.25
N GLU A 92 -15.56 4.73 4.07
CA GLU A 92 -14.99 3.54 3.42
C GLU A 92 -13.62 3.14 4.01
N ALA A 93 -12.76 4.10 4.32
CA ALA A 93 -11.49 3.87 5.04
C ALA A 93 -11.68 3.21 6.41
N LYS A 94 -12.76 3.55 7.13
CA LYS A 94 -13.21 2.90 8.38
C LYS A 94 -13.32 1.37 8.24
N GLN A 95 -13.86 0.89 7.11
CA GLN A 95 -14.04 -0.53 6.80
C GLN A 95 -12.69 -1.24 6.51
N ASP A 96 -11.72 -0.51 5.96
CA ASP A 96 -10.35 -1.03 5.78
C ASP A 96 -9.60 -1.13 7.11
N PHE A 97 -9.75 -0.14 8.00
CA PHE A 97 -9.06 -0.15 9.29
C PHE A 97 -9.65 -1.20 10.24
N GLU A 98 -10.98 -1.40 10.25
CA GLU A 98 -11.60 -2.55 10.92
C GLU A 98 -11.16 -3.90 10.33
N THR A 99 -10.79 -3.96 9.03
CA THR A 99 -10.20 -5.16 8.42
C THR A 99 -8.75 -5.40 8.86
N VAL A 100 -7.91 -4.36 9.02
CA VAL A 100 -6.54 -4.53 9.54
C VAL A 100 -6.57 -5.23 10.92
N LEU A 101 -7.58 -4.94 11.74
CA LEU A 101 -7.80 -5.57 13.05
C LEU A 101 -8.30 -7.03 13.00
N LEU A 102 -8.66 -7.58 11.82
CA LEU A 102 -8.85 -9.02 11.59
C LEU A 102 -7.51 -9.74 11.31
N LEU A 103 -6.58 -9.01 10.68
CA LEU A 103 -5.26 -9.52 10.25
C LEU A 103 -4.20 -9.45 11.38
N GLU A 104 -4.21 -8.38 12.19
CA GLU A 104 -3.44 -8.25 13.43
C GLU A 104 -4.33 -7.68 14.57
N PRO A 105 -4.64 -8.45 15.63
CA PRO A 105 -5.43 -7.96 16.76
C PRO A 105 -4.69 -6.86 17.54
N GLY A 106 -5.39 -5.76 17.81
CA GLY A 106 -4.83 -4.60 18.51
C GLY A 106 -3.77 -3.82 17.71
N ASN A 107 -3.72 -3.95 16.38
CA ASN A 107 -2.78 -3.26 15.52
C ASN A 107 -2.74 -1.73 15.73
N LYS A 108 -1.52 -1.17 15.78
CA LYS A 108 -1.24 0.23 16.15
C LYS A 108 -1.96 1.23 15.24
N GLN A 109 -1.89 0.99 13.94
CA GLN A 109 -2.58 1.78 12.93
C GLN A 109 -4.08 1.49 12.93
N ALA A 110 -4.49 0.23 13.07
CA ALA A 110 -5.92 -0.10 13.04
C ALA A 110 -6.71 0.47 14.23
N VAL A 111 -6.04 0.72 15.37
CA VAL A 111 -6.62 1.54 16.44
C VAL A 111 -6.49 3.02 16.11
N THR A 112 -5.27 3.51 15.85
CA THR A 112 -5.00 4.95 15.75
C THR A 112 -5.72 5.62 14.57
N GLU A 113 -5.70 5.03 13.37
CA GLU A 113 -6.34 5.60 12.19
C GLU A 113 -7.87 5.49 12.25
N LEU A 114 -8.41 4.36 12.73
CA LEU A 114 -9.84 4.21 13.03
C LEU A 114 -10.31 5.20 14.09
N SER A 115 -9.42 5.59 15.00
CA SER A 115 -9.67 6.60 16.02
C SER A 115 -9.66 8.02 15.43
N LYS A 116 -8.80 8.30 14.43
CA LYS A 116 -8.76 9.59 13.73
C LYS A 116 -10.05 9.86 12.95
N ILE A 117 -10.77 8.82 12.50
CA ILE A 117 -12.11 8.94 11.91
C ILE A 117 -13.06 9.69 12.87
N LYS A 118 -13.03 9.30 14.15
CA LYS A 118 -13.83 9.90 15.24
C LYS A 118 -13.11 11.07 15.93
N LYS A 119 -11.94 11.48 15.41
CA LYS A 119 -11.03 12.51 15.92
C LYS A 119 -10.58 12.27 17.37
N LYS A 120 -10.27 11.01 17.68
CA LYS A 120 -9.79 10.49 18.98
C LYS A 120 -8.30 10.13 18.93
N ASP B 1 4.24 -7.64 17.91
CA ASP B 1 4.12 -6.30 17.34
C ASP B 1 3.56 -6.38 15.90
N THR B 2 2.96 -5.29 15.45
CA THR B 2 2.08 -5.24 14.28
C THR B 2 2.59 -4.26 13.22
N SER B 3 2.01 -4.37 12.03
CA SER B 3 2.53 -3.77 10.80
C SER B 3 2.34 -2.26 10.74
N ARG B 4 3.45 -1.54 10.53
CA ARG B 4 3.48 -0.11 10.20
C ARG B 4 3.19 0.04 8.70
N MET B 5 2.38 1.03 8.34
CA MET B 5 2.00 1.33 6.96
C MET B 5 3.20 1.74 6.10
N GLU B 6 3.95 2.76 6.55
CA GLU B 6 4.84 3.56 5.72
C GLU B 6 6.24 2.95 5.59
N GLU B 7 6.36 1.97 4.69
CA GLU B 7 7.61 1.27 4.32
C GLU B 7 7.45 0.58 2.96
N VAL B 8 8.54 0.07 2.36
CA VAL B 8 8.54 -0.69 1.09
C VAL B 8 9.17 -2.07 1.29
N ASP B 9 9.53 -2.80 0.23
CA ASP B 9 10.28 -4.06 0.34
C ASP B 9 11.75 -3.88 0.77
N GLY A 1 15.06 -15.81 -14.37
CA GLY A 1 13.86 -15.83 -15.22
C GLY A 1 12.77 -14.93 -14.66
N PRO A 2 11.47 -15.27 -14.84
CA PRO A 2 10.36 -14.36 -14.56
C PRO A 2 10.22 -13.88 -13.10
N HIS A 3 10.60 -14.71 -12.12
CA HIS A 3 10.63 -14.31 -10.71
C HIS A 3 11.75 -13.30 -10.44
N MET A 4 12.98 -13.56 -10.90
CA MET A 4 14.11 -12.63 -10.72
C MET A 4 13.99 -11.35 -11.56
N GLN A 5 13.26 -11.38 -12.69
CA GLN A 5 12.83 -10.21 -13.44
C GLN A 5 11.90 -9.33 -12.59
N ALA A 6 10.99 -9.92 -11.82
CA ALA A 6 10.02 -9.21 -11.00
C ALA A 6 10.63 -8.72 -9.67
N ILE A 7 11.58 -9.47 -9.11
CA ILE A 7 12.44 -9.00 -8.02
C ILE A 7 13.29 -7.81 -8.47
N SER A 8 13.95 -7.87 -9.62
CA SER A 8 14.85 -6.80 -10.08
C SER A 8 14.15 -5.44 -10.10
N GLU A 9 12.98 -5.35 -10.73
CA GLU A 9 12.23 -4.09 -10.83
C GLU A 9 11.63 -3.66 -9.48
N LYS A 10 11.42 -4.59 -8.54
CA LYS A 10 11.04 -4.28 -7.15
C LYS A 10 12.23 -3.68 -6.39
N ASP A 11 13.37 -4.35 -6.39
CA ASP A 11 14.64 -3.92 -5.76
C ASP A 11 15.07 -2.53 -6.22
N ARG A 12 15.00 -2.31 -7.53
CA ARG A 12 15.25 -1.00 -8.18
C ARG A 12 14.30 0.08 -7.65
N GLY A 13 12.98 -0.17 -7.70
CA GLY A 13 12.00 0.80 -7.25
C GLY A 13 12.08 1.10 -5.75
N ASN A 14 12.42 0.10 -4.92
CA ASN A 14 12.58 0.29 -3.47
C ASN A 14 13.64 1.37 -3.18
N GLY A 15 14.83 1.26 -3.80
CA GLY A 15 15.91 2.23 -3.59
C GLY A 15 15.57 3.65 -4.04
N PHE A 16 14.85 3.79 -5.16
CA PHE A 16 14.36 5.10 -5.63
C PHE A 16 13.33 5.71 -4.67
N PHE A 17 12.51 4.90 -3.98
CA PHE A 17 11.55 5.41 -2.99
C PHE A 17 12.29 6.02 -1.80
N LYS A 18 13.44 5.43 -1.40
CA LYS A 18 14.23 5.91 -0.27
C LYS A 18 15.01 7.18 -0.60
N GLU A 19 15.42 7.34 -1.86
CA GLU A 19 15.98 8.61 -2.37
C GLU A 19 14.92 9.72 -2.46
N GLY A 20 13.63 9.40 -2.32
CA GLY A 20 12.53 10.34 -2.58
C GLY A 20 12.25 10.58 -4.06
N LYS A 21 12.88 9.81 -4.96
CA LYS A 21 12.60 9.73 -6.41
C LYS A 21 11.34 8.89 -6.65
N TYR A 22 10.22 9.34 -6.08
CA TYR A 22 8.96 8.59 -6.01
C TYR A 22 8.48 8.08 -7.37
N GLU A 23 8.54 8.93 -8.41
CA GLU A 23 8.18 8.55 -9.78
C GLU A 23 9.04 7.40 -10.30
N ARG A 24 10.36 7.47 -10.13
CA ARG A 24 11.28 6.37 -10.55
C ARG A 24 10.92 5.04 -9.88
N ALA A 25 10.50 5.06 -8.62
CA ALA A 25 9.95 3.90 -7.93
C ALA A 25 8.66 3.41 -8.60
N ILE A 26 7.69 4.31 -8.84
CA ILE A 26 6.43 4.01 -9.54
C ILE A 26 6.69 3.39 -10.91
N GLU A 27 7.60 3.95 -11.71
CA GLU A 27 7.93 3.45 -13.06
C GLU A 27 8.48 2.03 -13.01
N CYS A 28 9.39 1.73 -12.08
CA CYS A 28 9.95 0.39 -11.91
C CYS A 28 8.88 -0.62 -11.50
N TYR A 29 8.09 -0.31 -10.48
CA TYR A 29 7.03 -1.23 -10.03
C TYR A 29 5.97 -1.44 -11.12
N THR A 30 5.64 -0.39 -11.90
CA THR A 30 4.70 -0.47 -13.02
C THR A 30 5.15 -1.50 -14.06
N ARG A 31 6.45 -1.54 -14.40
CA ARG A 31 7.00 -2.57 -15.31
C ARG A 31 6.73 -3.98 -14.78
N GLY A 32 6.91 -4.20 -13.47
CA GLY A 32 6.64 -5.47 -12.79
C GLY A 32 5.14 -5.83 -12.72
N ILE A 33 4.27 -4.92 -12.27
CA ILE A 33 2.81 -5.15 -12.15
C ILE A 33 2.20 -5.53 -13.51
N ALA A 34 2.78 -4.98 -14.58
CA ALA A 34 2.42 -5.31 -15.97
C ALA A 34 3.06 -6.63 -16.43
N ALA A 35 4.29 -6.95 -16.02
CA ALA A 35 5.02 -8.15 -16.42
C ALA A 35 4.59 -9.44 -15.69
N ASP A 36 4.06 -9.31 -14.48
CA ASP A 36 3.69 -10.40 -13.57
C ASP A 36 2.18 -10.37 -13.28
N GLY A 37 1.76 -9.38 -12.50
CA GLY A 37 0.36 -9.06 -12.22
C GLY A 37 -0.30 -9.95 -11.15
N ALA A 38 0.50 -10.75 -10.45
CA ALA A 38 0.07 -11.76 -9.48
C ALA A 38 0.74 -11.66 -8.11
N ASN A 39 1.92 -11.02 -8.02
CA ASN A 39 2.54 -10.63 -6.75
C ASN A 39 1.88 -9.36 -6.15
N ALA A 40 1.25 -9.47 -4.98
CA ALA A 40 0.67 -8.34 -4.24
C ALA A 40 1.67 -7.28 -3.74
N LEU A 41 2.97 -7.59 -3.68
CA LEU A 41 4.00 -6.71 -3.12
C LEU A 41 4.47 -5.63 -4.11
N LEU A 42 4.40 -5.92 -5.40
CA LEU A 42 4.70 -4.98 -6.48
C LEU A 42 3.84 -3.71 -6.40
N PRO A 43 2.50 -3.81 -6.42
CA PRO A 43 1.63 -2.65 -6.25
C PRO A 43 1.65 -2.11 -4.81
N ALA A 44 1.90 -2.95 -3.80
CA ALA A 44 1.97 -2.52 -2.38
C ALA A 44 3.04 -1.46 -2.11
N ASN A 45 4.17 -1.53 -2.82
CA ASN A 45 5.21 -0.51 -2.76
C ASN A 45 4.90 0.68 -3.71
N ARG A 46 4.26 0.45 -4.86
CA ARG A 46 3.83 1.51 -5.80
C ARG A 46 2.83 2.47 -5.16
N ALA A 47 1.87 1.94 -4.39
CA ALA A 47 0.92 2.75 -3.64
C ALA A 47 1.59 3.74 -2.68
N MET A 48 2.68 3.35 -2.01
CA MET A 48 3.40 4.23 -1.09
C MET A 48 3.97 5.47 -1.79
N ALA A 49 4.59 5.32 -2.96
CA ALA A 49 5.11 6.46 -3.72
C ALA A 49 3.98 7.41 -4.16
N TYR A 50 2.88 6.90 -4.74
CA TYR A 50 1.68 7.69 -5.06
C TYR A 50 1.13 8.44 -3.83
N LEU A 51 1.19 7.84 -2.65
CA LEU A 51 0.71 8.46 -1.41
C LEU A 51 1.61 9.61 -0.91
N LYS A 52 2.93 9.54 -1.15
CA LYS A 52 3.88 10.63 -0.86
C LYS A 52 3.73 11.80 -1.82
N ILE A 53 3.45 11.54 -3.10
CA ILE A 53 3.18 12.60 -4.09
C ILE A 53 1.75 13.11 -4.03
N GLN A 54 0.95 12.63 -3.07
CA GLN A 54 -0.39 13.08 -2.77
C GLN A 54 -1.37 12.82 -3.94
N LYS A 55 -1.12 11.73 -4.66
CA LYS A 55 -2.00 11.08 -5.63
C LYS A 55 -2.73 9.88 -4.99
N TYR A 56 -3.54 10.14 -3.96
CA TYR A 56 -4.21 9.10 -3.18
C TYR A 56 -5.21 8.27 -3.98
N GLU A 57 -5.78 8.86 -5.04
CA GLU A 57 -6.67 8.15 -5.96
C GLU A 57 -5.96 6.96 -6.62
N GLU A 58 -4.72 7.14 -7.06
CA GLU A 58 -3.95 6.07 -7.70
C GLU A 58 -3.34 5.13 -6.64
N ALA A 59 -2.97 5.65 -5.47
CA ALA A 59 -2.52 4.83 -4.34
C ALA A 59 -3.59 3.86 -3.83
N GLU A 60 -4.85 4.30 -3.70
CA GLU A 60 -5.98 3.41 -3.37
C GLU A 60 -6.08 2.21 -4.33
N LYS A 61 -5.94 2.43 -5.64
CA LYS A 61 -6.11 1.41 -6.69
C LYS A 61 -5.02 0.34 -6.66
N ASP A 62 -3.77 0.73 -6.41
CA ASP A 62 -2.67 -0.21 -6.19
C ASP A 62 -2.87 -1.02 -4.89
N CYS A 63 -3.44 -0.39 -3.87
CA CYS A 63 -3.74 -1.10 -2.63
C CYS A 63 -4.87 -2.12 -2.83
N THR A 64 -5.94 -1.76 -3.55
CA THR A 64 -6.98 -2.70 -3.95
C THR A 64 -6.41 -3.82 -4.82
N GLN A 65 -5.48 -3.54 -5.75
CA GLN A 65 -4.79 -4.60 -6.48
C GLN A 65 -4.08 -5.56 -5.52
N ALA A 66 -3.29 -5.08 -4.54
CA ALA A 66 -2.64 -5.97 -3.57
C ALA A 66 -3.64 -6.82 -2.74
N ILE A 67 -4.86 -6.34 -2.51
CA ILE A 67 -5.91 -7.06 -1.75
C ILE A 67 -6.66 -8.06 -2.65
N LEU A 68 -6.67 -7.83 -3.97
CA LEU A 68 -7.21 -8.79 -4.95
C LEU A 68 -6.28 -9.99 -5.15
N LEU A 69 -4.96 -9.79 -5.01
CA LEU A 69 -3.96 -10.84 -5.20
C LEU A 69 -3.74 -11.61 -3.90
N ASP A 70 -3.44 -10.90 -2.82
CA ASP A 70 -3.14 -11.52 -1.51
C ASP A 70 -4.39 -11.64 -0.60
N GLY A 71 -5.12 -10.56 -0.37
CA GLY A 71 -6.36 -10.53 0.41
C GLY A 71 -6.15 -10.55 1.93
N SER A 72 -4.90 -10.68 2.38
CA SER A 72 -4.49 -10.82 3.77
C SER A 72 -3.28 -9.95 4.14
N TYR A 73 -2.97 -8.95 3.32
CA TYR A 73 -1.79 -8.08 3.49
C TYR A 73 -2.18 -6.83 4.30
N SER A 74 -1.88 -6.80 5.59
CA SER A 74 -2.33 -5.74 6.50
C SER A 74 -1.77 -4.36 6.14
N LYS A 75 -0.53 -4.29 5.63
CA LYS A 75 0.04 -3.08 5.00
C LYS A 75 -0.78 -2.58 3.82
N ALA A 76 -1.29 -3.44 2.94
CA ALA A 76 -2.13 -2.99 1.81
C ALA A 76 -3.45 -2.39 2.31
N PHE A 77 -4.09 -2.98 3.33
CA PHE A 77 -5.29 -2.42 3.95
C PHE A 77 -5.01 -1.09 4.67
N ALA A 78 -3.93 -1.00 5.46
CA ALA A 78 -3.52 0.22 6.15
C ALA A 78 -3.16 1.35 5.16
N ARG A 79 -2.49 1.02 4.04
CA ARG A 79 -2.19 1.96 2.95
C ARG A 79 -3.47 2.38 2.21
N ARG A 80 -4.45 1.48 1.99
CA ARG A 80 -5.73 1.86 1.36
C ARG A 80 -6.57 2.74 2.27
N GLY A 81 -6.78 2.35 3.52
CA GLY A 81 -7.48 3.15 4.51
C GLY A 81 -6.85 4.55 4.65
N THR A 82 -5.51 4.63 4.72
CA THR A 82 -4.82 5.92 4.75
C THR A 82 -5.07 6.72 3.47
N ALA A 83 -4.94 6.11 2.28
CA ALA A 83 -5.20 6.79 1.01
C ALA A 83 -6.62 7.37 0.95
N ARG A 84 -7.64 6.53 1.20
CA ARG A 84 -9.06 6.91 1.32
C ARG A 84 -9.31 8.04 2.31
N THR A 85 -8.57 8.06 3.42
CA THR A 85 -8.71 9.08 4.48
C THR A 85 -8.42 10.49 3.93
N PHE A 86 -7.31 10.67 3.20
CA PHE A 86 -7.03 11.92 2.48
C PHE A 86 -7.91 12.11 1.22
N LEU A 87 -8.37 11.02 0.59
CA LEU A 87 -9.17 11.03 -0.64
C LEU A 87 -10.61 11.53 -0.37
N GLY A 88 -11.03 11.50 0.89
CA GLY A 88 -12.38 11.85 1.36
C GLY A 88 -13.32 10.64 1.46
N LYS A 89 -12.83 9.42 1.19
CA LYS A 89 -13.58 8.17 1.32
C LYS A 89 -13.52 7.62 2.76
N LEU A 90 -13.79 8.49 3.73
CA LEU A 90 -13.54 8.23 5.15
C LEU A 90 -14.35 7.03 5.70
N ASN A 91 -15.60 6.87 5.25
CA ASN A 91 -16.42 5.70 5.58
C ASN A 91 -15.93 4.38 4.95
N GLU A 92 -15.32 4.42 3.77
CA GLU A 92 -14.65 3.24 3.19
C GLU A 92 -13.32 2.94 3.92
N ALA A 93 -12.57 3.96 4.34
CA ALA A 93 -11.35 3.82 5.14
C ALA A 93 -11.61 3.21 6.52
N LYS A 94 -12.74 3.56 7.17
CA LYS A 94 -13.22 2.95 8.41
C LYS A 94 -13.28 1.42 8.30
N GLN A 95 -13.78 0.91 7.18
CA GLN A 95 -13.89 -0.53 6.91
C GLN A 95 -12.53 -1.20 6.73
N ASP A 96 -11.55 -0.49 6.15
CA ASP A 96 -10.20 -1.03 5.98
C ASP A 96 -9.45 -1.09 7.30
N PHE A 97 -9.58 -0.08 8.18
CA PHE A 97 -8.98 -0.14 9.50
C PHE A 97 -9.66 -1.18 10.40
N GLU A 98 -10.99 -1.33 10.31
CA GLU A 98 -11.71 -2.47 10.92
C GLU A 98 -11.26 -3.84 10.35
N THR A 99 -10.68 -3.89 9.14
CA THR A 99 -10.09 -5.09 8.52
C THR A 99 -8.65 -5.34 8.98
N VAL A 100 -7.80 -4.30 9.15
CA VAL A 100 -6.44 -4.47 9.69
C VAL A 100 -6.48 -5.15 11.06
N LEU A 101 -7.51 -4.86 11.86
CA LEU A 101 -7.77 -5.50 13.15
C LEU A 101 -8.22 -6.98 13.08
N LEU A 102 -8.51 -7.53 11.90
CA LEU A 102 -8.73 -8.97 11.69
C LEU A 102 -7.41 -9.72 11.40
N LEU A 103 -6.47 -9.04 10.74
CA LEU A 103 -5.15 -9.57 10.36
C LEU A 103 -4.12 -9.45 11.51
N GLU A 104 -4.12 -8.34 12.23
CA GLU A 104 -3.45 -8.16 13.53
C GLU A 104 -4.45 -7.61 14.56
N PRO A 105 -5.14 -8.47 15.34
CA PRO A 105 -5.95 -8.02 16.46
C PRO A 105 -5.10 -7.26 17.49
N GLY A 106 -5.56 -6.06 17.87
CA GLY A 106 -4.82 -5.11 18.72
C GLY A 106 -3.81 -4.20 18.00
N ASN A 107 -3.79 -4.19 16.65
CA ASN A 107 -2.89 -3.37 15.83
C ASN A 107 -2.94 -1.85 16.10
N LYS A 108 -1.75 -1.23 16.16
CA LYS A 108 -1.54 0.16 16.57
C LYS A 108 -2.17 1.17 15.62
N GLN A 109 -1.94 1.02 14.31
CA GLN A 109 -2.66 1.77 13.30
C GLN A 109 -4.16 1.47 13.31
N ALA A 110 -4.57 0.21 13.46
CA ALA A 110 -5.99 -0.12 13.38
C ALA A 110 -6.84 0.42 14.54
N VAL A 111 -6.21 0.79 15.66
CA VAL A 111 -6.84 1.67 16.66
C VAL A 111 -6.72 3.13 16.25
N THR A 112 -5.50 3.62 15.99
CA THR A 112 -5.24 5.06 15.84
C THR A 112 -5.89 5.66 14.59
N GLU A 113 -5.76 5.01 13.44
CA GLU A 113 -6.27 5.48 12.15
C GLU A 113 -7.79 5.30 12.01
N LEU A 114 -8.37 4.26 12.65
CA LEU A 114 -9.81 4.13 12.87
C LEU A 114 -10.35 5.23 13.79
N SER A 115 -9.55 5.65 14.77
CA SER A 115 -9.93 6.72 15.69
C SER A 115 -9.99 8.09 14.96
N LYS A 116 -9.10 8.31 13.98
CA LYS A 116 -9.02 9.54 13.17
C LYS A 116 -10.18 9.73 12.18
N ILE A 117 -10.97 8.68 11.94
CA ILE A 117 -12.23 8.74 11.16
C ILE A 117 -13.27 9.64 11.84
N LYS A 118 -13.27 9.62 13.17
CA LYS A 118 -14.33 10.12 14.05
C LYS A 118 -14.29 11.65 14.25
N LYS A 119 -13.93 12.39 13.18
CA LYS A 119 -13.57 13.82 13.13
C LYS A 119 -14.27 14.59 11.97
N LYS A 120 -15.49 14.19 11.62
CA LYS A 120 -16.25 14.73 10.47
C LYS A 120 -16.73 16.16 10.67
N ASP B 1 4.25 -6.07 18.61
CA ASP B 1 4.39 -5.30 17.37
C ASP B 1 3.46 -5.81 16.26
N THR B 2 3.02 -4.85 15.45
CA THR B 2 2.13 -5.02 14.31
C THR B 2 2.62 -4.15 13.15
N SER B 3 2.17 -4.46 11.94
CA SER B 3 2.76 -3.94 10.71
C SER B 3 2.58 -2.42 10.60
N ARG B 4 3.68 -1.68 10.40
CA ARG B 4 3.68 -0.23 10.15
C ARG B 4 3.44 0.02 8.65
N MET B 5 2.60 0.99 8.33
CA MET B 5 2.30 1.35 6.93
C MET B 5 3.56 1.83 6.16
N GLU B 6 4.40 2.60 6.85
CA GLU B 6 5.52 3.43 6.35
C GLU B 6 6.79 2.64 5.93
N GLU B 7 6.64 1.61 5.11
CA GLU B 7 7.71 0.69 4.70
C GLU B 7 7.54 0.27 3.22
N VAL B 8 8.60 -0.22 2.56
CA VAL B 8 8.55 -0.92 1.24
C VAL B 8 9.11 -2.34 1.40
N ASP B 9 9.43 -3.05 0.31
CA ASP B 9 10.18 -4.33 0.38
C ASP B 9 11.65 -4.18 0.82
N GLY A 1 15.38 -15.19 -16.24
CA GLY A 1 14.26 -15.87 -15.57
C GLY A 1 13.07 -14.94 -15.38
N PRO A 2 11.83 -15.41 -15.64
CA PRO A 2 10.64 -14.55 -15.69
C PRO A 2 10.19 -14.04 -14.30
N HIS A 3 10.61 -14.67 -13.20
CA HIS A 3 10.34 -14.21 -11.85
C HIS A 3 11.39 -13.19 -11.38
N MET A 4 12.67 -13.40 -11.74
CA MET A 4 13.73 -12.39 -11.54
C MET A 4 13.47 -11.10 -12.32
N GLN A 5 12.74 -11.15 -13.45
CA GLN A 5 12.28 -9.96 -14.18
C GLN A 5 11.36 -9.08 -13.32
N ALA A 6 10.60 -9.70 -12.40
CA ALA A 6 9.66 -9.04 -11.50
C ALA A 6 10.28 -8.67 -10.14
N ILE A 7 11.27 -9.42 -9.65
CA ILE A 7 12.09 -9.02 -8.51
C ILE A 7 12.92 -7.78 -8.87
N SER A 8 13.53 -7.76 -10.05
CA SER A 8 14.41 -6.68 -10.49
C SER A 8 13.72 -5.31 -10.43
N GLU A 9 12.46 -5.23 -10.87
CA GLU A 9 11.68 -3.98 -10.81
C GLU A 9 11.29 -3.55 -9.39
N LYS A 10 11.22 -4.52 -8.47
CA LYS A 10 10.96 -4.26 -7.05
C LYS A 10 12.23 -3.75 -6.38
N ASP A 11 13.32 -4.50 -6.51
CA ASP A 11 14.67 -4.13 -6.06
C ASP A 11 15.11 -2.74 -6.58
N ARG A 12 14.90 -2.44 -7.87
CA ARG A 12 15.17 -1.12 -8.48
C ARG A 12 14.33 0.00 -7.87
N GLY A 13 13.01 -0.19 -7.84
CA GLY A 13 12.08 0.82 -7.36
C GLY A 13 12.22 1.10 -5.86
N ASN A 14 12.51 0.07 -5.07
CA ASN A 14 12.73 0.20 -3.63
C ASN A 14 13.84 1.22 -3.33
N GLY A 15 14.99 1.14 -4.02
CA GLY A 15 16.08 2.09 -3.83
C GLY A 15 15.69 3.52 -4.20
N PHE A 16 15.00 3.72 -5.33
CA PHE A 16 14.50 5.04 -5.72
C PHE A 16 13.51 5.63 -4.72
N PHE A 17 12.73 4.79 -4.02
CA PHE A 17 11.80 5.25 -2.99
C PHE A 17 12.55 5.79 -1.76
N LYS A 18 13.70 5.20 -1.43
CA LYS A 18 14.56 5.67 -0.34
C LYS A 18 15.36 6.93 -0.71
N GLU A 19 15.67 7.10 -2.00
CA GLU A 19 16.17 8.35 -2.57
C GLU A 19 15.10 9.46 -2.64
N GLY A 20 13.86 9.20 -2.23
CA GLY A 20 12.72 10.13 -2.34
C GLY A 20 12.28 10.43 -3.78
N LYS A 21 12.83 9.69 -4.75
CA LYS A 21 12.54 9.76 -6.18
C LYS A 21 11.32 8.87 -6.45
N TYR A 22 10.20 9.24 -5.84
CA TYR A 22 8.99 8.42 -5.74
C TYR A 22 8.46 8.02 -7.13
N GLU A 23 8.47 8.93 -8.10
CA GLU A 23 8.08 8.62 -9.48
C GLU A 23 9.00 7.58 -10.12
N ARG A 24 10.33 7.69 -9.98
CA ARG A 24 11.28 6.64 -10.44
C ARG A 24 10.95 5.26 -9.86
N ALA A 25 10.55 5.18 -8.59
CA ALA A 25 10.06 3.95 -7.98
C ALA A 25 8.76 3.46 -8.65
N ILE A 26 7.76 4.34 -8.82
CA ILE A 26 6.51 4.05 -9.55
C ILE A 26 6.80 3.48 -10.95
N GLU A 27 7.69 4.12 -11.71
CA GLU A 27 8.06 3.68 -13.06
C GLU A 27 8.59 2.24 -13.07
N CYS A 28 9.45 1.87 -12.11
CA CYS A 28 9.96 0.51 -11.97
C CYS A 28 8.82 -0.46 -11.63
N TYR A 29 8.08 -0.20 -10.54
CA TYR A 29 7.08 -1.15 -10.04
C TYR A 29 6.00 -1.43 -11.09
N THR A 30 5.62 -0.41 -11.88
CA THR A 30 4.67 -0.53 -12.99
C THR A 30 5.10 -1.60 -14.00
N ARG A 31 6.39 -1.66 -14.37
CA ARG A 31 6.93 -2.68 -15.27
C ARG A 31 6.79 -4.09 -14.69
N GLY A 32 6.99 -4.23 -13.38
CA GLY A 32 6.80 -5.49 -12.65
C GLY A 32 5.34 -5.94 -12.57
N ILE A 33 4.43 -5.04 -12.16
CA ILE A 33 2.97 -5.31 -12.08
C ILE A 33 2.42 -5.76 -13.45
N ALA A 34 3.03 -5.25 -14.52
CA ALA A 34 2.73 -5.62 -15.91
C ALA A 34 3.45 -6.90 -16.37
N ALA A 35 4.63 -7.22 -15.84
CA ALA A 35 5.45 -8.39 -16.18
C ALA A 35 5.04 -9.68 -15.45
N ASP A 36 4.37 -9.54 -14.30
CA ASP A 36 3.87 -10.67 -13.50
C ASP A 36 2.39 -10.50 -13.11
N GLY A 37 2.11 -9.51 -12.26
CA GLY A 37 0.75 -9.10 -11.89
C GLY A 37 0.08 -9.98 -10.83
N ALA A 38 0.85 -10.86 -10.17
CA ALA A 38 0.40 -11.81 -9.16
C ALA A 38 1.07 -11.58 -7.79
N ASN A 39 2.21 -10.89 -7.74
CA ASN A 39 2.82 -10.41 -6.50
C ASN A 39 2.08 -9.19 -5.92
N ALA A 40 1.45 -9.34 -4.76
CA ALA A 40 0.82 -8.25 -3.99
C ALA A 40 1.80 -7.16 -3.50
N LEU A 41 3.11 -7.43 -3.47
CA LEU A 41 4.13 -6.53 -2.94
C LEU A 41 4.60 -5.47 -3.96
N LEU A 42 4.50 -5.79 -5.25
CA LEU A 42 4.79 -4.87 -6.34
C LEU A 42 3.89 -3.61 -6.31
N PRO A 43 2.56 -3.74 -6.38
CA PRO A 43 1.66 -2.61 -6.26
C PRO A 43 1.67 -2.04 -4.82
N ALA A 44 1.96 -2.85 -3.79
CA ALA A 44 2.05 -2.36 -2.41
C ALA A 44 3.12 -1.27 -2.23
N ASN A 45 4.29 -1.46 -2.85
CA ASN A 45 5.36 -0.45 -2.83
C ASN A 45 5.03 0.73 -3.79
N ARG A 46 4.34 0.47 -4.92
CA ARG A 46 3.87 1.52 -5.85
C ARG A 46 2.85 2.47 -5.21
N ALA A 47 1.90 1.93 -4.45
CA ALA A 47 0.90 2.70 -3.71
C ALA A 47 1.54 3.67 -2.71
N MET A 48 2.59 3.24 -2.00
CA MET A 48 3.33 4.11 -1.09
C MET A 48 3.90 5.33 -1.82
N ALA A 49 4.52 5.15 -2.98
CA ALA A 49 5.05 6.26 -3.76
C ALA A 49 3.96 7.26 -4.21
N TYR A 50 2.83 6.78 -4.76
CA TYR A 50 1.66 7.63 -5.05
C TYR A 50 1.16 8.39 -3.80
N LEU A 51 1.19 7.76 -2.63
CA LEU A 51 0.77 8.39 -1.36
C LEU A 51 1.78 9.46 -0.88
N LYS A 52 3.09 9.26 -1.11
CA LYS A 52 4.13 10.28 -0.85
C LYS A 52 4.01 11.50 -1.76
N ILE A 53 3.49 11.36 -2.98
CA ILE A 53 3.19 12.47 -3.90
C ILE A 53 1.74 12.94 -3.83
N GLN A 54 0.99 12.48 -2.84
CA GLN A 54 -0.35 12.93 -2.50
C GLN A 54 -1.39 12.62 -3.60
N LYS A 55 -1.05 11.68 -4.50
CA LYS A 55 -1.93 11.10 -5.53
C LYS A 55 -2.76 9.95 -4.93
N TYR A 56 -3.55 10.23 -3.88
CA TYR A 56 -4.23 9.18 -3.11
C TYR A 56 -5.25 8.39 -3.95
N GLU A 57 -5.76 9.03 -5.00
CA GLU A 57 -6.68 8.41 -5.96
C GLU A 57 -6.06 7.23 -6.71
N GLU A 58 -4.76 7.31 -7.02
CA GLU A 58 -4.01 6.20 -7.62
C GLU A 58 -3.47 5.24 -6.54
N ALA A 59 -3.06 5.76 -5.38
CA ALA A 59 -2.56 4.93 -4.27
C ALA A 59 -3.63 3.94 -3.74
N GLU A 60 -4.89 4.39 -3.62
CA GLU A 60 -6.04 3.51 -3.32
C GLU A 60 -6.09 2.28 -4.25
N LYS A 61 -5.89 2.47 -5.56
CA LYS A 61 -6.09 1.45 -6.59
C LYS A 61 -5.03 0.36 -6.58
N ASP A 62 -3.77 0.74 -6.40
CA ASP A 62 -2.67 -0.22 -6.18
C ASP A 62 -2.84 -0.97 -4.86
N CYS A 63 -3.40 -0.31 -3.84
CA CYS A 63 -3.69 -1.00 -2.59
C CYS A 63 -4.81 -2.05 -2.76
N THR A 64 -5.89 -1.72 -3.47
CA THR A 64 -6.92 -2.70 -3.85
C THR A 64 -6.30 -3.84 -4.65
N GLN A 65 -5.45 -3.54 -5.64
CA GLN A 65 -4.75 -4.58 -6.41
C GLN A 65 -3.99 -5.54 -5.49
N ALA A 66 -3.21 -5.07 -4.53
CA ALA A 66 -2.51 -5.95 -3.58
C ALA A 66 -3.47 -6.85 -2.76
N ILE A 67 -4.69 -6.40 -2.48
CA ILE A 67 -5.71 -7.14 -1.72
C ILE A 67 -6.44 -8.16 -2.62
N LEU A 68 -6.50 -7.91 -3.93
CA LEU A 68 -7.05 -8.85 -4.92
C LEU A 68 -6.14 -10.07 -5.16
N LEU A 69 -4.83 -9.92 -4.91
CA LEU A 69 -3.83 -10.97 -5.08
C LEU A 69 -3.62 -11.75 -3.78
N ASP A 70 -3.40 -11.03 -2.67
CA ASP A 70 -3.15 -11.64 -1.36
C ASP A 70 -4.42 -11.80 -0.51
N GLY A 71 -5.15 -10.71 -0.26
CA GLY A 71 -6.40 -10.68 0.51
C GLY A 71 -6.22 -10.72 2.03
N SER A 72 -4.97 -10.76 2.50
CA SER A 72 -4.63 -10.84 3.92
C SER A 72 -3.46 -9.96 4.36
N TYR A 73 -2.99 -9.09 3.46
CA TYR A 73 -1.81 -8.26 3.69
C TYR A 73 -2.15 -6.97 4.45
N SER A 74 -1.90 -6.94 5.76
CA SER A 74 -2.31 -5.82 6.63
C SER A 74 -1.72 -4.47 6.18
N LYS A 75 -0.48 -4.48 5.66
CA LYS A 75 0.18 -3.29 5.09
C LYS A 75 -0.60 -2.70 3.91
N ALA A 76 -1.16 -3.51 3.02
CA ALA A 76 -1.98 -3.01 1.90
C ALA A 76 -3.31 -2.39 2.37
N PHE A 77 -3.99 -3.01 3.36
CA PHE A 77 -5.23 -2.46 3.93
C PHE A 77 -4.98 -1.13 4.67
N ALA A 78 -3.92 -1.06 5.49
CA ALA A 78 -3.53 0.16 6.20
C ALA A 78 -3.20 1.31 5.22
N ARG A 79 -2.50 1.00 4.11
CA ARG A 79 -2.24 1.97 3.04
C ARG A 79 -3.51 2.41 2.30
N ARG A 80 -4.49 1.51 2.05
CA ARG A 80 -5.76 1.89 1.41
C ARG A 80 -6.60 2.78 2.31
N GLY A 81 -6.82 2.39 3.56
CA GLY A 81 -7.55 3.20 4.54
C GLY A 81 -6.93 4.58 4.70
N THR A 82 -5.59 4.66 4.76
CA THR A 82 -4.89 5.95 4.82
C THR A 82 -5.12 6.77 3.55
N ALA A 83 -4.99 6.19 2.36
CA ALA A 83 -5.24 6.87 1.09
C ALA A 83 -6.67 7.45 1.03
N ARG A 84 -7.70 6.62 1.27
CA ARG A 84 -9.12 7.01 1.33
C ARG A 84 -9.42 8.13 2.33
N THR A 85 -8.70 8.17 3.45
CA THR A 85 -8.88 9.19 4.50
C THR A 85 -8.56 10.60 3.99
N PHE A 86 -7.51 10.74 3.19
CA PHE A 86 -7.20 11.95 2.41
C PHE A 86 -8.09 12.13 1.15
N LEU A 87 -8.59 11.04 0.58
CA LEU A 87 -9.43 11.04 -0.63
C LEU A 87 -10.89 11.46 -0.36
N GLY A 88 -11.31 11.46 0.91
CA GLY A 88 -12.66 11.82 1.36
C GLY A 88 -13.61 10.62 1.50
N LYS A 89 -13.14 9.41 1.17
CA LYS A 89 -13.87 8.13 1.30
C LYS A 89 -13.75 7.56 2.73
N LEU A 90 -14.01 8.42 3.70
CA LEU A 90 -13.76 8.17 5.12
C LEU A 90 -14.55 6.95 5.68
N ASN A 91 -15.77 6.75 5.21
CA ASN A 91 -16.60 5.58 5.52
C ASN A 91 -15.99 4.27 4.98
N GLU A 92 -15.39 4.30 3.78
CA GLU A 92 -14.71 3.14 3.22
C GLU A 92 -13.36 2.89 3.93
N ALA A 93 -12.64 3.96 4.31
CA ALA A 93 -11.46 3.86 5.16
C ALA A 93 -11.75 3.26 6.55
N LYS A 94 -12.91 3.53 7.15
CA LYS A 94 -13.40 2.83 8.36
C LYS A 94 -13.43 1.31 8.17
N GLN A 95 -13.92 0.85 7.02
CA GLN A 95 -14.00 -0.59 6.68
C GLN A 95 -12.62 -1.20 6.41
N ASP A 96 -11.66 -0.43 5.88
CA ASP A 96 -10.27 -0.87 5.71
C ASP A 96 -9.57 -1.00 7.07
N PHE A 97 -9.69 0.01 7.95
CA PHE A 97 -9.04 -0.03 9.26
C PHE A 97 -9.67 -1.08 10.19
N GLU A 98 -10.99 -1.27 10.14
CA GLU A 98 -11.67 -2.40 10.78
C GLU A 98 -11.18 -3.75 10.24
N THR A 99 -10.76 -3.85 8.98
CA THR A 99 -10.17 -5.08 8.41
C THR A 99 -8.72 -5.30 8.85
N VAL A 100 -7.91 -4.25 9.03
CA VAL A 100 -6.53 -4.39 9.56
C VAL A 100 -6.55 -5.09 10.93
N LEU A 101 -7.55 -4.82 11.77
CA LEU A 101 -7.72 -5.48 13.08
C LEU A 101 -8.09 -6.98 12.99
N LEU A 102 -8.59 -7.47 11.84
CA LEU A 102 -8.83 -8.90 11.63
C LEU A 102 -7.52 -9.63 11.31
N LEU A 103 -6.59 -8.93 10.67
CA LEU A 103 -5.29 -9.44 10.22
C LEU A 103 -4.19 -9.33 11.29
N GLU A 104 -4.23 -8.28 12.12
CA GLU A 104 -3.42 -8.08 13.33
C GLU A 104 -4.32 -7.52 14.47
N PRO A 105 -4.91 -8.38 15.33
CA PRO A 105 -5.71 -7.92 16.46
C PRO A 105 -4.87 -7.09 17.44
N GLY A 106 -5.31 -5.87 17.73
CA GLY A 106 -4.56 -4.88 18.52
C GLY A 106 -3.65 -3.93 17.71
N ASN A 107 -3.67 -3.99 16.37
CA ASN A 107 -2.84 -3.16 15.50
C ASN A 107 -2.92 -1.65 15.79
N LYS A 108 -1.73 -1.03 15.85
CA LYS A 108 -1.53 0.36 16.26
C LYS A 108 -2.27 1.34 15.36
N GLN A 109 -2.18 1.14 14.05
CA GLN A 109 -2.91 1.91 13.05
C GLN A 109 -4.41 1.57 13.10
N ALA A 110 -4.78 0.30 13.24
CA ALA A 110 -6.20 -0.08 13.24
C ALA A 110 -6.99 0.44 14.45
N VAL A 111 -6.32 0.79 15.56
CA VAL A 111 -6.93 1.59 16.64
C VAL A 111 -6.82 3.08 16.34
N THR A 112 -5.63 3.58 16.02
CA THR A 112 -5.33 5.02 15.95
C THR A 112 -6.00 5.72 14.75
N GLU A 113 -5.94 5.13 13.56
CA GLU A 113 -6.51 5.71 12.34
C GLU A 113 -8.03 5.53 12.28
N LEU A 114 -8.56 4.45 12.86
CA LEU A 114 -9.98 4.28 13.15
C LEU A 114 -10.47 5.28 14.19
N SER A 115 -9.59 5.68 15.14
CA SER A 115 -9.94 6.70 16.13
C SER A 115 -10.09 8.10 15.52
N LYS A 116 -9.36 8.42 14.43
CA LYS A 116 -9.56 9.66 13.63
C LYS A 116 -10.92 9.72 12.92
N ILE A 117 -11.61 8.59 12.78
CA ILE A 117 -13.00 8.52 12.26
C ILE A 117 -14.00 8.95 13.35
N LYS A 118 -13.77 8.47 14.57
CA LYS A 118 -14.68 8.59 15.71
C LYS A 118 -14.64 9.97 16.39
N LYS A 119 -13.48 10.63 16.44
CA LYS A 119 -13.25 11.97 17.03
C LYS A 119 -13.88 12.17 18.43
N LYS A 120 -13.69 11.21 19.34
CA LYS A 120 -14.18 11.25 20.72
C LYS A 120 -13.06 11.58 21.71
N ASP B 1 3.91 -7.54 18.08
CA ASP B 1 4.00 -6.28 17.32
C ASP B 1 3.33 -6.36 15.95
N THR B 2 2.84 -5.21 15.48
CA THR B 2 2.01 -5.08 14.27
C THR B 2 2.60 -4.09 13.27
N SER B 3 2.18 -4.27 12.03
CA SER B 3 2.82 -3.72 10.83
C SER B 3 2.58 -2.22 10.63
N ARG B 4 3.64 -1.40 10.74
CA ARG B 4 3.64 0.00 10.29
C ARG B 4 3.39 0.10 8.79
N MET B 5 2.53 1.05 8.39
CA MET B 5 2.18 1.35 7.00
C MET B 5 3.41 1.76 6.15
N GLU B 6 4.23 2.66 6.68
CA GLU B 6 5.40 3.27 6.05
C GLU B 6 6.54 2.26 5.83
N GLU B 7 6.61 1.67 4.64
CA GLU B 7 7.64 0.71 4.23
C GLU B 7 7.64 0.50 2.70
N VAL B 8 8.81 0.19 2.12
CA VAL B 8 8.93 -0.61 0.87
C VAL B 8 9.83 -1.82 1.14
N ASP B 9 9.86 -2.82 0.24
CA ASP B 9 10.40 -4.16 0.57
C ASP B 9 11.91 -4.24 0.92
N GLY A 1 14.55 -16.52 -15.47
CA GLY A 1 13.12 -16.86 -15.31
C GLY A 1 12.36 -15.70 -14.69
N PRO A 2 11.05 -15.53 -15.00
CA PRO A 2 10.31 -14.31 -14.72
C PRO A 2 10.12 -13.95 -13.23
N HIS A 3 10.40 -14.84 -12.27
CA HIS A 3 10.48 -14.41 -10.86
C HIS A 3 11.64 -13.44 -10.63
N MET A 4 12.85 -13.73 -11.15
CA MET A 4 13.99 -12.83 -11.00
C MET A 4 13.79 -11.51 -11.74
N GLN A 5 13.05 -11.54 -12.86
CA GLN A 5 12.63 -10.33 -13.58
C GLN A 5 11.73 -9.44 -12.70
N ALA A 6 10.82 -10.04 -11.93
CA ALA A 6 9.84 -9.33 -11.12
C ALA A 6 10.44 -8.87 -9.78
N ILE A 7 11.47 -9.55 -9.28
CA ILE A 7 12.34 -9.04 -8.23
C ILE A 7 13.15 -7.85 -8.73
N SER A 8 13.84 -7.94 -9.88
CA SER A 8 14.73 -6.86 -10.34
C SER A 8 14.00 -5.52 -10.51
N GLU A 9 12.79 -5.52 -11.07
CA GLU A 9 11.98 -4.30 -11.20
C GLU A 9 11.42 -3.78 -9.85
N LYS A 10 11.36 -4.63 -8.82
CA LYS A 10 11.09 -4.23 -7.42
C LYS A 10 12.34 -3.62 -6.78
N ASP A 11 13.46 -4.34 -6.82
CA ASP A 11 14.79 -3.94 -6.33
C ASP A 11 15.23 -2.54 -6.80
N ARG A 12 15.06 -2.31 -8.10
CA ARG A 12 15.33 -1.02 -8.77
C ARG A 12 14.46 0.11 -8.24
N GLY A 13 13.16 -0.12 -8.09
CA GLY A 13 12.21 0.87 -7.60
C GLY A 13 12.37 1.14 -6.10
N ASN A 14 12.75 0.15 -5.29
CA ASN A 14 12.98 0.34 -3.86
C ASN A 14 14.10 1.37 -3.63
N GLY A 15 15.19 1.32 -4.40
CA GLY A 15 16.28 2.30 -4.30
C GLY A 15 15.82 3.73 -4.63
N PHE A 16 15.04 3.90 -5.70
CA PHE A 16 14.42 5.18 -6.04
C PHE A 16 13.47 5.68 -4.95
N PHE A 17 12.75 4.79 -4.25
CA PHE A 17 11.86 5.21 -3.17
C PHE A 17 12.68 5.75 -2.00
N LYS A 18 13.83 5.13 -1.68
CA LYS A 18 14.67 5.54 -0.56
C LYS A 18 15.28 6.92 -0.79
N GLU A 19 15.67 7.17 -2.02
CA GLU A 19 16.25 8.45 -2.46
C GLU A 19 15.18 9.54 -2.67
N GLY A 20 13.91 9.27 -2.34
CA GLY A 20 12.78 10.21 -2.48
C GLY A 20 12.37 10.50 -3.92
N LYS A 21 12.83 9.66 -4.86
CA LYS A 21 12.51 9.72 -6.29
C LYS A 21 11.29 8.83 -6.57
N TYR A 22 10.20 9.13 -5.85
CA TYR A 22 8.98 8.33 -5.82
C TYR A 22 8.41 8.07 -7.22
N GLU A 23 8.45 9.08 -8.10
CA GLU A 23 8.06 8.99 -9.52
C GLU A 23 8.82 7.90 -10.28
N ARG A 24 10.14 7.80 -10.06
CA ARG A 24 11.03 6.77 -10.66
C ARG A 24 10.78 5.37 -10.11
N ALA A 25 10.49 5.24 -8.82
CA ALA A 25 10.09 3.99 -8.20
C ALA A 25 8.79 3.45 -8.80
N ILE A 26 7.79 4.33 -8.98
CA ILE A 26 6.51 3.99 -9.64
C ILE A 26 6.73 3.34 -11.02
N GLU A 27 7.61 3.89 -11.85
CA GLU A 27 7.88 3.32 -13.19
C GLU A 27 8.38 1.87 -13.11
N CYS A 28 9.37 1.62 -12.25
CA CYS A 28 9.94 0.28 -12.05
C CYS A 28 8.88 -0.71 -11.55
N TYR A 29 8.11 -0.35 -10.50
CA TYR A 29 7.05 -1.23 -10.01
C TYR A 29 5.96 -1.46 -11.06
N THR A 30 5.64 -0.46 -11.89
CA THR A 30 4.68 -0.61 -13.01
C THR A 30 5.13 -1.70 -13.97
N ARG A 31 6.43 -1.73 -14.33
CA ARG A 31 6.99 -2.77 -15.19
C ARG A 31 6.91 -4.16 -14.56
N GLY A 32 7.11 -4.27 -13.26
CA GLY A 32 6.92 -5.50 -12.49
C GLY A 32 5.46 -5.96 -12.46
N ILE A 33 4.51 -5.08 -12.11
CA ILE A 33 3.06 -5.39 -12.09
C ILE A 33 2.57 -5.83 -13.47
N ALA A 34 3.19 -5.30 -14.51
CA ALA A 34 2.94 -5.64 -15.92
C ALA A 34 3.73 -6.87 -16.45
N ALA A 35 4.76 -7.33 -15.73
CA ALA A 35 5.55 -8.52 -16.02
C ALA A 35 5.11 -9.77 -15.22
N ASP A 36 4.55 -9.57 -14.03
CA ASP A 36 4.05 -10.64 -13.14
C ASP A 36 2.53 -10.49 -12.96
N GLY A 37 2.10 -9.53 -12.14
CA GLY A 37 0.68 -9.18 -11.95
C GLY A 37 -0.06 -10.01 -10.90
N ALA A 38 0.68 -10.83 -10.14
CA ALA A 38 0.17 -11.74 -9.12
C ALA A 38 0.85 -11.55 -7.74
N ASN A 39 1.99 -10.84 -7.68
CA ASN A 39 2.64 -10.45 -6.43
C ASN A 39 2.01 -9.18 -5.83
N ALA A 40 1.37 -9.29 -4.67
CA ALA A 40 0.76 -8.16 -3.96
C ALA A 40 1.76 -7.08 -3.46
N LEU A 41 3.07 -7.37 -3.39
CA LEU A 41 4.10 -6.44 -2.90
C LEU A 41 4.51 -5.39 -3.93
N LEU A 42 4.46 -5.76 -5.22
CA LEU A 42 4.78 -4.84 -6.32
C LEU A 42 3.88 -3.58 -6.34
N PRO A 43 2.54 -3.73 -6.40
CA PRO A 43 1.62 -2.60 -6.32
C PRO A 43 1.60 -1.99 -4.91
N ALA A 44 1.90 -2.76 -3.85
CA ALA A 44 1.99 -2.22 -2.48
C ALA A 44 3.09 -1.16 -2.32
N ASN A 45 4.24 -1.35 -2.95
CA ASN A 45 5.31 -0.34 -2.99
C ASN A 45 4.94 0.81 -3.95
N ARG A 46 4.26 0.53 -5.08
CA ARG A 46 3.79 1.56 -6.02
C ARG A 46 2.77 2.52 -5.40
N ALA A 47 1.81 1.98 -4.64
CA ALA A 47 0.83 2.76 -3.91
C ALA A 47 1.47 3.69 -2.87
N MET A 48 2.53 3.24 -2.18
CA MET A 48 3.27 4.08 -1.24
C MET A 48 3.87 5.30 -1.93
N ALA A 49 4.50 5.14 -3.09
CA ALA A 49 5.03 6.27 -3.85
C ALA A 49 3.93 7.28 -4.24
N TYR A 50 2.79 6.82 -4.78
CA TYR A 50 1.62 7.66 -5.06
C TYR A 50 1.11 8.39 -3.80
N LEU A 51 1.16 7.74 -2.63
CA LEU A 51 0.73 8.36 -1.37
C LEU A 51 1.72 9.41 -0.85
N LYS A 52 3.03 9.21 -1.04
CA LYS A 52 4.07 10.24 -0.76
C LYS A 52 3.92 11.47 -1.65
N ILE A 53 3.50 11.31 -2.90
CA ILE A 53 3.25 12.44 -3.82
C ILE A 53 1.82 12.99 -3.72
N GLN A 54 1.04 12.50 -2.75
CA GLN A 54 -0.29 12.97 -2.39
C GLN A 54 -1.33 12.76 -3.51
N LYS A 55 -1.08 11.77 -4.38
CA LYS A 55 -2.01 11.23 -5.38
C LYS A 55 -2.79 10.05 -4.80
N TYR A 56 -3.61 10.29 -3.79
CA TYR A 56 -4.31 9.25 -3.03
C TYR A 56 -5.33 8.47 -3.88
N GLU A 57 -5.90 9.11 -4.91
CA GLU A 57 -6.78 8.47 -5.88
C GLU A 57 -6.08 7.31 -6.61
N GLU A 58 -4.80 7.48 -6.92
CA GLU A 58 -3.97 6.49 -7.62
C GLU A 58 -3.31 5.50 -6.66
N ALA A 59 -2.99 5.94 -5.45
CA ALA A 59 -2.56 5.07 -4.35
C ALA A 59 -3.65 4.07 -3.95
N GLU A 60 -4.90 4.49 -3.75
CA GLU A 60 -6.03 3.58 -3.44
C GLU A 60 -6.15 2.43 -4.47
N LYS A 61 -6.00 2.73 -5.76
CA LYS A 61 -6.14 1.78 -6.88
C LYS A 61 -5.08 0.66 -6.87
N ASP A 62 -3.84 1.00 -6.55
CA ASP A 62 -2.77 0.00 -6.37
C ASP A 62 -2.89 -0.73 -5.03
N CYS A 63 -3.41 -0.06 -3.99
CA CYS A 63 -3.65 -0.73 -2.72
C CYS A 63 -4.73 -1.81 -2.87
N THR A 64 -5.81 -1.51 -3.61
CA THR A 64 -6.83 -2.51 -3.96
C THR A 64 -6.21 -3.64 -4.77
N GLN A 65 -5.32 -3.36 -5.73
CA GLN A 65 -4.63 -4.43 -6.45
C GLN A 65 -3.92 -5.40 -5.50
N ALA A 66 -3.16 -4.92 -4.51
CA ALA A 66 -2.51 -5.82 -3.54
C ALA A 66 -3.51 -6.71 -2.76
N ILE A 67 -4.72 -6.22 -2.52
CA ILE A 67 -5.80 -6.92 -1.79
C ILE A 67 -6.59 -7.88 -2.69
N LEU A 68 -6.59 -7.64 -4.01
CA LEU A 68 -7.16 -8.57 -5.01
C LEU A 68 -6.26 -9.80 -5.22
N LEU A 69 -4.95 -9.66 -4.97
CA LEU A 69 -4.00 -10.75 -5.11
C LEU A 69 -3.89 -11.54 -3.81
N ASP A 70 -3.57 -10.85 -2.72
CA ASP A 70 -3.31 -11.51 -1.44
C ASP A 70 -4.54 -11.66 -0.54
N GLY A 71 -5.31 -10.58 -0.38
CA GLY A 71 -6.54 -10.53 0.40
C GLY A 71 -6.33 -10.60 1.92
N SER A 72 -5.07 -10.72 2.37
CA SER A 72 -4.71 -10.80 3.77
C SER A 72 -3.52 -9.91 4.18
N TYR A 73 -3.15 -8.98 3.30
CA TYR A 73 -1.97 -8.15 3.48
C TYR A 73 -2.29 -6.92 4.34
N SER A 74 -2.00 -7.02 5.64
CA SER A 74 -2.15 -5.97 6.67
C SER A 74 -1.67 -4.59 6.18
N LYS A 75 -0.46 -4.55 5.64
CA LYS A 75 0.22 -3.35 5.13
C LYS A 75 -0.55 -2.73 3.95
N ALA A 76 -1.13 -3.52 3.04
CA ALA A 76 -1.95 -3.00 1.95
C ALA A 76 -3.29 -2.37 2.42
N PHE A 77 -3.98 -3.00 3.39
CA PHE A 77 -5.22 -2.44 3.96
C PHE A 77 -4.95 -1.13 4.71
N ALA A 78 -3.90 -1.08 5.53
CA ALA A 78 -3.49 0.14 6.25
C ALA A 78 -3.16 1.30 5.29
N ARG A 79 -2.49 1.00 4.17
CA ARG A 79 -2.23 1.97 3.09
C ARG A 79 -3.51 2.40 2.36
N ARG A 80 -4.46 1.50 2.10
CA ARG A 80 -5.73 1.87 1.44
C ARG A 80 -6.60 2.74 2.32
N GLY A 81 -6.80 2.36 3.59
CA GLY A 81 -7.52 3.17 4.56
C GLY A 81 -6.90 4.57 4.67
N THR A 82 -5.58 4.67 4.77
CA THR A 82 -4.89 5.96 4.82
C THR A 82 -5.10 6.79 3.54
N ALA A 83 -5.00 6.18 2.35
CA ALA A 83 -5.26 6.86 1.09
C ALA A 83 -6.70 7.43 1.04
N ARG A 84 -7.72 6.58 1.24
CA ARG A 84 -9.14 6.93 1.31
C ARG A 84 -9.45 8.07 2.29
N THR A 85 -8.74 8.10 3.42
CA THR A 85 -8.94 9.09 4.48
C THR A 85 -8.71 10.52 3.98
N PHE A 86 -7.62 10.73 3.25
CA PHE A 86 -7.30 12.01 2.57
C PHE A 86 -8.06 12.22 1.24
N LEU A 87 -8.57 11.14 0.65
CA LEU A 87 -9.41 11.13 -0.55
C LEU A 87 -10.87 11.52 -0.27
N GLY A 88 -11.28 11.56 1.01
CA GLY A 88 -12.65 11.88 1.44
C GLY A 88 -13.59 10.67 1.51
N LYS A 89 -13.07 9.45 1.34
CA LYS A 89 -13.80 8.17 1.42
C LYS A 89 -13.69 7.56 2.81
N LEU A 90 -13.87 8.39 3.83
CA LEU A 90 -13.62 8.07 5.23
C LEU A 90 -14.40 6.84 5.74
N ASN A 91 -15.62 6.65 5.25
CA ASN A 91 -16.46 5.50 5.55
C ASN A 91 -15.93 4.19 4.94
N GLU A 92 -15.32 4.24 3.76
CA GLU A 92 -14.64 3.06 3.19
C GLU A 92 -13.30 2.81 3.90
N ALA A 93 -12.61 3.86 4.34
CA ALA A 93 -11.42 3.73 5.18
C ALA A 93 -11.71 3.11 6.57
N LYS A 94 -12.88 3.39 7.17
CA LYS A 94 -13.39 2.69 8.37
C LYS A 94 -13.37 1.17 8.20
N GLN A 95 -13.85 0.67 7.06
CA GLN A 95 -13.91 -0.75 6.72
C GLN A 95 -12.52 -1.36 6.49
N ASP A 96 -11.56 -0.58 5.98
CA ASP A 96 -10.16 -1.03 5.83
C ASP A 96 -9.47 -1.14 7.19
N PHE A 97 -9.62 -0.15 8.07
CA PHE A 97 -9.02 -0.21 9.39
C PHE A 97 -9.66 -1.29 10.28
N GLU A 98 -10.99 -1.48 10.18
CA GLU A 98 -11.69 -2.63 10.77
C GLU A 98 -11.15 -3.98 10.23
N THR A 99 -10.64 -4.03 8.99
CA THR A 99 -10.02 -5.22 8.39
C THR A 99 -8.58 -5.45 8.84
N VAL A 100 -7.75 -4.39 9.00
CA VAL A 100 -6.40 -4.54 9.59
C VAL A 100 -6.50 -5.18 10.98
N LEU A 101 -7.55 -4.84 11.73
CA LEU A 101 -7.85 -5.42 13.04
C LEU A 101 -8.27 -6.91 13.02
N LEU A 102 -8.71 -7.46 11.88
CA LEU A 102 -8.92 -8.90 11.72
C LEU A 102 -7.59 -9.64 11.60
N LEU A 103 -6.65 -9.05 10.86
CA LEU A 103 -5.36 -9.62 10.52
C LEU A 103 -4.35 -9.57 11.70
N GLU A 104 -4.41 -8.50 12.51
CA GLU A 104 -3.69 -8.37 13.79
C GLU A 104 -4.60 -7.72 14.86
N PRO A 105 -5.12 -8.49 15.84
CA PRO A 105 -5.96 -7.96 16.93
C PRO A 105 -5.25 -6.87 17.74
N GLY A 106 -5.88 -5.70 17.85
CA GLY A 106 -5.33 -4.54 18.57
C GLY A 106 -4.17 -3.83 17.86
N ASN A 107 -4.03 -3.97 16.53
CA ASN A 107 -3.04 -3.25 15.73
C ASN A 107 -3.04 -1.73 15.96
N LYS A 108 -1.84 -1.17 16.09
CA LYS A 108 -1.58 0.23 16.50
C LYS A 108 -2.30 1.23 15.60
N GLN A 109 -2.18 1.05 14.29
CA GLN A 109 -2.91 1.82 13.30
C GLN A 109 -4.41 1.51 13.30
N ALA A 110 -4.80 0.24 13.38
CA ALA A 110 -6.21 -0.12 13.32
C ALA A 110 -7.01 0.37 14.55
N VAL A 111 -6.34 0.72 15.64
CA VAL A 111 -6.91 1.56 16.71
C VAL A 111 -6.80 3.04 16.37
N THR A 112 -5.60 3.55 16.09
CA THR A 112 -5.32 5.00 16.00
C THR A 112 -5.99 5.69 14.81
N GLU A 113 -5.94 5.07 13.63
CA GLU A 113 -6.56 5.62 12.42
C GLU A 113 -8.08 5.49 12.47
N LEU A 114 -8.59 4.34 12.93
CA LEU A 114 -10.03 4.15 13.20
C LEU A 114 -10.54 5.15 14.23
N SER A 115 -9.69 5.55 15.18
CA SER A 115 -10.04 6.55 16.20
C SER A 115 -10.22 7.95 15.61
N LYS A 116 -9.46 8.31 14.57
CA LYS A 116 -9.62 9.59 13.84
C LYS A 116 -10.93 9.65 13.03
N ILE A 117 -11.50 8.50 12.63
CA ILE A 117 -12.77 8.42 11.88
C ILE A 117 -13.94 8.95 12.72
N LYS A 118 -13.97 8.59 13.99
CA LYS A 118 -15.11 8.73 14.91
C LYS A 118 -15.19 10.11 15.60
N LYS A 119 -14.65 11.15 14.96
CA LYS A 119 -14.46 12.51 15.50
C LYS A 119 -15.14 13.60 14.67
N LYS A 120 -16.23 13.27 13.96
CA LYS A 120 -17.01 14.19 13.11
C LYS A 120 -17.82 15.22 13.92
N ASP B 1 2.45 -7.23 19.35
CA ASP B 1 2.73 -6.05 18.53
C ASP B 1 2.64 -6.35 17.03
N THR B 2 2.43 -5.31 16.22
CA THR B 2 1.81 -5.38 14.90
C THR B 2 2.50 -4.53 13.84
N SER B 3 2.08 -4.73 12.60
CA SER B 3 2.52 -4.00 11.41
C SER B 3 2.25 -2.49 11.48
N ARG B 4 3.15 -1.73 10.85
CA ARG B 4 3.07 -0.29 10.53
C ARG B 4 2.94 -0.11 9.00
N MET B 5 2.21 0.92 8.56
CA MET B 5 2.00 1.24 7.13
C MET B 5 3.29 1.51 6.35
N GLU B 6 4.19 2.29 6.96
CA GLU B 6 5.37 2.90 6.33
C GLU B 6 6.42 1.83 5.98
N GLU B 7 6.55 1.48 4.71
CA GLU B 7 7.51 0.49 4.20
C GLU B 7 7.58 0.46 2.67
N VAL B 8 8.71 0.07 2.12
CA VAL B 8 8.82 -0.63 0.82
C VAL B 8 9.65 -1.91 1.01
N ASP B 9 9.86 -2.72 -0.05
CA ASP B 9 10.56 -4.02 0.06
C ASP B 9 12.06 -3.91 0.44
N GLY A 1 13.37 -17.23 -16.11
CA GLY A 1 12.17 -17.29 -15.27
C GLY A 1 11.71 -15.90 -14.86
N PRO A 2 10.53 -15.43 -15.29
CA PRO A 2 10.05 -14.06 -15.07
C PRO A 2 10.03 -13.57 -13.62
N HIS A 3 9.94 -14.47 -12.64
CA HIS A 3 10.04 -14.13 -11.22
C HIS A 3 11.32 -13.36 -10.86
N MET A 4 12.49 -13.70 -11.46
CA MET A 4 13.73 -12.95 -11.20
C MET A 4 13.69 -11.52 -11.77
N GLN A 5 12.97 -11.31 -12.87
CA GLN A 5 12.70 -10.00 -13.45
C GLN A 5 11.71 -9.20 -12.58
N ALA A 6 10.78 -9.88 -11.90
CA ALA A 6 9.80 -9.24 -11.02
C ALA A 6 10.42 -8.85 -9.66
N ILE A 7 11.53 -9.49 -9.28
CA ILE A 7 12.44 -9.01 -8.25
C ILE A 7 13.25 -7.80 -8.74
N SER A 8 13.90 -7.86 -9.90
CA SER A 8 14.82 -6.79 -10.35
C SER A 8 14.17 -5.40 -10.36
N GLU A 9 12.97 -5.27 -10.94
CA GLU A 9 12.30 -3.96 -10.97
C GLU A 9 11.73 -3.53 -9.61
N LYS A 10 11.49 -4.48 -8.70
CA LYS A 10 11.11 -4.21 -7.31
C LYS A 10 12.29 -3.63 -6.54
N ASP A 11 13.42 -4.36 -6.51
CA ASP A 11 14.70 -3.90 -5.96
C ASP A 11 15.09 -2.50 -6.47
N ARG A 12 15.01 -2.30 -7.79
CA ARG A 12 15.25 -1.01 -8.46
C ARG A 12 14.36 0.11 -7.90
N GLY A 13 13.03 -0.09 -7.90
CA GLY A 13 12.08 0.91 -7.41
C GLY A 13 12.18 1.18 -5.92
N ASN A 14 12.54 0.18 -5.10
CA ASN A 14 12.72 0.36 -3.65
C ASN A 14 13.77 1.44 -3.38
N GLY A 15 14.93 1.36 -4.07
CA GLY A 15 16.01 2.34 -3.88
C GLY A 15 15.59 3.76 -4.25
N PHE A 16 14.84 3.93 -5.35
CA PHE A 16 14.28 5.23 -5.71
C PHE A 16 13.31 5.77 -4.66
N PHE A 17 12.49 4.92 -4.03
CA PHE A 17 11.56 5.36 -2.99
C PHE A 17 12.33 5.93 -1.78
N LYS A 18 13.47 5.32 -1.44
CA LYS A 18 14.29 5.74 -0.29
C LYS A 18 15.10 7.00 -0.56
N GLU A 19 15.45 7.25 -1.82
CA GLU A 19 16.01 8.53 -2.27
C GLU A 19 14.96 9.66 -2.36
N GLY A 20 13.70 9.38 -2.05
CA GLY A 20 12.57 10.31 -2.21
C GLY A 20 12.15 10.52 -3.67
N LYS A 21 12.69 9.72 -4.59
CA LYS A 21 12.41 9.73 -6.03
C LYS A 21 11.19 8.83 -6.31
N TYR A 22 10.06 9.21 -5.71
CA TYR A 22 8.82 8.43 -5.70
C TYR A 22 8.29 8.14 -7.11
N GLU A 23 8.28 9.14 -8.00
CA GLU A 23 7.87 8.99 -9.40
C GLU A 23 8.71 7.93 -10.14
N ARG A 24 10.04 7.92 -9.92
CA ARG A 24 10.96 6.88 -10.44
C ARG A 24 10.68 5.47 -9.89
N ALA A 25 10.35 5.34 -8.61
CA ALA A 25 9.92 4.08 -8.01
C ALA A 25 8.62 3.56 -8.65
N ILE A 26 7.63 4.44 -8.89
CA ILE A 26 6.36 4.08 -9.54
C ILE A 26 6.62 3.42 -10.91
N GLU A 27 7.50 3.99 -11.73
CA GLU A 27 7.83 3.42 -13.05
C GLU A 27 8.35 1.96 -12.93
N CYS A 28 9.30 1.74 -12.01
CA CYS A 28 9.92 0.44 -11.78
C CYS A 28 8.88 -0.61 -11.33
N TYR A 29 8.06 -0.29 -10.32
CA TYR A 29 7.02 -1.22 -9.87
C TYR A 29 5.97 -1.47 -10.96
N THR A 30 5.63 -0.47 -11.77
CA THR A 30 4.73 -0.63 -12.93
C THR A 30 5.24 -1.71 -13.87
N ARG A 31 6.55 -1.71 -14.18
CA ARG A 31 7.16 -2.74 -15.02
C ARG A 31 7.01 -4.14 -14.44
N GLY A 32 7.16 -4.29 -13.13
CA GLY A 32 6.98 -5.55 -12.40
C GLY A 32 5.53 -6.03 -12.36
N ILE A 33 4.57 -5.16 -12.02
CA ILE A 33 3.12 -5.49 -11.99
C ILE A 33 2.66 -5.97 -13.37
N ALA A 34 3.27 -5.41 -14.41
CA ALA A 34 3.02 -5.80 -15.81
C ALA A 34 3.79 -7.06 -16.24
N ALA A 35 4.94 -7.36 -15.61
CA ALA A 35 5.75 -8.55 -15.87
C ALA A 35 5.24 -9.82 -15.17
N ASP A 36 4.63 -9.68 -13.98
CA ASP A 36 4.14 -10.80 -13.14
C ASP A 36 2.63 -10.68 -12.89
N GLY A 37 2.20 -9.65 -12.15
CA GLY A 37 0.78 -9.32 -11.94
C GLY A 37 0.07 -10.20 -10.91
N ALA A 38 0.83 -10.92 -10.08
CA ALA A 38 0.34 -11.89 -9.10
C ALA A 38 0.98 -11.73 -7.71
N ASN A 39 2.11 -11.01 -7.61
CA ASN A 39 2.70 -10.61 -6.34
C ASN A 39 2.09 -9.30 -5.79
N ALA A 40 1.38 -9.37 -4.66
CA ALA A 40 0.75 -8.24 -3.98
C ALA A 40 1.74 -7.17 -3.45
N LEU A 41 3.04 -7.46 -3.34
CA LEU A 41 4.05 -6.55 -2.81
C LEU A 41 4.50 -5.50 -3.84
N LEU A 42 4.43 -5.84 -5.12
CA LEU A 42 4.74 -4.92 -6.22
C LEU A 42 3.83 -3.67 -6.24
N PRO A 43 2.49 -3.83 -6.33
CA PRO A 43 1.57 -2.71 -6.25
C PRO A 43 1.54 -2.10 -4.84
N ALA A 44 1.84 -2.88 -3.78
CA ALA A 44 1.91 -2.36 -2.40
C ALA A 44 2.97 -1.26 -2.24
N ASN A 45 4.15 -1.43 -2.85
CA ASN A 45 5.20 -0.42 -2.85
C ASN A 45 4.85 0.73 -3.82
N ARG A 46 4.19 0.43 -4.95
CA ARG A 46 3.74 1.46 -5.91
C ARG A 46 2.73 2.42 -5.29
N ALA A 47 1.76 1.89 -4.55
CA ALA A 47 0.77 2.68 -3.82
C ALA A 47 1.41 3.62 -2.79
N MET A 48 2.45 3.18 -2.08
CA MET A 48 3.20 4.06 -1.16
C MET A 48 3.76 5.28 -1.89
N ALA A 49 4.42 5.10 -3.04
CA ALA A 49 4.96 6.22 -3.80
C ALA A 49 3.86 7.19 -4.27
N TYR A 50 2.75 6.70 -4.85
CA TYR A 50 1.58 7.52 -5.19
C TYR A 50 1.04 8.31 -3.97
N LEU A 51 1.05 7.71 -2.79
CA LEU A 51 0.60 8.36 -1.56
C LEU A 51 1.56 9.49 -1.12
N LYS A 52 2.87 9.32 -1.33
CA LYS A 52 3.89 10.35 -1.05
C LYS A 52 3.88 11.53 -2.03
N ILE A 53 3.35 11.34 -3.25
CA ILE A 53 3.15 12.41 -4.24
C ILE A 53 1.73 12.97 -4.23
N GLN A 54 0.96 12.62 -3.19
CA GLN A 54 -0.38 13.12 -2.88
C GLN A 54 -1.45 12.68 -3.90
N LYS A 55 -1.15 11.68 -4.74
CA LYS A 55 -2.08 11.09 -5.71
C LYS A 55 -2.89 9.95 -5.08
N TYR A 56 -3.71 10.24 -4.06
CA TYR A 56 -4.39 9.23 -3.27
C TYR A 56 -5.43 8.43 -4.08
N GLU A 57 -6.00 9.07 -5.10
CA GLU A 57 -6.93 8.45 -6.06
C GLU A 57 -6.28 7.28 -6.80
N GLU A 58 -4.98 7.37 -7.07
CA GLU A 58 -4.18 6.30 -7.69
C GLU A 58 -3.61 5.33 -6.64
N ALA A 59 -3.21 5.84 -5.48
CA ALA A 59 -2.70 4.99 -4.38
C ALA A 59 -3.76 3.99 -3.87
N GLU A 60 -5.02 4.41 -3.72
CA GLU A 60 -6.14 3.50 -3.43
C GLU A 60 -6.20 2.30 -4.40
N LYS A 61 -6.09 2.54 -5.71
CA LYS A 61 -6.27 1.53 -6.77
C LYS A 61 -5.25 0.41 -6.70
N ASP A 62 -3.99 0.75 -6.44
CA ASP A 62 -2.90 -0.21 -6.27
C ASP A 62 -2.95 -0.90 -4.90
N CYS A 63 -3.53 -0.25 -3.89
CA CYS A 63 -3.80 -0.95 -2.64
C CYS A 63 -4.92 -1.99 -2.82
N THR A 64 -6.00 -1.64 -3.53
CA THR A 64 -7.02 -2.61 -3.96
C THR A 64 -6.41 -3.71 -4.82
N GLN A 65 -5.47 -3.39 -5.73
CA GLN A 65 -4.73 -4.43 -6.48
C GLN A 65 -4.02 -5.40 -5.53
N ALA A 66 -3.27 -4.93 -4.53
CA ALA A 66 -2.62 -5.82 -3.56
C ALA A 66 -3.63 -6.70 -2.78
N ILE A 67 -4.85 -6.21 -2.53
CA ILE A 67 -5.93 -6.94 -1.85
C ILE A 67 -6.64 -7.93 -2.81
N LEU A 68 -6.61 -7.67 -4.12
CA LEU A 68 -7.11 -8.57 -5.15
C LEU A 68 -6.19 -9.76 -5.40
N LEU A 69 -4.88 -9.62 -5.14
CA LEU A 69 -3.91 -10.70 -5.29
C LEU A 69 -3.76 -11.50 -4.01
N ASP A 70 -3.54 -10.80 -2.89
CA ASP A 70 -3.34 -11.44 -1.57
C ASP A 70 -4.65 -11.60 -0.77
N GLY A 71 -5.38 -10.51 -0.51
CA GLY A 71 -6.66 -10.53 0.20
C GLY A 71 -6.54 -10.70 1.72
N SER A 72 -5.31 -10.74 2.24
CA SER A 72 -5.00 -10.86 3.67
C SER A 72 -3.83 -9.99 4.14
N TYR A 73 -3.38 -9.06 3.29
CA TYR A 73 -2.20 -8.27 3.53
C TYR A 73 -2.53 -7.01 4.33
N SER A 74 -2.29 -7.04 5.64
CA SER A 74 -2.62 -5.95 6.57
C SER A 74 -1.99 -4.60 6.16
N LYS A 75 -0.75 -4.61 5.65
CA LYS A 75 -0.07 -3.43 5.11
C LYS A 75 -0.83 -2.80 3.93
N ALA A 76 -1.39 -3.60 3.01
CA ALA A 76 -2.18 -3.07 1.90
C ALA A 76 -3.50 -2.43 2.35
N PHE A 77 -4.19 -3.01 3.34
CA PHE A 77 -5.40 -2.42 3.92
C PHE A 77 -5.11 -1.11 4.66
N ALA A 78 -4.05 -1.06 5.47
CA ALA A 78 -3.61 0.17 6.16
C ALA A 78 -3.26 1.30 5.17
N ARG A 79 -2.59 0.96 4.06
CA ARG A 79 -2.31 1.89 2.95
C ARG A 79 -3.57 2.33 2.21
N ARG A 80 -4.58 1.46 1.96
CA ARG A 80 -5.83 1.87 1.32
C ARG A 80 -6.65 2.80 2.21
N GLY A 81 -6.84 2.44 3.48
CA GLY A 81 -7.52 3.28 4.46
C GLY A 81 -6.87 4.66 4.55
N THR A 82 -5.54 4.72 4.67
CA THR A 82 -4.81 5.99 4.70
C THR A 82 -5.01 6.80 3.40
N ALA A 83 -4.94 6.18 2.22
CA ALA A 83 -5.20 6.87 0.95
C ALA A 83 -6.63 7.48 0.92
N ARG A 84 -7.66 6.65 1.15
CA ARG A 84 -9.06 7.06 1.26
C ARG A 84 -9.34 8.19 2.26
N THR A 85 -8.59 8.24 3.34
CA THR A 85 -8.75 9.25 4.41
C THR A 85 -8.46 10.66 3.89
N PHE A 86 -7.40 10.82 3.09
CA PHE A 86 -7.05 12.04 2.35
C PHE A 86 -7.79 12.20 1.00
N LEU A 87 -8.40 11.12 0.50
CA LEU A 87 -9.24 11.12 -0.71
C LEU A 87 -10.67 11.61 -0.44
N GLY A 88 -11.17 11.54 0.80
CA GLY A 88 -12.56 11.89 1.11
C GLY A 88 -13.51 10.69 1.00
N LYS A 89 -12.99 9.46 1.19
CA LYS A 89 -13.76 8.22 1.37
C LYS A 89 -13.62 7.69 2.81
N LEU A 90 -13.94 8.54 3.77
CA LEU A 90 -13.62 8.31 5.19
C LEU A 90 -14.30 7.06 5.80
N ASN A 91 -15.57 6.82 5.46
CA ASN A 91 -16.30 5.61 5.87
C ASN A 91 -15.79 4.34 5.17
N GLU A 92 -15.35 4.43 3.91
CA GLU A 92 -14.69 3.29 3.24
C GLU A 92 -13.32 2.96 3.88
N ALA A 93 -12.61 3.98 4.37
CA ALA A 93 -11.37 3.83 5.14
C ALA A 93 -11.59 3.25 6.55
N LYS A 94 -12.67 3.63 7.25
CA LYS A 94 -13.13 3.00 8.50
C LYS A 94 -13.25 1.48 8.36
N GLN A 95 -13.83 1.00 7.26
CA GLN A 95 -13.94 -0.43 6.94
C GLN A 95 -12.59 -1.09 6.65
N ASP A 96 -11.63 -0.36 6.08
CA ASP A 96 -10.27 -0.87 5.86
C ASP A 96 -9.52 -1.01 7.18
N PHE A 97 -9.60 -0.01 8.07
CA PHE A 97 -8.93 -0.07 9.37
C PHE A 97 -9.57 -1.12 10.30
N GLU A 98 -10.89 -1.26 10.28
CA GLU A 98 -11.60 -2.39 10.92
C GLU A 98 -11.15 -3.76 10.37
N THR A 99 -10.78 -3.84 9.09
CA THR A 99 -10.24 -5.07 8.47
C THR A 99 -8.79 -5.35 8.86
N VAL A 100 -7.93 -4.33 9.01
CA VAL A 100 -6.54 -4.51 9.50
C VAL A 100 -6.56 -5.22 10.86
N LEU A 101 -7.54 -4.89 11.71
CA LEU A 101 -7.75 -5.50 13.03
C LEU A 101 -8.22 -6.97 12.99
N LEU A 102 -8.74 -7.47 11.85
CA LEU A 102 -9.03 -8.90 11.65
C LEU A 102 -7.76 -9.69 11.31
N LEU A 103 -6.82 -9.04 10.63
CA LEU A 103 -5.56 -9.62 10.13
C LEU A 103 -4.44 -9.56 11.18
N GLU A 104 -4.43 -8.54 12.03
CA GLU A 104 -3.65 -8.44 13.28
C GLU A 104 -4.53 -7.89 14.42
N PRO A 105 -5.01 -8.73 15.35
CA PRO A 105 -5.69 -8.26 16.55
C PRO A 105 -4.81 -7.32 17.37
N GLY A 106 -5.34 -6.15 17.76
CA GLY A 106 -4.62 -5.14 18.54
C GLY A 106 -3.58 -4.33 17.75
N ASN A 107 -3.62 -4.35 16.41
CA ASN A 107 -2.76 -3.58 15.51
C ASN A 107 -2.75 -2.06 15.81
N LYS A 108 -1.56 -1.48 15.84
CA LYS A 108 -1.28 -0.09 16.26
C LYS A 108 -1.92 0.92 15.31
N GLN A 109 -1.78 0.71 14.00
CA GLN A 109 -2.48 1.50 12.99
C GLN A 109 -3.99 1.33 13.11
N ALA A 110 -4.49 0.10 13.25
CA ALA A 110 -5.93 -0.14 13.26
C ALA A 110 -6.65 0.43 14.50
N VAL A 111 -5.93 0.72 15.60
CA VAL A 111 -6.45 1.59 16.67
C VAL A 111 -6.25 3.06 16.32
N THR A 112 -5.01 3.45 15.98
CA THR A 112 -4.61 4.87 15.87
C THR A 112 -5.26 5.61 14.69
N GLU A 113 -5.35 4.99 13.51
CA GLU A 113 -5.97 5.56 12.33
C GLU A 113 -7.50 5.56 12.44
N LEU A 114 -8.08 4.46 12.94
CA LEU A 114 -9.51 4.38 13.26
C LEU A 114 -9.90 5.42 14.33
N SER A 115 -8.95 5.82 15.17
CA SER A 115 -9.14 6.89 16.15
C SER A 115 -9.14 8.29 15.51
N LYS A 116 -8.43 8.51 14.39
CA LYS A 116 -8.48 9.77 13.61
C LYS A 116 -9.84 9.96 12.92
N ILE A 117 -10.58 8.88 12.64
CA ILE A 117 -11.93 8.92 12.02
C ILE A 117 -12.92 9.68 12.92
N LYS A 118 -12.86 9.43 14.23
CA LYS A 118 -13.85 9.81 15.27
C LYS A 118 -13.76 11.29 15.70
N LYS A 119 -13.52 12.17 14.72
CA LYS A 119 -13.17 13.60 14.84
C LYS A 119 -13.80 14.46 13.72
N LYS A 120 -14.86 13.99 13.07
CA LYS A 120 -15.41 14.53 11.80
C LYS A 120 -15.74 16.03 11.87
N ASP B 1 3.44 -8.11 18.22
CA ASP B 1 4.02 -7.33 17.13
C ASP B 1 3.08 -7.30 15.92
N THR B 2 2.99 -6.14 15.26
CA THR B 2 2.07 -5.89 14.14
C THR B 2 2.68 -4.92 13.12
N SER B 3 2.12 -4.89 11.91
CA SER B 3 2.66 -4.24 10.72
C SER B 3 2.61 -2.71 10.78
N ARG B 4 3.63 -2.05 10.23
CA ARG B 4 3.66 -0.60 9.93
C ARG B 4 3.28 -0.34 8.46
N MET B 5 2.60 0.76 8.19
CA MET B 5 2.28 1.19 6.81
C MET B 5 3.52 1.63 6.02
N GLU B 6 4.40 2.40 6.66
CA GLU B 6 5.58 3.08 6.10
C GLU B 6 6.77 2.12 5.84
N GLU B 7 6.66 1.33 4.78
CA GLU B 7 7.73 0.48 4.24
C GLU B 7 7.70 0.43 2.70
N VAL B 8 8.83 0.10 2.09
CA VAL B 8 8.87 -0.67 0.83
C VAL B 8 9.57 -2.02 1.05
N ASP B 9 9.66 -2.86 0.01
CA ASP B 9 10.09 -4.27 0.11
C ASP B 9 11.44 -4.50 0.81
N GLY A 1 14.23 -14.78 -16.90
CA GLY A 1 13.39 -15.69 -16.09
C GLY A 1 12.34 -14.88 -15.34
N PRO A 2 11.03 -15.17 -15.49
CA PRO A 2 9.95 -14.26 -15.06
C PRO A 2 9.98 -13.80 -13.60
N HIS A 3 10.37 -14.66 -12.65
CA HIS A 3 10.41 -14.30 -11.23
C HIS A 3 11.57 -13.32 -10.94
N MET A 4 12.77 -13.61 -11.44
CA MET A 4 13.90 -12.68 -11.30
C MET A 4 13.67 -11.36 -12.06
N GLN A 5 12.96 -11.41 -13.19
CA GLN A 5 12.49 -10.23 -13.96
C GLN A 5 11.42 -9.41 -13.22
N ALA A 6 10.75 -9.99 -12.22
CA ALA A 6 9.79 -9.31 -11.34
C ALA A 6 10.44 -8.77 -10.06
N ILE A 7 11.45 -9.46 -9.51
CA ILE A 7 12.25 -8.98 -8.39
C ILE A 7 13.14 -7.81 -8.81
N SER A 8 13.78 -7.88 -9.98
CA SER A 8 14.69 -6.84 -10.47
C SER A 8 14.07 -5.45 -10.45
N GLU A 9 12.82 -5.31 -10.89
CA GLU A 9 12.15 -4.00 -10.92
C GLU A 9 11.64 -3.56 -9.53
N LYS A 10 11.41 -4.52 -8.62
CA LYS A 10 11.12 -4.23 -7.20
C LYS A 10 12.38 -3.69 -6.52
N ASP A 11 13.48 -4.45 -6.58
CA ASP A 11 14.81 -4.07 -6.08
C ASP A 11 15.30 -2.73 -6.66
N ARG A 12 15.02 -2.46 -7.95
CA ARG A 12 15.23 -1.15 -8.61
C ARG A 12 14.39 -0.05 -8.01
N GLY A 13 13.06 -0.20 -8.00
CA GLY A 13 12.13 0.83 -7.51
C GLY A 13 12.28 1.12 -6.02
N ASN A 14 12.64 0.12 -5.20
CA ASN A 14 12.92 0.34 -3.78
C ASN A 14 14.04 1.38 -3.63
N GLY A 15 15.15 1.24 -4.37
CA GLY A 15 16.25 2.22 -4.38
C GLY A 15 15.81 3.64 -4.76
N PHE A 16 15.02 3.79 -5.82
CA PHE A 16 14.42 5.09 -6.17
C PHE A 16 13.54 5.65 -5.05
N PHE A 17 12.82 4.82 -4.29
CA PHE A 17 11.99 5.27 -3.17
C PHE A 17 12.87 5.79 -2.03
N LYS A 18 14.05 5.19 -1.80
CA LYS A 18 14.98 5.61 -0.74
C LYS A 18 15.73 6.90 -1.07
N GLU A 19 15.95 7.17 -2.35
CA GLU A 19 16.48 8.45 -2.83
C GLU A 19 15.42 9.58 -2.86
N GLY A 20 14.18 9.30 -2.43
CA GLY A 20 13.06 10.25 -2.50
C GLY A 20 12.56 10.50 -3.93
N LYS A 21 12.98 9.67 -4.90
CA LYS A 21 12.60 9.72 -6.31
C LYS A 21 11.32 8.90 -6.53
N TYR A 22 10.28 9.23 -5.77
CA TYR A 22 9.05 8.44 -5.65
C TYR A 22 8.43 8.10 -7.03
N GLU A 23 8.35 9.08 -7.92
CA GLU A 23 7.82 8.94 -9.28
C GLU A 23 8.58 7.90 -10.13
N ARG A 24 9.89 7.81 -9.92
CA ARG A 24 10.80 6.83 -10.57
C ARG A 24 10.70 5.42 -10.00
N ALA A 25 10.40 5.28 -8.70
CA ALA A 25 10.01 4.01 -8.09
C ALA A 25 8.69 3.49 -8.66
N ILE A 26 7.68 4.37 -8.80
CA ILE A 26 6.39 4.02 -9.44
C ILE A 26 6.61 3.37 -10.81
N GLU A 27 7.48 3.94 -11.65
CA GLU A 27 7.77 3.37 -12.97
C GLU A 27 8.29 1.92 -12.88
N CYS A 28 9.28 1.69 -12.02
CA CYS A 28 9.88 0.36 -11.84
C CYS A 28 8.85 -0.67 -11.36
N TYR A 29 8.07 -0.35 -10.33
CA TYR A 29 7.03 -1.25 -9.86
C TYR A 29 5.94 -1.48 -10.93
N THR A 30 5.62 -0.47 -11.74
CA THR A 30 4.69 -0.60 -12.88
C THR A 30 5.16 -1.67 -13.85
N ARG A 31 6.47 -1.67 -14.19
CA ARG A 31 7.06 -2.71 -15.07
C ARG A 31 6.91 -4.11 -14.47
N GLY A 32 7.09 -4.25 -13.15
CA GLY A 32 6.85 -5.51 -12.43
C GLY A 32 5.38 -5.93 -12.45
N ILE A 33 4.43 -5.04 -12.11
CA ILE A 33 2.99 -5.33 -12.08
C ILE A 33 2.49 -5.75 -13.49
N ALA A 34 3.10 -5.19 -14.52
CA ALA A 34 2.84 -5.54 -15.92
C ALA A 34 3.53 -6.84 -16.37
N ALA A 35 4.69 -7.17 -15.80
CA ALA A 35 5.48 -8.36 -16.11
C ALA A 35 5.05 -9.62 -15.33
N ASP A 36 4.44 -9.45 -14.16
CA ASP A 36 4.08 -10.52 -13.22
C ASP A 36 2.61 -10.42 -12.81
N GLY A 37 2.25 -9.30 -12.16
CA GLY A 37 0.88 -8.91 -11.84
C GLY A 37 0.22 -9.71 -10.73
N ALA A 38 0.96 -10.62 -10.10
CA ALA A 38 0.46 -11.65 -9.21
C ALA A 38 1.10 -11.61 -7.82
N ASN A 39 2.27 -10.98 -7.67
CA ASN A 39 2.87 -10.63 -6.39
C ASN A 39 2.24 -9.34 -5.82
N ALA A 40 1.53 -9.45 -4.69
CA ALA A 40 0.89 -8.34 -4.00
C ALA A 40 1.85 -7.24 -3.48
N LEU A 41 3.16 -7.52 -3.40
CA LEU A 41 4.19 -6.61 -2.89
C LEU A 41 4.58 -5.53 -3.91
N LEU A 42 4.50 -5.84 -5.20
CA LEU A 42 4.77 -4.89 -6.27
C LEU A 42 3.84 -3.66 -6.25
N PRO A 43 2.51 -3.83 -6.32
CA PRO A 43 1.57 -2.71 -6.23
C PRO A 43 1.54 -2.11 -4.81
N ALA A 44 1.86 -2.89 -3.76
CA ALA A 44 1.96 -2.39 -2.38
C ALA A 44 3.06 -1.34 -2.20
N ASN A 45 4.23 -1.54 -2.83
CA ASN A 45 5.30 -0.55 -2.85
C ASN A 45 4.94 0.62 -3.81
N ARG A 46 4.26 0.34 -4.94
CA ARG A 46 3.80 1.39 -5.89
C ARG A 46 2.82 2.37 -5.25
N ALA A 47 1.85 1.86 -4.49
CA ALA A 47 0.87 2.66 -3.77
C ALA A 47 1.52 3.58 -2.73
N MET A 48 2.56 3.12 -2.02
CA MET A 48 3.30 3.97 -1.09
C MET A 48 3.91 5.19 -1.78
N ALA A 49 4.53 5.03 -2.95
CA ALA A 49 5.10 6.16 -3.67
C ALA A 49 4.01 7.16 -4.15
N TYR A 50 2.89 6.68 -4.71
CA TYR A 50 1.73 7.54 -5.02
C TYR A 50 1.24 8.31 -3.77
N LEU A 51 1.24 7.66 -2.60
CA LEU A 51 0.79 8.29 -1.36
C LEU A 51 1.77 9.37 -0.84
N LYS A 52 3.08 9.17 -1.06
CA LYS A 52 4.12 10.19 -0.79
C LYS A 52 4.08 11.39 -1.72
N ILE A 53 3.52 11.27 -2.93
CA ILE A 53 3.25 12.38 -3.85
C ILE A 53 1.81 12.88 -3.75
N GLN A 54 1.07 12.43 -2.73
CA GLN A 54 -0.28 12.88 -2.39
C GLN A 54 -1.31 12.54 -3.47
N LYS A 55 -0.99 11.58 -4.36
CA LYS A 55 -1.92 10.99 -5.34
C LYS A 55 -2.74 9.88 -4.69
N TYR A 56 -3.52 10.21 -3.67
CA TYR A 56 -4.28 9.22 -2.90
C TYR A 56 -5.33 8.52 -3.76
N GLU A 57 -5.86 9.24 -4.75
CA GLU A 57 -6.80 8.72 -5.75
C GLU A 57 -6.22 7.52 -6.52
N GLU A 58 -4.92 7.54 -6.85
CA GLU A 58 -4.24 6.42 -7.50
C GLU A 58 -3.70 5.40 -6.47
N ALA A 59 -3.23 5.86 -5.31
CA ALA A 59 -2.71 4.98 -4.24
C ALA A 59 -3.78 4.04 -3.67
N GLU A 60 -5.03 4.48 -3.52
CA GLU A 60 -6.18 3.61 -3.20
C GLU A 60 -6.25 2.38 -4.13
N LYS A 61 -6.09 2.58 -5.44
CA LYS A 61 -6.30 1.57 -6.49
C LYS A 61 -5.24 0.47 -6.45
N ASP A 62 -3.97 0.86 -6.34
CA ASP A 62 -2.87 -0.10 -6.20
C ASP A 62 -2.88 -0.84 -4.86
N CYS A 63 -3.44 -0.21 -3.82
CA CYS A 63 -3.73 -0.92 -2.58
C CYS A 63 -4.83 -1.98 -2.77
N THR A 64 -5.91 -1.65 -3.49
CA THR A 64 -6.93 -2.63 -3.90
C THR A 64 -6.29 -3.78 -4.69
N GLN A 65 -5.39 -3.51 -5.64
CA GLN A 65 -4.69 -4.57 -6.37
C GLN A 65 -3.94 -5.52 -5.44
N ALA A 66 -3.19 -5.03 -4.46
CA ALA A 66 -2.50 -5.91 -3.50
C ALA A 66 -3.46 -6.80 -2.68
N ILE A 67 -4.69 -6.34 -2.45
CA ILE A 67 -5.73 -7.06 -1.70
C ILE A 67 -6.46 -8.07 -2.61
N LEU A 68 -6.48 -7.85 -3.93
CA LEU A 68 -7.00 -8.81 -4.90
C LEU A 68 -6.11 -10.05 -5.04
N LEU A 69 -4.78 -9.89 -4.92
CA LEU A 69 -3.80 -10.96 -5.11
C LEU A 69 -3.60 -11.75 -3.83
N ASP A 70 -3.39 -11.04 -2.72
CA ASP A 70 -3.14 -11.69 -1.41
C ASP A 70 -4.40 -11.82 -0.55
N GLY A 71 -5.12 -10.72 -0.32
CA GLY A 71 -6.37 -10.69 0.45
C GLY A 71 -6.18 -10.74 1.97
N SER A 72 -4.93 -10.76 2.42
CA SER A 72 -4.55 -10.83 3.84
C SER A 72 -3.45 -9.86 4.24
N TYR A 73 -3.04 -8.96 3.34
CA TYR A 73 -1.88 -8.10 3.54
C TYR A 73 -2.24 -6.84 4.36
N SER A 74 -1.95 -6.84 5.66
CA SER A 74 -2.37 -5.78 6.60
C SER A 74 -1.81 -4.40 6.24
N LYS A 75 -0.57 -4.33 5.74
CA LYS A 75 0.02 -3.10 5.19
C LYS A 75 -0.77 -2.55 3.98
N ALA A 76 -1.26 -3.40 3.08
CA ALA A 76 -2.07 -2.94 1.94
C ALA A 76 -3.42 -2.34 2.37
N PHE A 77 -4.09 -2.95 3.35
CA PHE A 77 -5.34 -2.41 3.91
C PHE A 77 -5.09 -1.07 4.64
N ALA A 78 -4.06 -0.98 5.48
CA ALA A 78 -3.69 0.26 6.17
C ALA A 78 -3.38 1.39 5.16
N ARG A 79 -2.64 1.09 4.08
CA ARG A 79 -2.35 2.06 3.01
C ARG A 79 -3.61 2.48 2.24
N ARG A 80 -4.56 1.58 1.96
CA ARG A 80 -5.84 1.94 1.32
C ARG A 80 -6.68 2.86 2.20
N GLY A 81 -6.83 2.50 3.48
CA GLY A 81 -7.57 3.30 4.44
C GLY A 81 -6.99 4.71 4.55
N THR A 82 -5.67 4.83 4.72
CA THR A 82 -5.01 6.15 4.81
C THR A 82 -5.16 6.97 3.53
N ALA A 83 -5.07 6.35 2.34
CA ALA A 83 -5.31 7.03 1.07
C ALA A 83 -6.74 7.62 1.02
N ARG A 84 -7.76 6.77 1.18
CA ARG A 84 -9.19 7.15 1.24
C ARG A 84 -9.51 8.23 2.26
N THR A 85 -8.80 8.23 3.39
CA THR A 85 -9.03 9.17 4.50
C THR A 85 -8.77 10.62 4.09
N PHE A 86 -7.70 10.88 3.33
CA PHE A 86 -7.45 12.18 2.68
C PHE A 86 -8.34 12.44 1.46
N LEU A 87 -8.77 11.37 0.77
CA LEU A 87 -9.60 11.44 -0.44
C LEU A 87 -11.05 11.83 -0.14
N GLY A 88 -11.52 11.58 1.10
CA GLY A 88 -12.89 11.83 1.57
C GLY A 88 -13.76 10.57 1.63
N LYS A 89 -13.24 9.41 1.23
CA LYS A 89 -13.93 8.09 1.29
C LYS A 89 -13.81 7.47 2.68
N LEU A 90 -14.13 8.27 3.69
CA LEU A 90 -13.83 8.01 5.09
C LEU A 90 -14.52 6.77 5.66
N ASN A 91 -15.74 6.47 5.20
CA ASN A 91 -16.46 5.25 5.57
C ASN A 91 -15.92 4.00 4.86
N GLU A 92 -15.41 4.11 3.63
CA GLU A 92 -14.69 3.00 3.00
C GLU A 92 -13.32 2.74 3.65
N ALA A 93 -12.66 3.80 4.13
CA ALA A 93 -11.47 3.71 4.98
C ALA A 93 -11.73 3.12 6.38
N LYS A 94 -12.87 3.44 7.01
CA LYS A 94 -13.35 2.79 8.24
C LYS A 94 -13.41 1.27 8.11
N GLN A 95 -13.88 0.77 6.96
CA GLN A 95 -13.92 -0.67 6.62
C GLN A 95 -12.51 -1.25 6.42
N ASP A 96 -11.55 -0.47 5.92
CA ASP A 96 -10.16 -0.92 5.78
C ASP A 96 -9.50 -1.06 7.16
N PHE A 97 -9.65 -0.07 8.04
CA PHE A 97 -9.02 -0.11 9.36
C PHE A 97 -9.65 -1.17 10.28
N GLU A 98 -10.97 -1.33 10.23
CA GLU A 98 -11.67 -2.45 10.86
C GLU A 98 -11.21 -3.81 10.29
N THR A 99 -10.78 -3.89 9.01
CA THR A 99 -10.19 -5.10 8.43
C THR A 99 -8.75 -5.33 8.88
N VAL A 100 -7.92 -4.29 9.06
CA VAL A 100 -6.56 -4.45 9.61
C VAL A 100 -6.64 -5.11 10.99
N LEU A 101 -7.68 -4.82 11.77
CA LEU A 101 -7.96 -5.46 13.06
C LEU A 101 -8.35 -6.96 12.97
N LEU A 102 -8.76 -7.47 11.80
CA LEU A 102 -8.98 -8.91 11.56
C LEU A 102 -7.67 -9.64 11.21
N LEU A 103 -6.70 -8.91 10.65
CA LEU A 103 -5.39 -9.40 10.19
C LEU A 103 -4.30 -9.30 11.26
N GLU A 104 -4.42 -8.34 12.18
CA GLU A 104 -3.67 -8.25 13.45
C GLU A 104 -4.60 -7.71 14.56
N PRO A 105 -5.10 -8.56 15.48
CA PRO A 105 -5.88 -8.11 16.63
C PRO A 105 -5.15 -7.07 17.49
N GLY A 106 -5.82 -5.96 17.77
CA GLY A 106 -5.28 -4.83 18.56
C GLY A 106 -4.23 -3.96 17.85
N ASN A 107 -4.09 -4.06 16.53
CA ASN A 107 -3.10 -3.36 15.71
C ASN A 107 -3.04 -1.83 15.93
N LYS A 108 -1.82 -1.28 15.97
CA LYS A 108 -1.50 0.12 16.27
C LYS A 108 -2.21 1.10 15.33
N GLN A 109 -2.15 0.84 14.03
CA GLN A 109 -2.86 1.59 12.99
C GLN A 109 -4.38 1.35 13.08
N ALA A 110 -4.81 0.10 13.22
CA ALA A 110 -6.23 -0.21 13.25
C ALA A 110 -6.98 0.41 14.44
N VAL A 111 -6.28 0.77 15.51
CA VAL A 111 -6.80 1.68 16.55
C VAL A 111 -6.60 3.15 16.16
N THR A 112 -5.36 3.55 15.89
CA THR A 112 -4.97 4.98 15.78
C THR A 112 -5.57 5.68 14.56
N GLU A 113 -5.57 5.03 13.40
CA GLU A 113 -6.14 5.60 12.18
C GLU A 113 -7.67 5.58 12.22
N LEU A 114 -8.28 4.50 12.75
CA LEU A 114 -9.71 4.46 13.04
C LEU A 114 -10.12 5.56 14.04
N SER A 115 -9.20 5.96 14.92
CA SER A 115 -9.42 7.06 15.85
C SER A 115 -9.39 8.45 15.15
N LYS A 116 -8.69 8.59 14.02
CA LYS A 116 -8.77 9.78 13.13
C LYS A 116 -10.12 9.88 12.39
N ILE A 117 -10.89 8.79 12.33
CA ILE A 117 -12.27 8.74 11.80
C ILE A 117 -13.25 9.23 12.88
N LYS A 118 -13.07 8.75 14.12
CA LYS A 118 -14.04 8.85 15.21
C LYS A 118 -13.88 10.07 16.12
N LYS A 119 -12.65 10.52 16.38
CA LYS A 119 -12.27 11.75 17.12
C LYS A 119 -12.99 11.96 18.47
N LYS A 120 -13.13 10.88 19.26
CA LYS A 120 -13.68 10.82 20.63
C LYS A 120 -12.72 10.20 21.64
N ASP B 1 4.03 -8.24 17.73
CA ASP B 1 3.83 -6.83 17.35
C ASP B 1 3.26 -6.71 15.93
N THR B 2 2.62 -5.57 15.65
CA THR B 2 1.78 -5.34 14.47
C THR B 2 2.37 -4.28 13.52
N SER B 3 1.76 -4.16 12.35
CA SER B 3 2.37 -3.50 11.19
C SER B 3 2.22 -1.98 11.17
N ARG B 4 3.31 -1.27 10.86
CA ARG B 4 3.33 0.16 10.51
C ARG B 4 3.12 0.33 9.01
N MET B 5 2.30 1.29 8.59
CA MET B 5 1.94 1.49 7.17
C MET B 5 3.14 1.77 6.26
N GLU B 6 3.98 2.76 6.61
CA GLU B 6 4.96 3.34 5.68
C GLU B 6 6.26 2.53 5.63
N GLU B 7 6.36 1.69 4.59
CA GLU B 7 7.43 0.71 4.38
C GLU B 7 7.46 0.32 2.88
N VAL B 8 8.60 -0.10 2.35
CA VAL B 8 8.72 -0.79 1.05
C VAL B 8 9.41 -2.14 1.22
N ASP B 9 9.76 -2.87 0.15
CA ASP B 9 10.52 -4.12 0.28
C ASP B 9 11.98 -3.92 0.73
N GLY A 1 14.67 -15.03 -15.47
CA GLY A 1 13.54 -15.71 -14.80
C GLY A 1 12.45 -14.71 -14.51
N PRO A 2 11.18 -14.96 -14.88
CA PRO A 2 10.12 -13.96 -14.74
C PRO A 2 9.89 -13.49 -13.29
N HIS A 3 9.86 -14.41 -12.33
CA HIS A 3 9.73 -14.07 -10.90
C HIS A 3 10.95 -13.31 -10.37
N MET A 4 12.16 -13.68 -10.78
CA MET A 4 13.40 -12.99 -10.38
C MET A 4 13.51 -11.60 -11.02
N GLN A 5 13.01 -11.39 -12.25
CA GLN A 5 12.85 -10.05 -12.82
C GLN A 5 11.79 -9.24 -12.06
N ALA A 6 10.72 -9.87 -11.58
CA ALA A 6 9.65 -9.17 -10.85
C ALA A 6 10.17 -8.64 -9.50
N ILE A 7 11.06 -9.42 -8.87
CA ILE A 7 11.90 -8.94 -7.77
C ILE A 7 12.87 -7.85 -8.22
N SER A 8 13.59 -8.00 -9.34
CA SER A 8 14.58 -7.01 -9.77
C SER A 8 13.97 -5.62 -10.02
N GLU A 9 12.81 -5.53 -10.68
CA GLU A 9 12.10 -4.26 -10.85
C GLU A 9 11.58 -3.68 -9.51
N LYS A 10 11.33 -4.54 -8.51
CA LYS A 10 10.95 -4.15 -7.14
C LYS A 10 12.15 -3.61 -6.36
N ASP A 11 13.24 -4.38 -6.33
CA ASP A 11 14.53 -4.06 -5.72
C ASP A 11 15.07 -2.71 -6.27
N ARG A 12 14.90 -2.48 -7.58
CA ARG A 12 15.18 -1.19 -8.25
C ARG A 12 14.31 -0.04 -7.75
N GLY A 13 12.98 -0.17 -7.82
CA GLY A 13 12.07 0.90 -7.40
C GLY A 13 12.15 1.24 -5.92
N ASN A 14 12.42 0.25 -5.05
CA ASN A 14 12.61 0.47 -3.62
C ASN A 14 13.71 1.51 -3.36
N GLY A 15 14.84 1.43 -4.06
CA GLY A 15 15.92 2.41 -3.90
C GLY A 15 15.54 3.83 -4.30
N PHE A 16 14.79 3.99 -5.40
CA PHE A 16 14.28 5.29 -5.83
C PHE A 16 13.27 5.89 -4.82
N PHE A 17 12.48 5.06 -4.14
CA PHE A 17 11.54 5.54 -3.12
C PHE A 17 12.28 6.16 -1.93
N LYS A 18 13.42 5.57 -1.55
CA LYS A 18 14.23 6.07 -0.41
C LYS A 18 15.01 7.33 -0.75
N GLU A 19 15.41 7.46 -2.02
CA GLU A 19 15.94 8.71 -2.59
C GLU A 19 14.87 9.81 -2.72
N GLY A 20 13.59 9.51 -2.47
CA GLY A 20 12.47 10.46 -2.66
C GLY A 20 12.13 10.72 -4.13
N LYS A 21 12.59 9.84 -5.03
CA LYS A 21 12.28 9.80 -6.47
C LYS A 21 11.06 8.89 -6.67
N TYR A 22 9.93 9.31 -6.08
CA TYR A 22 8.71 8.52 -5.97
C TYR A 22 8.19 8.09 -7.35
N GLU A 23 8.24 8.97 -8.36
CA GLU A 23 7.89 8.63 -9.74
C GLU A 23 8.80 7.56 -10.33
N ARG A 24 10.13 7.69 -10.21
CA ARG A 24 11.08 6.65 -10.66
C ARG A 24 10.82 5.29 -10.00
N ALA A 25 10.42 5.25 -8.73
CA ALA A 25 9.95 4.03 -8.07
C ALA A 25 8.68 3.48 -8.74
N ILE A 26 7.67 4.32 -8.97
CA ILE A 26 6.42 3.96 -9.66
C ILE A 26 6.67 3.38 -11.06
N GLU A 27 7.55 4.00 -11.84
CA GLU A 27 7.96 3.50 -13.16
C GLU A 27 8.49 2.07 -13.11
N CYS A 28 9.36 1.78 -12.13
CA CYS A 28 9.95 0.46 -11.95
C CYS A 28 8.91 -0.57 -11.52
N TYR A 29 8.12 -0.29 -10.48
CA TYR A 29 7.12 -1.25 -9.98
C TYR A 29 6.08 -1.58 -11.06
N THR A 30 5.72 -0.61 -11.89
CA THR A 30 4.83 -0.81 -13.05
C THR A 30 5.35 -1.93 -13.96
N ARG A 31 6.66 -1.97 -14.24
CA ARG A 31 7.26 -3.02 -15.08
C ARG A 31 7.08 -4.41 -14.47
N GLY A 32 7.25 -4.53 -13.15
CA GLY A 32 7.01 -5.76 -12.39
C GLY A 32 5.55 -6.21 -12.39
N ILE A 33 4.61 -5.31 -12.07
CA ILE A 33 3.16 -5.61 -12.07
C ILE A 33 2.69 -6.05 -13.47
N ALA A 34 3.35 -5.52 -14.51
CA ALA A 34 3.12 -5.87 -15.90
C ALA A 34 3.89 -7.12 -16.40
N ALA A 35 4.95 -7.55 -15.71
CA ALA A 35 5.76 -8.74 -15.97
C ALA A 35 5.26 -10.01 -15.24
N ASP A 36 4.64 -9.84 -14.06
CA ASP A 36 4.14 -10.92 -13.19
C ASP A 36 2.65 -10.79 -12.91
N GLY A 37 2.24 -9.72 -12.22
CA GLY A 37 0.82 -9.39 -11.98
C GLY A 37 0.13 -10.27 -10.92
N ALA A 38 0.88 -10.94 -10.06
CA ALA A 38 0.41 -11.91 -9.07
C ALA A 38 1.03 -11.71 -7.67
N ASN A 39 2.19 -11.05 -7.58
CA ASN A 39 2.79 -10.65 -6.31
C ASN A 39 2.18 -9.33 -5.80
N ALA A 40 1.38 -9.41 -4.73
CA ALA A 40 0.75 -8.27 -4.05
C ALA A 40 1.71 -7.21 -3.49
N LEU A 41 3.02 -7.50 -3.40
CA LEU A 41 4.04 -6.59 -2.85
C LEU A 41 4.47 -5.51 -3.85
N LEU A 42 4.38 -5.81 -5.15
CA LEU A 42 4.69 -4.89 -6.23
C LEU A 42 3.78 -3.65 -6.26
N PRO A 43 2.45 -3.80 -6.38
CA PRO A 43 1.53 -2.67 -6.32
C PRO A 43 1.51 -2.04 -4.90
N ALA A 44 1.82 -2.81 -3.85
CA ALA A 44 1.90 -2.29 -2.47
C ALA A 44 2.98 -1.21 -2.32
N ASN A 45 4.15 -1.43 -2.92
CA ASN A 45 5.22 -0.43 -2.93
C ASN A 45 4.88 0.73 -3.90
N ARG A 46 4.21 0.45 -5.03
CA ARG A 46 3.77 1.49 -6.00
C ARG A 46 2.76 2.47 -5.40
N ALA A 47 1.80 1.98 -4.62
CA ALA A 47 0.82 2.81 -3.92
C ALA A 47 1.47 3.73 -2.86
N MET A 48 2.51 3.26 -2.17
CA MET A 48 3.24 4.09 -1.19
C MET A 48 3.84 5.34 -1.84
N ALA A 49 4.45 5.21 -3.02
CA ALA A 49 4.99 6.35 -3.76
C ALA A 49 3.90 7.37 -4.13
N TYR A 50 2.79 6.93 -4.74
CA TYR A 50 1.61 7.78 -5.03
C TYR A 50 1.07 8.47 -3.76
N LEU A 51 1.11 7.82 -2.60
CA LEU A 51 0.66 8.42 -1.34
C LEU A 51 1.64 9.49 -0.81
N LYS A 52 2.96 9.31 -0.98
CA LYS A 52 3.97 10.34 -0.64
C LYS A 52 3.83 11.61 -1.48
N ILE A 53 3.38 11.51 -2.73
CA ILE A 53 3.18 12.64 -3.64
C ILE A 53 1.75 13.20 -3.57
N GLN A 54 0.95 12.73 -2.61
CA GLN A 54 -0.42 13.18 -2.34
C GLN A 54 -1.39 12.91 -3.50
N LYS A 55 -1.10 11.86 -4.28
CA LYS A 55 -1.98 11.27 -5.30
C LYS A 55 -2.74 10.06 -4.75
N TYR A 56 -3.57 10.29 -3.71
CA TYR A 56 -4.29 9.24 -3.00
C TYR A 56 -5.29 8.50 -3.88
N GLU A 57 -5.81 9.14 -4.93
CA GLU A 57 -6.79 8.56 -5.85
C GLU A 57 -6.20 7.38 -6.64
N GLU A 58 -4.90 7.44 -6.97
CA GLU A 58 -4.16 6.35 -7.62
C GLU A 58 -3.57 5.35 -6.60
N ALA A 59 -3.16 5.84 -5.43
CA ALA A 59 -2.69 4.99 -4.35
C ALA A 59 -3.79 4.02 -3.83
N GLU A 60 -5.03 4.49 -3.66
CA GLU A 60 -6.19 3.62 -3.35
C GLU A 60 -6.28 2.40 -4.30
N LYS A 61 -6.17 2.61 -5.62
CA LYS A 61 -6.35 1.59 -6.66
C LYS A 61 -5.32 0.48 -6.61
N ASP A 62 -4.05 0.83 -6.37
CA ASP A 62 -2.96 -0.14 -6.25
C ASP A 62 -2.96 -0.84 -4.88
N CYS A 63 -3.48 -0.17 -3.85
CA CYS A 63 -3.72 -0.86 -2.58
C CYS A 63 -4.82 -1.91 -2.72
N THR A 64 -5.90 -1.59 -3.44
CA THR A 64 -6.91 -2.60 -3.84
C THR A 64 -6.27 -3.72 -4.64
N GLN A 65 -5.39 -3.43 -5.61
CA GLN A 65 -4.70 -4.48 -6.38
C GLN A 65 -3.99 -5.48 -5.46
N ALA A 66 -3.22 -5.03 -4.47
CA ALA A 66 -2.56 -5.93 -3.52
C ALA A 66 -3.55 -6.82 -2.73
N ILE A 67 -4.78 -6.34 -2.48
CA ILE A 67 -5.84 -7.05 -1.75
C ILE A 67 -6.59 -8.02 -2.68
N LEU A 68 -6.62 -7.77 -3.98
CA LEU A 68 -7.19 -8.67 -4.99
C LEU A 68 -6.34 -9.94 -5.18
N LEU A 69 -5.01 -9.80 -5.10
CA LEU A 69 -4.07 -10.90 -5.31
C LEU A 69 -3.87 -11.74 -4.05
N ASP A 70 -3.60 -11.05 -2.92
CA ASP A 70 -3.30 -11.72 -1.64
C ASP A 70 -4.52 -11.85 -0.70
N GLY A 71 -5.25 -10.75 -0.46
CA GLY A 71 -6.48 -10.73 0.32
C GLY A 71 -6.29 -10.82 1.84
N SER A 72 -5.04 -10.86 2.30
CA SER A 72 -4.70 -10.96 3.71
C SER A 72 -3.63 -9.98 4.20
N TYR A 73 -3.21 -9.06 3.33
CA TYR A 73 -2.05 -8.22 3.58
C TYR A 73 -2.41 -6.97 4.42
N SER A 74 -2.12 -7.01 5.73
CA SER A 74 -2.44 -5.92 6.68
C SER A 74 -1.84 -4.57 6.25
N LYS A 75 -0.60 -4.56 5.73
CA LYS A 75 0.04 -3.35 5.17
C LYS A 75 -0.77 -2.74 4.01
N ALA A 76 -1.29 -3.55 3.08
CA ALA A 76 -2.08 -3.05 1.95
C ALA A 76 -3.41 -2.40 2.38
N PHE A 77 -4.14 -3.00 3.33
CA PHE A 77 -5.37 -2.41 3.86
C PHE A 77 -5.10 -1.10 4.61
N ALA A 78 -4.04 -1.05 5.45
CA ALA A 78 -3.64 0.16 6.16
C ALA A 78 -3.29 1.32 5.19
N ARG A 79 -2.62 1.02 4.08
CA ARG A 79 -2.34 1.99 3.02
C ARG A 79 -3.60 2.44 2.27
N ARG A 80 -4.58 1.56 2.01
CA ARG A 80 -5.84 1.96 1.37
C ARG A 80 -6.68 2.87 2.27
N GLY A 81 -6.88 2.48 3.54
CA GLY A 81 -7.58 3.31 4.53
C GLY A 81 -6.93 4.69 4.68
N THR A 82 -5.60 4.74 4.76
CA THR A 82 -4.86 6.02 4.83
C THR A 82 -5.13 6.88 3.59
N ALA A 83 -5.03 6.31 2.39
CA ALA A 83 -5.30 7.03 1.14
C ALA A 83 -6.74 7.61 1.12
N ARG A 84 -7.74 6.75 1.35
CA ARG A 84 -9.17 7.13 1.43
C ARG A 84 -9.47 8.23 2.43
N THR A 85 -8.75 8.28 3.54
CA THR A 85 -8.92 9.30 4.60
C THR A 85 -8.69 10.71 4.06
N PHE A 86 -7.63 10.89 3.27
CA PHE A 86 -7.35 12.15 2.57
C PHE A 86 -8.17 12.31 1.27
N LEU A 87 -8.65 11.22 0.69
CA LEU A 87 -9.49 11.22 -0.52
C LEU A 87 -10.94 11.65 -0.25
N GLY A 88 -11.36 11.64 1.02
CA GLY A 88 -12.71 11.98 1.46
C GLY A 88 -13.65 10.78 1.56
N LYS A 89 -13.16 9.56 1.27
CA LYS A 89 -13.92 8.30 1.38
C LYS A 89 -13.81 7.74 2.79
N LEU A 90 -14.13 8.57 3.78
CA LEU A 90 -13.82 8.33 5.19
C LEU A 90 -14.51 7.09 5.76
N ASN A 91 -15.74 6.80 5.32
CA ASN A 91 -16.44 5.55 5.64
C ASN A 91 -15.77 4.33 5.01
N GLU A 92 -15.33 4.42 3.75
CA GLU A 92 -14.59 3.31 3.11
C GLU A 92 -13.23 3.06 3.81
N ALA A 93 -12.59 4.12 4.32
CA ALA A 93 -11.38 4.01 5.14
C ALA A 93 -11.63 3.38 6.53
N LYS A 94 -12.74 3.73 7.21
CA LYS A 94 -13.19 3.07 8.44
C LYS A 94 -13.28 1.55 8.28
N GLN A 95 -13.83 1.09 7.16
CA GLN A 95 -13.95 -0.33 6.83
C GLN A 95 -12.59 -1.00 6.62
N ASP A 96 -11.63 -0.28 6.02
CA ASP A 96 -10.30 -0.81 5.76
C ASP A 96 -9.47 -0.90 7.04
N PHE A 97 -9.51 0.11 7.90
CA PHE A 97 -8.82 0.05 9.19
C PHE A 97 -9.44 -1.01 10.11
N GLU A 98 -10.77 -1.14 10.13
CA GLU A 98 -11.44 -2.26 10.78
C GLU A 98 -11.06 -3.61 10.19
N THR A 99 -10.72 -3.71 8.89
CA THR A 99 -10.21 -4.93 8.26
C THR A 99 -8.77 -5.24 8.68
N VAL A 100 -7.90 -4.23 8.85
CA VAL A 100 -6.51 -4.45 9.35
C VAL A 100 -6.53 -5.18 10.70
N LEU A 101 -7.51 -4.86 11.56
CA LEU A 101 -7.70 -5.53 12.86
C LEU A 101 -8.14 -7.00 12.76
N LEU A 102 -8.68 -7.45 11.61
CA LEU A 102 -9.02 -8.87 11.38
C LEU A 102 -7.79 -9.69 10.94
N LEU A 103 -6.81 -9.01 10.35
CA LEU A 103 -5.55 -9.59 9.86
C LEU A 103 -4.45 -9.59 10.93
N GLU A 104 -4.39 -8.55 11.76
CA GLU A 104 -3.56 -8.46 12.97
C GLU A 104 -4.42 -7.92 14.14
N PRO A 105 -5.02 -8.80 14.96
CA PRO A 105 -5.80 -8.39 16.13
C PRO A 105 -4.96 -7.56 17.11
N GLY A 106 -5.38 -6.31 17.34
CA GLY A 106 -4.64 -5.33 18.14
C GLY A 106 -3.60 -4.51 17.37
N ASN A 107 -3.62 -4.49 16.02
CA ASN A 107 -2.75 -3.67 15.19
C ASN A 107 -2.77 -2.17 15.56
N LYS A 108 -1.57 -1.61 15.68
CA LYS A 108 -1.33 -0.28 16.27
C LYS A 108 -1.80 0.85 15.35
N GLN A 109 -1.63 0.70 14.04
CA GLN A 109 -2.31 1.52 13.03
C GLN A 109 -3.83 1.31 13.07
N ALA A 110 -4.31 0.06 13.12
CA ALA A 110 -5.75 -0.20 13.06
C ALA A 110 -6.54 0.35 14.26
N VAL A 111 -5.87 0.61 15.39
CA VAL A 111 -6.42 1.46 16.47
C VAL A 111 -6.21 2.95 16.17
N THR A 112 -4.96 3.37 15.92
CA THR A 112 -4.58 4.79 15.85
C THR A 112 -5.20 5.55 14.67
N GLU A 113 -5.20 4.96 13.48
CA GLU A 113 -5.74 5.58 12.27
C GLU A 113 -7.28 5.54 12.27
N LEU A 114 -7.89 4.43 12.73
CA LEU A 114 -9.33 4.36 13.00
C LEU A 114 -9.76 5.38 14.05
N SER A 115 -8.87 5.72 14.99
CA SER A 115 -9.15 6.75 15.99
C SER A 115 -9.22 8.15 15.40
N LYS A 116 -8.50 8.44 14.30
CA LYS A 116 -8.67 9.70 13.54
C LYS A 116 -10.07 9.83 12.94
N ILE A 117 -10.74 8.71 12.64
CA ILE A 117 -12.14 8.67 12.20
C ILE A 117 -13.07 9.06 13.35
N LYS A 118 -12.87 8.40 14.51
CA LYS A 118 -13.71 8.43 15.72
C LYS A 118 -13.53 9.69 16.58
N LYS A 119 -13.57 10.87 15.96
CA LYS A 119 -13.57 12.19 16.62
C LYS A 119 -14.97 12.85 16.68
N LYS A 120 -16.04 12.10 16.41
CA LYS A 120 -17.44 12.56 16.44
C LYS A 120 -17.98 12.57 17.88
N ASP B 1 2.85 -8.61 18.18
CA ASP B 1 3.03 -7.28 17.59
C ASP B 1 2.92 -7.29 16.06
N THR B 2 2.67 -6.12 15.46
CA THR B 2 1.97 -5.96 14.19
C THR B 2 2.70 -5.06 13.19
N SER B 3 2.27 -5.14 11.93
CA SER B 3 2.85 -4.46 10.77
C SER B 3 2.52 -2.97 10.72
N ARG B 4 3.50 -2.14 10.32
CA ARG B 4 3.40 -0.68 10.12
C ARG B 4 3.05 -0.38 8.65
N MET B 5 2.28 0.69 8.38
CA MET B 5 1.94 1.11 7.00
C MET B 5 3.18 1.48 6.16
N GLU B 6 3.96 2.46 6.64
CA GLU B 6 4.82 3.29 5.78
C GLU B 6 6.22 2.69 5.58
N GLU B 7 6.36 1.86 4.55
CA GLU B 7 7.62 1.26 4.11
C GLU B 7 7.50 0.71 2.68
N VAL B 8 8.63 0.41 2.05
CA VAL B 8 8.72 -0.47 0.87
C VAL B 8 9.59 -1.71 1.21
N ASP B 9 9.71 -2.68 0.29
CA ASP B 9 10.22 -4.03 0.64
C ASP B 9 11.63 -4.10 1.24
N GLY A 1 14.66 -15.03 -15.54
CA GLY A 1 13.67 -15.90 -14.90
C GLY A 1 12.44 -15.10 -14.49
N PRO A 2 11.20 -15.58 -14.71
CA PRO A 2 9.99 -14.76 -14.53
C PRO A 2 9.72 -14.27 -13.09
N HIS A 3 10.32 -14.90 -12.07
CA HIS A 3 10.33 -14.38 -10.69
C HIS A 3 11.50 -13.43 -10.48
N MET A 4 12.71 -13.78 -10.95
CA MET A 4 13.91 -12.95 -10.82
C MET A 4 13.79 -11.58 -11.51
N GLN A 5 13.10 -11.50 -12.65
CA GLN A 5 12.77 -10.26 -13.33
C GLN A 5 11.76 -9.41 -12.54
N ALA A 6 10.87 -10.06 -11.78
CA ALA A 6 9.85 -9.40 -10.95
C ALA A 6 10.42 -8.93 -9.60
N ILE A 7 11.44 -9.61 -9.07
CA ILE A 7 12.28 -9.11 -7.97
C ILE A 7 13.11 -7.93 -8.44
N SER A 8 13.77 -8.00 -9.60
CA SER A 8 14.74 -6.99 -10.01
C SER A 8 14.10 -5.61 -10.16
N GLU A 9 12.96 -5.50 -10.84
CA GLU A 9 12.20 -4.23 -10.96
C GLU A 9 11.67 -3.72 -9.60
N LYS A 10 11.51 -4.60 -8.61
CA LYS A 10 11.14 -4.24 -7.22
C LYS A 10 12.36 -3.67 -6.49
N ASP A 11 13.48 -4.38 -6.48
CA ASP A 11 14.74 -3.97 -5.85
C ASP A 11 15.21 -2.59 -6.34
N ARG A 12 15.12 -2.40 -7.66
CA ARG A 12 15.37 -1.13 -8.36
C ARG A 12 14.51 0.00 -7.80
N GLY A 13 13.19 -0.15 -7.82
CA GLY A 13 12.24 0.86 -7.37
C GLY A 13 12.31 1.16 -5.86
N ASN A 14 12.62 0.16 -5.02
CA ASN A 14 12.77 0.35 -3.57
C ASN A 14 13.84 1.42 -3.29
N GLY A 15 14.99 1.38 -3.98
CA GLY A 15 16.04 2.40 -3.80
C GLY A 15 15.56 3.81 -4.15
N PHE A 16 14.82 3.98 -5.24
CA PHE A 16 14.30 5.29 -5.64
C PHE A 16 13.21 5.81 -4.70
N PHE A 17 12.48 4.93 -4.00
CA PHE A 17 11.54 5.36 -2.96
C PHE A 17 12.27 6.02 -1.78
N LYS A 18 13.43 5.46 -1.39
CA LYS A 18 14.22 5.95 -0.23
C LYS A 18 15.08 7.18 -0.54
N GLU A 19 15.43 7.35 -1.81
CA GLU A 19 16.07 8.58 -2.34
C GLU A 19 15.09 9.76 -2.50
N GLY A 20 13.80 9.57 -2.16
CA GLY A 20 12.73 10.55 -2.27
C GLY A 20 12.23 10.79 -3.71
N LYS A 21 12.70 9.97 -4.65
CA LYS A 21 12.39 9.98 -6.09
C LYS A 21 11.22 9.05 -6.37
N TYR A 22 10.12 9.25 -5.64
CA TYR A 22 8.94 8.38 -5.60
C TYR A 22 8.40 8.04 -7.01
N GLU A 23 8.41 9.00 -7.93
CA GLU A 23 8.01 8.84 -9.33
C GLU A 23 8.80 7.73 -10.04
N ARG A 24 10.14 7.67 -9.85
CA ARG A 24 11.00 6.62 -10.42
C ARG A 24 10.72 5.23 -9.83
N ALA A 25 10.35 5.15 -8.55
CA ALA A 25 9.87 3.93 -7.95
C ALA A 25 8.57 3.45 -8.60
N ILE A 26 7.61 4.36 -8.86
CA ILE A 26 6.34 4.06 -9.57
C ILE A 26 6.63 3.47 -10.95
N GLU A 27 7.55 4.08 -11.71
CA GLU A 27 7.94 3.57 -13.04
C GLU A 27 8.46 2.13 -12.96
N CYS A 28 9.38 1.84 -12.03
CA CYS A 28 9.96 0.50 -11.88
C CYS A 28 8.90 -0.54 -11.45
N TYR A 29 8.11 -0.25 -10.42
CA TYR A 29 7.10 -1.20 -9.95
C TYR A 29 6.03 -1.47 -11.00
N THR A 30 5.66 -0.46 -11.80
CA THR A 30 4.74 -0.63 -12.94
C THR A 30 5.23 -1.74 -13.87
N ARG A 31 6.52 -1.78 -14.20
CA ARG A 31 7.08 -2.81 -15.08
C ARG A 31 6.94 -4.21 -14.48
N GLY A 32 7.20 -4.37 -13.18
CA GLY A 32 6.97 -5.62 -12.46
C GLY A 32 5.49 -6.06 -12.47
N ILE A 33 4.56 -5.15 -12.11
CA ILE A 33 3.11 -5.42 -12.12
C ILE A 33 2.63 -5.80 -13.53
N ALA A 34 3.30 -5.26 -14.55
CA ALA A 34 3.01 -5.54 -15.97
C ALA A 34 3.71 -6.82 -16.51
N ALA A 35 4.78 -7.27 -15.86
CA ALA A 35 5.58 -8.45 -16.21
C ALA A 35 5.17 -9.73 -15.47
N ASP A 36 4.56 -9.60 -14.28
CA ASP A 36 4.16 -10.71 -13.39
C ASP A 36 2.66 -10.64 -13.02
N GLY A 37 2.22 -9.50 -12.47
CA GLY A 37 0.81 -9.16 -12.23
C GLY A 37 0.13 -9.93 -11.10
N ALA A 38 0.89 -10.67 -10.30
CA ALA A 38 0.38 -11.68 -9.38
C ALA A 38 1.00 -11.60 -7.97
N ASN A 39 2.12 -10.90 -7.80
CA ASN A 39 2.68 -10.61 -6.48
C ASN A 39 2.12 -9.30 -5.91
N ALA A 40 1.37 -9.39 -4.80
CA ALA A 40 0.74 -8.24 -4.14
C ALA A 40 1.70 -7.17 -3.61
N LEU A 41 2.98 -7.48 -3.45
CA LEU A 41 4.01 -6.58 -2.91
C LEU A 41 4.44 -5.50 -3.92
N LEU A 42 4.38 -5.82 -5.21
CA LEU A 42 4.71 -4.91 -6.30
C LEU A 42 3.80 -3.67 -6.32
N PRO A 43 2.47 -3.81 -6.41
CA PRO A 43 1.56 -2.68 -6.31
C PRO A 43 1.52 -2.10 -4.88
N ALA A 44 1.82 -2.90 -3.84
CA ALA A 44 1.89 -2.41 -2.45
C ALA A 44 2.95 -1.32 -2.25
N ASN A 45 4.11 -1.46 -2.89
CA ASN A 45 5.15 -0.44 -2.88
C ASN A 45 4.80 0.72 -3.84
N ARG A 46 4.15 0.44 -4.99
CA ARG A 46 3.68 1.47 -5.94
C ARG A 46 2.65 2.42 -5.32
N ALA A 47 1.71 1.87 -4.55
CA ALA A 47 0.72 2.64 -3.80
C ALA A 47 1.36 3.60 -2.79
N MET A 48 2.42 3.16 -2.08
CA MET A 48 3.15 4.03 -1.16
C MET A 48 3.74 5.24 -1.88
N ALA A 49 4.38 5.05 -3.04
CA ALA A 49 4.94 6.16 -3.79
C ALA A 49 3.85 7.13 -4.30
N TYR A 50 2.75 6.64 -4.89
CA TYR A 50 1.58 7.47 -5.25
C TYR A 50 1.04 8.26 -4.04
N LEU A 51 1.04 7.66 -2.85
CA LEU A 51 0.58 8.33 -1.63
C LEU A 51 1.53 9.44 -1.17
N LYS A 52 2.85 9.27 -1.33
CA LYS A 52 3.85 10.31 -1.03
C LYS A 52 3.83 11.48 -2.01
N ILE A 53 3.44 11.25 -3.26
CA ILE A 53 3.18 12.32 -4.23
C ILE A 53 1.73 12.80 -4.19
N GLN A 54 0.97 12.39 -3.16
CA GLN A 54 -0.36 12.88 -2.82
C GLN A 54 -1.41 12.54 -3.90
N LYS A 55 -1.13 11.57 -4.75
CA LYS A 55 -2.05 10.95 -5.72
C LYS A 55 -2.83 9.81 -5.04
N TYR A 56 -3.59 10.12 -3.98
CA TYR A 56 -4.29 9.11 -3.18
C TYR A 56 -5.35 8.35 -3.99
N GLU A 57 -5.89 8.98 -5.04
CA GLU A 57 -6.87 8.40 -5.96
C GLU A 57 -6.30 7.23 -6.77
N GLU A 58 -5.01 7.29 -7.11
CA GLU A 58 -4.26 6.19 -7.74
C GLU A 58 -3.68 5.20 -6.70
N ALA A 59 -3.26 5.69 -5.54
CA ALA A 59 -2.73 4.86 -4.45
C ALA A 59 -3.76 3.89 -3.88
N GLU A 60 -5.00 4.34 -3.65
CA GLU A 60 -6.13 3.47 -3.28
C GLU A 60 -6.26 2.24 -4.20
N LYS A 61 -6.10 2.43 -5.51
CA LYS A 61 -6.34 1.40 -6.54
C LYS A 61 -5.26 0.33 -6.59
N ASP A 62 -3.99 0.71 -6.43
CA ASP A 62 -2.91 -0.25 -6.25
C ASP A 62 -3.02 -1.00 -4.92
N CYS A 63 -3.59 -0.36 -3.90
CA CYS A 63 -3.88 -1.08 -2.66
C CYS A 63 -5.01 -2.09 -2.86
N THR A 64 -6.08 -1.74 -3.58
CA THR A 64 -7.11 -2.71 -4.00
C THR A 64 -6.48 -3.86 -4.78
N GLN A 65 -5.57 -3.60 -5.74
CA GLN A 65 -4.87 -4.66 -6.47
C GLN A 65 -4.12 -5.60 -5.52
N ALA A 66 -3.35 -5.09 -4.55
CA ALA A 66 -2.68 -5.93 -3.56
C ALA A 66 -3.66 -6.79 -2.70
N ILE A 67 -4.91 -6.33 -2.52
CA ILE A 67 -5.97 -7.05 -1.77
C ILE A 67 -6.66 -8.08 -2.66
N LEU A 68 -6.65 -7.90 -3.99
CA LEU A 68 -7.14 -8.89 -4.96
C LEU A 68 -6.16 -10.07 -5.14
N LEU A 69 -4.85 -9.79 -5.11
CA LEU A 69 -3.80 -10.80 -5.31
C LEU A 69 -3.53 -11.60 -4.03
N ASP A 70 -3.29 -10.89 -2.93
CA ASP A 70 -3.03 -11.52 -1.62
C ASP A 70 -4.29 -11.66 -0.78
N GLY A 71 -4.94 -10.55 -0.42
CA GLY A 71 -6.20 -10.52 0.34
C GLY A 71 -6.05 -10.66 1.85
N SER A 72 -4.84 -10.96 2.33
CA SER A 72 -4.50 -10.97 3.76
C SER A 72 -3.56 -9.84 4.16
N TYR A 73 -3.34 -8.89 3.25
CA TYR A 73 -2.20 -7.99 3.32
C TYR A 73 -2.48 -6.79 4.23
N SER A 74 -2.07 -6.88 5.49
CA SER A 74 -2.37 -5.86 6.52
C SER A 74 -1.82 -4.47 6.16
N LYS A 75 -0.62 -4.41 5.57
CA LYS A 75 -0.04 -3.19 4.98
C LYS A 75 -0.90 -2.61 3.84
N ALA A 76 -1.44 -3.43 2.92
CA ALA A 76 -2.27 -2.93 1.83
C ALA A 76 -3.59 -2.31 2.33
N PHE A 77 -4.25 -2.93 3.31
CA PHE A 77 -5.47 -2.37 3.91
C PHE A 77 -5.18 -1.06 4.68
N ALA A 78 -4.10 -1.01 5.47
CA ALA A 78 -3.66 0.21 6.16
C ALA A 78 -3.33 1.36 5.20
N ARG A 79 -2.66 1.04 4.07
CA ARG A 79 -2.38 1.99 2.98
C ARG A 79 -3.65 2.45 2.26
N ARG A 80 -4.64 1.57 2.02
CA ARG A 80 -5.90 1.98 1.38
C ARG A 80 -6.72 2.87 2.30
N GLY A 81 -6.92 2.48 3.56
CA GLY A 81 -7.58 3.31 4.56
C GLY A 81 -6.91 4.69 4.69
N THR A 82 -5.58 4.76 4.78
CA THR A 82 -4.87 6.04 4.86
C THR A 82 -5.04 6.86 3.58
N ALA A 83 -4.96 6.26 2.39
CA ALA A 83 -5.24 6.95 1.13
C ALA A 83 -6.64 7.57 1.11
N ARG A 84 -7.68 6.75 1.37
CA ARG A 84 -9.09 7.15 1.49
C ARG A 84 -9.34 8.28 2.47
N THR A 85 -8.58 8.30 3.57
CA THR A 85 -8.73 9.30 4.64
C THR A 85 -8.45 10.72 4.12
N PHE A 86 -7.36 10.89 3.37
CA PHE A 86 -7.06 12.14 2.62
C PHE A 86 -7.93 12.34 1.37
N LEU A 87 -8.44 11.25 0.78
CA LEU A 87 -9.31 11.28 -0.41
C LEU A 87 -10.74 11.77 -0.09
N GLY A 88 -11.14 11.71 1.19
CA GLY A 88 -12.47 12.06 1.69
C GLY A 88 -13.42 10.86 1.84
N LYS A 89 -12.95 9.65 1.52
CA LYS A 89 -13.69 8.39 1.67
C LYS A 89 -13.56 7.82 3.10
N LEU A 90 -13.87 8.66 4.08
CA LEU A 90 -13.58 8.42 5.49
C LEU A 90 -14.32 7.19 6.05
N ASN A 91 -15.58 7.00 5.69
CA ASN A 91 -16.35 5.81 6.06
C ASN A 91 -15.87 4.53 5.37
N GLU A 92 -15.39 4.62 4.13
CA GLU A 92 -14.76 3.47 3.47
C GLU A 92 -13.39 3.13 4.07
N ALA A 93 -12.64 4.14 4.52
CA ALA A 93 -11.41 3.94 5.29
C ALA A 93 -11.66 3.29 6.66
N LYS A 94 -12.76 3.63 7.35
CA LYS A 94 -13.24 2.97 8.58
C LYS A 94 -13.32 1.44 8.40
N GLN A 95 -13.90 1.00 7.28
CA GLN A 95 -14.08 -0.42 6.94
C GLN A 95 -12.76 -1.13 6.62
N ASP A 96 -11.79 -0.41 6.05
CA ASP A 96 -10.46 -0.95 5.77
C ASP A 96 -9.62 -1.06 7.06
N PHE A 97 -9.67 -0.07 7.96
CA PHE A 97 -8.98 -0.15 9.25
C PHE A 97 -9.59 -1.20 10.18
N GLU A 98 -10.92 -1.32 10.21
CA GLU A 98 -11.63 -2.43 10.88
C GLU A 98 -11.22 -3.81 10.31
N THR A 99 -10.76 -3.89 9.06
CA THR A 99 -10.21 -5.11 8.45
C THR A 99 -8.76 -5.38 8.88
N VAL A 100 -7.90 -4.35 9.01
CA VAL A 100 -6.53 -4.53 9.54
C VAL A 100 -6.56 -5.19 10.93
N LEU A 101 -7.55 -4.87 11.76
CA LEU A 101 -7.76 -5.50 13.07
C LEU A 101 -8.16 -6.98 13.03
N LEU A 102 -8.61 -7.51 11.88
CA LEU A 102 -8.86 -8.94 11.67
C LEU A 102 -7.57 -9.71 11.33
N LEU A 103 -6.64 -9.01 10.66
CA LEU A 103 -5.36 -9.53 10.17
C LEU A 103 -4.24 -9.44 11.25
N GLU A 104 -4.28 -8.43 12.13
CA GLU A 104 -3.48 -8.34 13.37
C GLU A 104 -4.35 -7.80 14.52
N PRO A 105 -4.83 -8.66 15.45
CA PRO A 105 -5.62 -8.21 16.60
C PRO A 105 -4.82 -7.28 17.53
N GLY A 106 -5.33 -6.05 17.72
CA GLY A 106 -4.66 -4.98 18.46
C GLY A 106 -3.70 -4.09 17.66
N ASN A 107 -3.70 -4.16 16.32
CA ASN A 107 -2.82 -3.39 15.44
C ASN A 107 -2.84 -1.86 15.65
N LYS A 108 -1.63 -1.29 15.68
CA LYS A 108 -1.34 0.13 15.95
C LYS A 108 -2.03 1.08 14.98
N GLN A 109 -1.93 0.84 13.68
CA GLN A 109 -2.70 1.55 12.66
C GLN A 109 -4.21 1.29 12.82
N ALA A 110 -4.61 0.04 13.00
CA ALA A 110 -6.03 -0.31 13.00
C ALA A 110 -6.81 0.31 14.17
N VAL A 111 -6.13 0.67 15.27
CA VAL A 111 -6.67 1.56 16.30
C VAL A 111 -6.44 3.02 15.95
N THR A 112 -5.21 3.42 15.64
CA THR A 112 -4.81 4.84 15.56
C THR A 112 -5.41 5.59 14.39
N GLU A 113 -5.46 4.98 13.21
CA GLU A 113 -6.02 5.59 12.01
C GLU A 113 -7.55 5.51 12.02
N LEU A 114 -8.13 4.40 12.50
CA LEU A 114 -9.55 4.31 12.84
C LEU A 114 -9.97 5.40 13.84
N SER A 115 -9.05 5.77 14.73
CA SER A 115 -9.28 6.82 15.70
C SER A 115 -9.23 8.24 15.10
N LYS A 116 -8.52 8.44 13.97
CA LYS A 116 -8.64 9.66 13.15
C LYS A 116 -10.04 9.80 12.55
N ILE A 117 -10.70 8.68 12.18
CA ILE A 117 -12.08 8.68 11.64
C ILE A 117 -13.06 9.26 12.66
N LYS A 118 -12.95 8.77 13.90
CA LYS A 118 -13.76 9.19 15.06
C LYS A 118 -13.21 10.44 15.77
N LYS A 119 -12.20 11.10 15.18
CA LYS A 119 -11.52 12.32 15.65
C LYS A 119 -11.21 12.27 17.15
N LYS A 120 -10.48 11.23 17.59
CA LYS A 120 -10.02 11.08 18.98
C LYS A 120 -8.98 12.14 19.33
N ASP B 1 3.39 -7.72 18.57
CA ASP B 1 3.46 -6.42 17.91
C ASP B 1 3.09 -6.56 16.42
N THR B 2 2.74 -5.45 15.76
CA THR B 2 2.02 -5.45 14.49
C THR B 2 2.70 -4.60 13.43
N SER B 3 2.19 -4.69 12.21
CA SER B 3 2.63 -3.92 11.05
C SER B 3 2.33 -2.43 11.20
N ARG B 4 3.16 -1.61 10.53
CA ARG B 4 2.95 -0.20 10.23
C ARG B 4 2.72 -0.01 8.72
N MET B 5 2.43 1.22 8.29
CA MET B 5 2.17 1.52 6.88
C MET B 5 3.45 1.95 6.14
N GLU B 6 4.32 2.72 6.80
CA GLU B 6 5.59 3.29 6.31
C GLU B 6 6.69 2.24 6.07
N GLU B 7 6.67 1.56 4.92
CA GLU B 7 7.80 0.77 4.39
C GLU B 7 7.64 0.49 2.89
N VAL B 8 8.70 -0.03 2.25
CA VAL B 8 8.62 -0.79 0.98
C VAL B 8 9.20 -2.21 1.18
N ASP B 9 9.47 -2.94 0.11
CA ASP B 9 10.14 -4.26 0.16
C ASP B 9 11.58 -4.21 0.70
N GLY A 1 13.61 -16.40 -15.13
CA GLY A 1 12.46 -15.99 -15.95
C GLY A 1 11.83 -14.71 -15.41
N PRO A 2 10.55 -14.44 -15.73
CA PRO A 2 9.92 -13.15 -15.45
C PRO A 2 9.83 -12.78 -13.96
N HIS A 3 9.76 -13.74 -13.03
CA HIS A 3 9.69 -13.40 -11.60
C HIS A 3 11.03 -12.84 -11.07
N MET A 4 12.18 -13.23 -11.64
CA MET A 4 13.48 -12.60 -11.33
C MET A 4 13.54 -11.15 -11.81
N GLN A 5 12.96 -10.84 -12.97
CA GLN A 5 12.78 -9.45 -13.46
C GLN A 5 11.80 -8.67 -12.57
N ALA A 6 10.81 -9.35 -11.98
CA ALA A 6 9.82 -8.75 -11.10
C ALA A 6 10.41 -8.42 -9.73
N ILE A 7 11.40 -9.20 -9.27
CA ILE A 7 12.30 -8.80 -8.20
C ILE A 7 13.16 -7.62 -8.60
N SER A 8 13.83 -7.64 -9.76
CA SER A 8 14.75 -6.56 -10.16
C SER A 8 14.05 -5.21 -10.18
N GLU A 9 12.90 -5.11 -10.86
CA GLU A 9 12.11 -3.87 -10.91
C GLU A 9 11.50 -3.49 -9.55
N LYS A 10 11.32 -4.45 -8.62
CA LYS A 10 10.95 -4.15 -7.22
C LYS A 10 12.14 -3.54 -6.47
N ASP A 11 13.30 -4.20 -6.49
CA ASP A 11 14.54 -3.72 -5.85
C ASP A 11 14.91 -2.31 -6.31
N ARG A 12 14.83 -2.11 -7.63
CA ARG A 12 15.10 -0.83 -8.30
C ARG A 12 14.15 0.28 -7.85
N GLY A 13 12.85 0.00 -7.86
CA GLY A 13 11.86 0.98 -7.37
C GLY A 13 11.99 1.26 -5.87
N ASN A 14 12.37 0.26 -5.06
CA ASN A 14 12.62 0.48 -3.63
C ASN A 14 13.76 1.48 -3.43
N GLY A 15 14.86 1.33 -4.18
CA GLY A 15 15.99 2.27 -4.13
C GLY A 15 15.57 3.70 -4.50
N PHE A 16 14.78 3.86 -5.57
CA PHE A 16 14.24 5.18 -5.94
C PHE A 16 13.32 5.76 -4.84
N PHE A 17 12.54 4.93 -4.14
CA PHE A 17 11.69 5.39 -3.04
C PHE A 17 12.55 5.89 -1.86
N LYS A 18 13.70 5.26 -1.61
CA LYS A 18 14.63 5.66 -0.52
C LYS A 18 15.42 6.92 -0.85
N GLU A 19 15.69 7.14 -2.14
CA GLU A 19 16.33 8.36 -2.65
C GLU A 19 15.35 9.56 -2.70
N GLY A 20 14.07 9.35 -2.35
CA GLY A 20 12.98 10.34 -2.44
C GLY A 20 12.41 10.53 -3.84
N LYS A 21 12.89 9.74 -4.82
CA LYS A 21 12.51 9.74 -6.24
C LYS A 21 11.24 8.89 -6.46
N TYR A 22 10.15 9.27 -5.80
CA TYR A 22 8.89 8.50 -5.76
C TYR A 22 8.33 8.20 -7.16
N GLU A 23 8.33 9.19 -8.05
CA GLU A 23 7.90 9.07 -9.45
C GLU A 23 8.71 8.02 -10.23
N ARG A 24 10.01 7.85 -9.94
CA ARG A 24 10.87 6.79 -10.50
C ARG A 24 10.64 5.42 -9.87
N ALA A 25 10.32 5.35 -8.58
CA ALA A 25 9.87 4.12 -7.95
C ALA A 25 8.57 3.59 -8.60
N ILE A 26 7.60 4.49 -8.84
CA ILE A 26 6.34 4.16 -9.54
C ILE A 26 6.60 3.53 -10.91
N GLU A 27 7.50 4.10 -11.70
CA GLU A 27 7.88 3.54 -13.02
C GLU A 27 8.39 2.10 -12.92
N CYS A 28 9.29 1.83 -11.98
CA CYS A 28 9.88 0.50 -11.79
C CYS A 28 8.83 -0.52 -11.36
N TYR A 29 8.03 -0.21 -10.33
CA TYR A 29 7.00 -1.15 -9.87
C TYR A 29 5.97 -1.44 -10.96
N THR A 30 5.63 -0.46 -11.80
CA THR A 30 4.75 -0.65 -12.96
C THR A 30 5.28 -1.74 -13.90
N ARG A 31 6.59 -1.75 -14.18
CA ARG A 31 7.21 -2.79 -15.03
C ARG A 31 7.11 -4.19 -14.45
N GLY A 32 7.19 -4.33 -13.12
CA GLY A 32 6.97 -5.59 -12.40
C GLY A 32 5.50 -6.03 -12.38
N ILE A 33 4.57 -5.12 -12.05
CA ILE A 33 3.12 -5.41 -12.02
C ILE A 33 2.63 -5.86 -13.41
N ALA A 34 3.26 -5.34 -14.46
CA ALA A 34 3.00 -5.72 -15.86
C ALA A 34 3.72 -7.01 -16.28
N ALA A 35 4.89 -7.31 -15.71
CA ALA A 35 5.67 -8.53 -15.97
C ALA A 35 5.06 -9.79 -15.33
N ASP A 36 4.54 -9.64 -14.11
CA ASP A 36 4.07 -10.74 -13.26
C ASP A 36 2.62 -10.52 -12.84
N GLY A 37 2.37 -9.46 -12.06
CA GLY A 37 1.03 -8.99 -11.71
C GLY A 37 0.31 -9.84 -10.66
N ALA A 38 1.00 -10.84 -10.10
CA ALA A 38 0.51 -11.80 -9.12
C ALA A 38 1.13 -11.61 -7.73
N ASN A 39 2.30 -10.97 -7.65
CA ASN A 39 2.89 -10.55 -6.38
C ASN A 39 2.17 -9.33 -5.79
N ALA A 40 1.50 -9.50 -4.65
CA ALA A 40 0.81 -8.43 -3.89
C ALA A 40 1.74 -7.31 -3.38
N LEU A 41 3.06 -7.49 -3.35
CA LEU A 41 4.04 -6.52 -2.82
C LEU A 41 4.43 -5.45 -3.83
N LEU A 42 4.41 -5.78 -5.13
CA LEU A 42 4.71 -4.85 -6.21
C LEU A 42 3.80 -3.62 -6.22
N PRO A 43 2.46 -3.78 -6.34
CA PRO A 43 1.54 -2.66 -6.26
C PRO A 43 1.48 -2.07 -4.84
N ALA A 44 1.81 -2.85 -3.79
CA ALA A 44 1.86 -2.34 -2.41
C ALA A 44 2.94 -1.27 -2.20
N ASN A 45 4.09 -1.41 -2.86
CA ASN A 45 5.15 -0.41 -2.86
C ASN A 45 4.82 0.73 -3.86
N ARG A 46 4.14 0.44 -4.98
CA ARG A 46 3.67 1.48 -5.94
C ARG A 46 2.66 2.43 -5.31
N ALA A 47 1.69 1.89 -4.56
CA ALA A 47 0.72 2.66 -3.81
C ALA A 47 1.38 3.59 -2.77
N MET A 48 2.45 3.15 -2.10
CA MET A 48 3.21 4.01 -1.19
C MET A 48 3.77 5.24 -1.89
N ALA A 49 4.40 5.09 -3.06
CA ALA A 49 4.91 6.26 -3.80
C ALA A 49 3.78 7.19 -4.28
N TYR A 50 2.68 6.65 -4.84
CA TYR A 50 1.48 7.45 -5.18
C TYR A 50 0.94 8.22 -3.97
N LEU A 51 0.99 7.63 -2.77
CA LEU A 51 0.55 8.28 -1.53
C LEU A 51 1.49 9.44 -1.14
N LYS A 52 2.82 9.27 -1.30
CA LYS A 52 3.82 10.33 -1.06
C LYS A 52 3.70 11.51 -2.02
N ILE A 53 3.34 11.28 -3.28
CA ILE A 53 3.10 12.33 -4.27
C ILE A 53 1.66 12.85 -4.24
N GLN A 54 0.90 12.46 -3.22
CA GLN A 54 -0.43 12.95 -2.88
C GLN A 54 -1.48 12.64 -3.97
N LYS A 55 -1.23 11.58 -4.74
CA LYS A 55 -2.16 10.93 -5.68
C LYS A 55 -2.89 9.76 -5.00
N TYR A 56 -3.64 10.05 -3.95
CA TYR A 56 -4.36 9.04 -3.16
C TYR A 56 -5.41 8.28 -3.97
N GLU A 57 -5.96 8.93 -5.00
CA GLU A 57 -6.90 8.34 -5.96
C GLU A 57 -6.31 7.12 -6.67
N GLU A 58 -5.00 7.16 -6.97
CA GLU A 58 -4.25 6.05 -7.58
C GLU A 58 -3.67 5.08 -6.54
N ALA A 59 -3.28 5.59 -5.36
CA ALA A 59 -2.81 4.77 -4.25
C ALA A 59 -3.89 3.82 -3.69
N GLU A 60 -5.14 4.28 -3.57
CA GLU A 60 -6.28 3.38 -3.26
C GLU A 60 -6.39 2.20 -4.24
N LYS A 61 -6.27 2.45 -5.55
CA LYS A 61 -6.46 1.46 -6.63
C LYS A 61 -5.38 0.36 -6.61
N ASP A 62 -4.12 0.74 -6.42
CA ASP A 62 -3.02 -0.23 -6.28
C ASP A 62 -3.07 -1.01 -4.96
N CYS A 63 -3.61 -0.38 -3.91
CA CYS A 63 -3.86 -1.12 -2.67
C CYS A 63 -4.98 -2.16 -2.86
N THR A 64 -6.05 -1.82 -3.59
CA THR A 64 -7.06 -2.81 -4.01
C THR A 64 -6.42 -3.92 -4.84
N GLN A 65 -5.51 -3.62 -5.78
CA GLN A 65 -4.77 -4.65 -6.49
C GLN A 65 -4.00 -5.57 -5.53
N ALA A 66 -3.26 -5.06 -4.56
CA ALA A 66 -2.57 -5.92 -3.59
C ALA A 66 -3.53 -6.84 -2.79
N ILE A 67 -4.77 -6.41 -2.56
CA ILE A 67 -5.82 -7.17 -1.85
C ILE A 67 -6.50 -8.19 -2.79
N LEU A 68 -6.49 -7.95 -4.10
CA LEU A 68 -6.98 -8.92 -5.11
C LEU A 68 -6.05 -10.12 -5.28
N LEU A 69 -4.76 -9.95 -4.98
CA LEU A 69 -3.73 -10.98 -5.13
C LEU A 69 -3.57 -11.77 -3.82
N ASP A 70 -3.35 -11.04 -2.73
CA ASP A 70 -3.18 -11.66 -1.40
C ASP A 70 -4.52 -11.85 -0.66
N GLY A 71 -5.27 -10.76 -0.45
CA GLY A 71 -6.57 -10.77 0.25
C GLY A 71 -6.50 -10.83 1.76
N SER A 72 -5.28 -10.89 2.31
CA SER A 72 -5.02 -10.91 3.75
C SER A 72 -3.88 -10.00 4.21
N TYR A 73 -3.38 -9.15 3.31
CA TYR A 73 -2.18 -8.38 3.54
C TYR A 73 -2.48 -7.11 4.36
N SER A 74 -2.21 -7.13 5.67
CA SER A 74 -2.53 -6.02 6.58
C SER A 74 -1.88 -4.69 6.19
N LYS A 75 -0.65 -4.74 5.63
CA LYS A 75 0.05 -3.57 5.07
C LYS A 75 -0.73 -2.93 3.91
N ALA A 76 -1.28 -3.72 2.98
CA ALA A 76 -2.10 -3.19 1.87
C ALA A 76 -3.42 -2.55 2.36
N PHE A 77 -4.12 -3.16 3.32
CA PHE A 77 -5.36 -2.59 3.88
C PHE A 77 -5.10 -1.28 4.63
N ALA A 78 -4.04 -1.22 5.46
CA ALA A 78 -3.65 0.00 6.17
C ALA A 78 -3.27 1.15 5.22
N ARG A 79 -2.57 0.83 4.11
CA ARG A 79 -2.27 1.79 3.04
C ARG A 79 -3.52 2.23 2.28
N ARG A 80 -4.51 1.35 2.04
CA ARG A 80 -5.76 1.76 1.39
C ARG A 80 -6.57 2.69 2.28
N GLY A 81 -6.81 2.34 3.54
CA GLY A 81 -7.50 3.19 4.51
C GLY A 81 -6.82 4.57 4.64
N THR A 82 -5.49 4.59 4.74
CA THR A 82 -4.75 5.87 4.81
C THR A 82 -4.89 6.68 3.51
N ALA A 83 -4.87 6.06 2.33
CA ALA A 83 -5.14 6.74 1.07
C ALA A 83 -6.56 7.33 1.05
N ARG A 84 -7.57 6.52 1.37
CA ARG A 84 -9.00 6.88 1.35
C ARG A 84 -9.29 8.06 2.27
N THR A 85 -8.55 8.13 3.38
CA THR A 85 -8.65 9.18 4.41
C THR A 85 -8.35 10.57 3.84
N PHE A 86 -7.21 10.73 3.18
CA PHE A 86 -6.84 11.98 2.48
C PHE A 86 -7.57 12.18 1.14
N LEU A 87 -8.13 11.10 0.57
CA LEU A 87 -8.95 11.12 -0.64
C LEU A 87 -10.36 11.69 -0.38
N GLY A 88 -10.84 11.63 0.86
CA GLY A 88 -12.18 12.08 1.28
C GLY A 88 -13.20 10.94 1.41
N LYS A 89 -12.77 9.68 1.28
CA LYS A 89 -13.58 8.46 1.45
C LYS A 89 -13.46 7.92 2.88
N LEU A 90 -13.65 8.80 3.86
CA LEU A 90 -13.42 8.52 5.28
C LEU A 90 -14.27 7.35 5.83
N ASN A 91 -15.51 7.22 5.36
CA ASN A 91 -16.37 6.06 5.63
C ASN A 91 -15.74 4.73 5.18
N GLU A 92 -15.10 4.73 4.01
CA GLU A 92 -14.48 3.53 3.44
C GLU A 92 -13.14 3.23 4.10
N ALA A 93 -12.41 4.26 4.50
CA ALA A 93 -11.24 4.11 5.37
C ALA A 93 -11.59 3.46 6.72
N LYS A 94 -12.74 3.81 7.33
CA LYS A 94 -13.26 3.15 8.54
C LYS A 94 -13.38 1.63 8.34
N GLN A 95 -13.89 1.20 7.19
CA GLN A 95 -14.08 -0.21 6.82
C GLN A 95 -12.76 -0.91 6.46
N ASP A 96 -11.80 -0.19 5.87
CA ASP A 96 -10.46 -0.70 5.56
C ASP A 96 -9.63 -0.87 6.85
N PHE A 97 -9.70 0.06 7.80
CA PHE A 97 -8.98 -0.03 9.07
C PHE A 97 -9.57 -1.10 9.99
N GLU A 98 -10.90 -1.24 10.04
CA GLU A 98 -11.53 -2.35 10.76
C GLU A 98 -11.18 -3.73 10.20
N THR A 99 -10.76 -3.83 8.92
CA THR A 99 -10.22 -5.07 8.33
C THR A 99 -8.82 -5.39 8.82
N VAL A 100 -7.96 -4.38 9.02
CA VAL A 100 -6.60 -4.56 9.57
C VAL A 100 -6.66 -5.25 10.94
N LEU A 101 -7.69 -4.95 11.76
CA LEU A 101 -7.90 -5.56 13.07
C LEU A 101 -8.36 -7.04 13.04
N LEU A 102 -8.81 -7.54 11.88
CA LEU A 102 -9.08 -8.97 11.68
C LEU A 102 -7.77 -9.74 11.39
N LEU A 103 -6.87 -9.07 10.66
CA LEU A 103 -5.58 -9.58 10.19
C LEU A 103 -4.47 -9.49 11.26
N GLU A 104 -4.49 -8.46 12.11
CA GLU A 104 -3.76 -8.36 13.38
C GLU A 104 -4.69 -7.83 14.49
N PRO A 105 -5.26 -8.68 15.35
CA PRO A 105 -5.95 -8.24 16.56
C PRO A 105 -5.03 -7.41 17.45
N GLY A 106 -5.49 -6.21 17.82
CA GLY A 106 -4.75 -5.23 18.60
C GLY A 106 -3.84 -4.29 17.80
N ASN A 107 -3.86 -4.35 16.45
CA ASN A 107 -2.97 -3.58 15.57
C ASN A 107 -2.96 -2.07 15.86
N LYS A 108 -1.74 -1.54 15.96
CA LYS A 108 -1.43 -0.16 16.37
C LYS A 108 -2.07 0.87 15.43
N GLN A 109 -1.96 0.65 14.11
CA GLN A 109 -2.58 1.49 13.09
C GLN A 109 -4.10 1.32 13.09
N ALA A 110 -4.59 0.08 13.22
CA ALA A 110 -6.02 -0.16 13.14
C ALA A 110 -6.82 0.43 14.33
N VAL A 111 -6.15 0.71 15.45
CA VAL A 111 -6.69 1.59 16.50
C VAL A 111 -6.46 3.06 16.13
N THR A 112 -5.20 3.45 15.88
CA THR A 112 -4.78 4.86 15.79
C THR A 112 -5.39 5.60 14.61
N GLU A 113 -5.35 5.02 13.41
CA GLU A 113 -5.89 5.64 12.20
C GLU A 113 -7.42 5.67 12.22
N LEU A 114 -8.05 4.62 12.76
CA LEU A 114 -9.49 4.58 13.03
C LEU A 114 -9.90 5.63 14.07
N SER A 115 -8.99 6.03 14.97
CA SER A 115 -9.23 7.08 15.96
C SER A 115 -9.18 8.49 15.35
N LYS A 116 -8.48 8.69 14.23
CA LYS A 116 -8.45 9.97 13.49
C LYS A 116 -9.72 10.21 12.65
N ILE A 117 -10.47 9.16 12.32
CA ILE A 117 -11.78 9.22 11.62
C ILE A 117 -12.81 10.05 12.42
N LYS A 118 -12.74 9.92 13.75
CA LYS A 118 -13.77 10.33 14.72
C LYS A 118 -13.81 11.86 14.99
N LYS A 119 -13.35 12.64 14.00
CA LYS A 119 -13.09 14.09 14.03
C LYS A 119 -13.79 14.87 12.91
N LYS A 120 -14.74 14.23 12.20
CA LYS A 120 -15.52 14.77 11.07
C LYS A 120 -16.06 16.18 11.30
N ASP B 1 4.17 -8.70 17.10
CA ASP B 1 4.13 -7.28 16.77
C ASP B 1 3.26 -7.09 15.52
N THR B 2 2.85 -5.86 15.23
CA THR B 2 1.84 -5.57 14.20
C THR B 2 2.31 -4.50 13.23
N SER B 3 1.79 -4.57 12.00
CA SER B 3 2.42 -3.97 10.82
C SER B 3 2.23 -2.45 10.72
N ARG B 4 3.34 -1.70 10.58
CA ARG B 4 3.36 -0.25 10.30
C ARG B 4 3.06 -0.03 8.82
N MET B 5 2.19 0.93 8.49
CA MET B 5 1.82 1.26 7.11
C MET B 5 3.02 1.65 6.22
N GLU B 6 3.74 2.73 6.59
CA GLU B 6 4.72 3.37 5.72
C GLU B 6 6.05 2.60 5.67
N GLU B 7 6.19 1.77 4.63
CA GLU B 7 7.27 0.82 4.39
C GLU B 7 7.28 0.47 2.90
N VAL B 8 8.45 0.19 2.31
CA VAL B 8 8.58 -0.53 1.04
C VAL B 8 9.41 -1.81 1.24
N ASP B 9 9.64 -2.59 0.19
CA ASP B 9 10.49 -3.79 0.27
C ASP B 9 12.03 -3.53 0.30
N GLY A 1 10.74 -18.49 -14.74
CA GLY A 1 9.93 -17.46 -15.42
C GLY A 1 10.28 -16.09 -14.87
N PRO A 2 9.30 -15.21 -14.65
CA PRO A 2 9.55 -13.82 -14.28
C PRO A 2 9.88 -13.58 -12.80
N HIS A 3 9.98 -14.59 -11.91
CA HIS A 3 10.13 -14.35 -10.46
C HIS A 3 11.32 -13.42 -10.12
N MET A 4 12.52 -13.70 -10.64
CA MET A 4 13.70 -12.84 -10.44
C MET A 4 13.62 -11.50 -11.17
N GLN A 5 12.96 -11.41 -12.34
CA GLN A 5 12.65 -10.12 -12.97
C GLN A 5 11.71 -9.27 -12.11
N ALA A 6 10.75 -9.91 -11.42
CA ALA A 6 9.74 -9.24 -10.61
C ALA A 6 10.29 -8.86 -9.23
N ILE A 7 11.35 -9.53 -8.77
CA ILE A 7 12.23 -9.01 -7.72
C ILE A 7 13.08 -7.86 -8.26
N SER A 8 13.69 -7.97 -9.44
CA SER A 8 14.61 -6.96 -9.97
C SER A 8 13.94 -5.60 -10.10
N GLU A 9 12.78 -5.53 -10.74
CA GLU A 9 12.00 -4.29 -10.89
C GLU A 9 11.43 -3.76 -9.56
N LYS A 10 11.33 -4.63 -8.53
CA LYS A 10 10.98 -4.24 -7.15
C LYS A 10 12.17 -3.61 -6.43
N ASP A 11 13.30 -4.32 -6.36
CA ASP A 11 14.54 -3.85 -5.72
C ASP A 11 15.06 -2.53 -6.32
N ARG A 12 14.97 -2.39 -7.65
CA ARG A 12 15.24 -1.14 -8.40
C ARG A 12 14.37 0.02 -7.92
N GLY A 13 13.06 -0.18 -7.85
CA GLY A 13 12.12 0.86 -7.38
C GLY A 13 12.23 1.16 -5.89
N ASN A 14 12.54 0.17 -5.05
CA ASN A 14 12.71 0.37 -3.61
C ASN A 14 13.80 1.41 -3.33
N GLY A 15 14.98 1.30 -3.98
CA GLY A 15 16.08 2.26 -3.84
C GLY A 15 15.65 3.68 -4.21
N PHE A 16 14.89 3.83 -5.30
CA PHE A 16 14.34 5.14 -5.71
C PHE A 16 13.36 5.70 -4.68
N PHE A 17 12.52 4.86 -4.06
CA PHE A 17 11.59 5.30 -3.01
C PHE A 17 12.35 5.82 -1.79
N LYS A 18 13.48 5.19 -1.43
CA LYS A 18 14.28 5.57 -0.25
C LYS A 18 15.12 6.82 -0.50
N GLU A 19 15.50 7.06 -1.74
CA GLU A 19 16.11 8.31 -2.20
C GLU A 19 15.10 9.47 -2.34
N GLY A 20 13.80 9.23 -2.08
CA GLY A 20 12.72 10.21 -2.18
C GLY A 20 12.22 10.47 -3.62
N LYS A 21 12.74 9.71 -4.58
CA LYS A 21 12.46 9.81 -6.02
C LYS A 21 11.22 8.98 -6.37
N TYR A 22 10.09 9.32 -5.76
CA TYR A 22 8.87 8.49 -5.77
C TYR A 22 8.41 8.08 -7.17
N GLU A 23 8.42 9.01 -8.14
CA GLU A 23 8.08 8.74 -9.55
C GLU A 23 8.95 7.63 -10.16
N ARG A 24 10.27 7.71 -9.93
CA ARG A 24 11.25 6.73 -10.44
C ARG A 24 10.97 5.32 -9.90
N ALA A 25 10.48 5.22 -8.67
CA ALA A 25 10.01 3.97 -8.07
C ALA A 25 8.70 3.48 -8.72
N ILE A 26 7.71 4.36 -8.89
CA ILE A 26 6.42 4.04 -9.56
C ILE A 26 6.66 3.39 -10.93
N GLU A 27 7.55 3.96 -11.73
CA GLU A 27 7.87 3.44 -13.07
C GLU A 27 8.41 2.01 -13.02
N CYS A 28 9.35 1.73 -12.11
CA CYS A 28 9.94 0.39 -11.97
C CYS A 28 8.87 -0.63 -11.54
N TYR A 29 8.09 -0.32 -10.50
CA TYR A 29 7.05 -1.23 -10.02
C TYR A 29 5.99 -1.48 -11.10
N THR A 30 5.66 -0.47 -11.92
CA THR A 30 4.73 -0.61 -13.05
C THR A 30 5.19 -1.69 -14.03
N ARG A 31 6.48 -1.74 -14.36
CA ARG A 31 7.03 -2.81 -15.21
C ARG A 31 6.84 -4.19 -14.57
N GLY A 32 7.08 -4.31 -13.27
CA GLY A 32 6.85 -5.54 -12.51
C GLY A 32 5.38 -5.99 -12.51
N ILE A 33 4.46 -5.08 -12.19
CA ILE A 33 3.00 -5.36 -12.14
C ILE A 33 2.48 -5.79 -13.53
N ALA A 34 3.11 -5.29 -14.58
CA ALA A 34 2.82 -5.69 -15.96
C ALA A 34 3.52 -7.02 -16.37
N ALA A 35 4.72 -7.28 -15.86
CA ALA A 35 5.51 -8.48 -16.14
C ALA A 35 4.92 -9.73 -15.46
N ASP A 36 4.39 -9.57 -14.24
CA ASP A 36 3.93 -10.65 -13.37
C ASP A 36 2.43 -10.50 -13.03
N GLY A 37 2.04 -9.39 -12.41
CA GLY A 37 0.63 -9.04 -12.15
C GLY A 37 -0.07 -9.93 -11.12
N ALA A 38 0.70 -10.72 -10.38
CA ALA A 38 0.28 -11.78 -9.47
C ALA A 38 0.94 -11.66 -8.08
N ASN A 39 1.94 -10.79 -7.93
CA ASN A 39 2.55 -10.42 -6.66
C ASN A 39 1.89 -9.17 -6.05
N ALA A 40 1.31 -9.30 -4.86
CA ALA A 40 0.71 -8.20 -4.10
C ALA A 40 1.70 -7.13 -3.62
N LEU A 41 3.00 -7.45 -3.53
CA LEU A 41 4.02 -6.57 -2.96
C LEU A 41 4.49 -5.50 -3.96
N LEU A 42 4.40 -5.80 -5.25
CA LEU A 42 4.71 -4.85 -6.33
C LEU A 42 3.80 -3.60 -6.31
N PRO A 43 2.47 -3.73 -6.41
CA PRO A 43 1.56 -2.60 -6.32
C PRO A 43 1.53 -2.02 -4.90
N ALA A 44 1.83 -2.81 -3.85
CA ALA A 44 1.93 -2.32 -2.46
C ALA A 44 3.04 -1.28 -2.26
N ASN A 45 4.16 -1.41 -2.96
CA ASN A 45 5.21 -0.40 -2.97
C ASN A 45 4.85 0.76 -3.94
N ARG A 46 4.18 0.48 -5.08
CA ARG A 46 3.74 1.51 -6.03
C ARG A 46 2.73 2.48 -5.42
N ALA A 47 1.78 1.95 -4.64
CA ALA A 47 0.79 2.73 -3.92
C ALA A 47 1.42 3.68 -2.89
N MET A 48 2.46 3.25 -2.16
CA MET A 48 3.19 4.14 -1.23
C MET A 48 3.76 5.35 -1.96
N ALA A 49 4.40 5.16 -3.11
CA ALA A 49 4.96 6.27 -3.86
C ALA A 49 3.87 7.23 -4.40
N TYR A 50 2.75 6.72 -4.96
CA TYR A 50 1.58 7.53 -5.32
C TYR A 50 1.02 8.30 -4.11
N LEU A 51 1.07 7.72 -2.91
CA LEU A 51 0.65 8.37 -1.67
C LEU A 51 1.58 9.52 -1.27
N LYS A 52 2.90 9.39 -1.48
CA LYS A 52 3.89 10.46 -1.22
C LYS A 52 3.87 11.61 -2.22
N ILE A 53 3.42 11.38 -3.46
CA ILE A 53 3.14 12.44 -4.43
C ILE A 53 1.70 12.94 -4.34
N GLN A 54 0.97 12.54 -3.29
CA GLN A 54 -0.35 13.02 -2.89
C GLN A 54 -1.46 12.66 -3.89
N LYS A 55 -1.19 11.68 -4.78
CA LYS A 55 -2.13 11.12 -5.75
C LYS A 55 -2.92 9.95 -5.12
N TYR A 56 -3.64 10.21 -4.03
CA TYR A 56 -4.36 9.16 -3.28
C TYR A 56 -5.42 8.44 -4.11
N GLU A 57 -5.98 9.13 -5.11
CA GLU A 57 -6.91 8.58 -6.09
C GLU A 57 -6.31 7.41 -6.89
N GLU A 58 -5.01 7.48 -7.21
CA GLU A 58 -4.24 6.42 -7.87
C GLU A 58 -3.63 5.42 -6.87
N ALA A 59 -3.22 5.87 -5.68
CA ALA A 59 -2.71 4.99 -4.62
C ALA A 59 -3.77 3.98 -4.14
N GLU A 60 -5.02 4.42 -3.94
CA GLU A 60 -6.14 3.53 -3.60
C GLU A 60 -6.29 2.35 -4.58
N LYS A 61 -6.15 2.58 -5.89
CA LYS A 61 -6.28 1.55 -6.95
C LYS A 61 -5.28 0.42 -6.75
N ASP A 62 -4.01 0.78 -6.55
CA ASP A 62 -2.94 -0.21 -6.35
C ASP A 62 -2.99 -0.89 -4.98
N CYS A 63 -3.53 -0.21 -3.96
CA CYS A 63 -3.78 -0.88 -2.69
C CYS A 63 -4.89 -1.93 -2.83
N THR A 64 -5.98 -1.62 -3.54
CA THR A 64 -6.99 -2.62 -3.92
C THR A 64 -6.38 -3.76 -4.72
N GLN A 65 -5.47 -3.48 -5.67
CA GLN A 65 -4.76 -4.55 -6.38
C GLN A 65 -4.01 -5.48 -5.44
N ALA A 66 -3.22 -4.98 -4.50
CA ALA A 66 -2.52 -5.82 -3.53
C ALA A 66 -3.47 -6.70 -2.69
N ILE A 67 -4.72 -6.25 -2.48
CA ILE A 67 -5.77 -7.00 -1.75
C ILE A 67 -6.48 -8.01 -2.66
N LEU A 68 -6.50 -7.81 -3.97
CA LEU A 68 -7.01 -8.80 -4.94
C LEU A 68 -6.07 -10.01 -5.08
N LEU A 69 -4.76 -9.79 -4.93
CA LEU A 69 -3.71 -10.80 -5.11
C LEU A 69 -3.38 -11.54 -3.82
N ASP A 70 -3.17 -10.80 -2.73
CA ASP A 70 -2.91 -11.42 -1.41
C ASP A 70 -4.16 -11.61 -0.55
N GLY A 71 -5.01 -10.59 -0.44
CA GLY A 71 -6.27 -10.62 0.31
C GLY A 71 -6.12 -10.55 1.83
N SER A 72 -4.89 -10.70 2.32
CA SER A 72 -4.55 -10.81 3.74
C SER A 72 -3.44 -9.85 4.18
N TYR A 73 -3.06 -8.89 3.35
CA TYR A 73 -1.91 -8.03 3.59
C TYR A 73 -2.29 -6.79 4.41
N SER A 74 -2.03 -6.82 5.72
CA SER A 74 -2.33 -5.72 6.65
C SER A 74 -1.74 -4.38 6.21
N LYS A 75 -0.51 -4.38 5.69
CA LYS A 75 0.13 -3.18 5.11
C LYS A 75 -0.66 -2.59 3.92
N ALA A 76 -1.22 -3.42 3.03
CA ALA A 76 -2.03 -2.94 1.89
C ALA A 76 -3.36 -2.32 2.36
N PHE A 77 -4.03 -2.92 3.36
CA PHE A 77 -5.26 -2.36 3.92
C PHE A 77 -5.00 -1.05 4.67
N ALA A 78 -3.95 -0.95 5.49
CA ALA A 78 -3.57 0.30 6.16
C ALA A 78 -3.29 1.41 5.15
N ARG A 79 -2.57 1.10 4.05
CA ARG A 79 -2.31 2.04 2.95
C ARG A 79 -3.57 2.44 2.20
N ARG A 80 -4.56 1.56 2.00
CA ARG A 80 -5.84 1.94 1.37
C ARG A 80 -6.66 2.83 2.29
N GLY A 81 -6.79 2.48 3.57
CA GLY A 81 -7.47 3.30 4.56
C GLY A 81 -6.88 4.72 4.62
N THR A 82 -5.56 4.85 4.74
CA THR A 82 -4.90 6.17 4.77
C THR A 82 -5.05 6.93 3.44
N ALA A 83 -4.97 6.26 2.28
CA ALA A 83 -5.24 6.89 0.98
C ALA A 83 -6.66 7.48 0.93
N ARG A 84 -7.68 6.66 1.19
CA ARG A 84 -9.10 7.06 1.31
C ARG A 84 -9.32 8.21 2.29
N THR A 85 -8.55 8.23 3.38
CA THR A 85 -8.70 9.22 4.46
C THR A 85 -8.37 10.64 4.01
N PHE A 86 -7.32 10.82 3.20
CA PHE A 86 -7.06 12.09 2.50
C PHE A 86 -7.99 12.35 1.30
N LEU A 87 -8.50 11.28 0.67
CA LEU A 87 -9.39 11.29 -0.49
C LEU A 87 -10.85 11.67 -0.17
N GLY A 88 -11.18 11.73 1.12
CA GLY A 88 -12.51 12.08 1.63
C GLY A 88 -13.46 10.88 1.78
N LYS A 89 -12.97 9.65 1.59
CA LYS A 89 -13.72 8.39 1.72
C LYS A 89 -13.58 7.78 3.12
N LEU A 90 -13.71 8.62 4.16
CA LEU A 90 -13.58 8.24 5.57
C LEU A 90 -14.42 7.03 6.00
N ASN A 91 -15.67 6.97 5.56
CA ASN A 91 -16.58 5.84 5.81
C ASN A 91 -16.07 4.53 5.20
N GLU A 92 -15.43 4.60 4.02
CA GLU A 92 -14.78 3.44 3.38
C GLU A 92 -13.44 3.08 4.05
N ALA A 93 -12.63 4.07 4.44
CA ALA A 93 -11.39 3.84 5.19
C ALA A 93 -11.62 3.17 6.54
N LYS A 94 -12.77 3.44 7.20
CA LYS A 94 -13.24 2.72 8.39
C LYS A 94 -13.24 1.20 8.17
N GLN A 95 -13.72 0.73 7.02
CA GLN A 95 -13.79 -0.69 6.66
C GLN A 95 -12.41 -1.31 6.43
N ASP A 96 -11.42 -0.53 6.01
CA ASP A 96 -10.04 -1.00 5.85
C ASP A 96 -9.34 -1.14 7.19
N PHE A 97 -9.44 -0.14 8.09
CA PHE A 97 -8.84 -0.22 9.42
C PHE A 97 -9.53 -1.31 10.28
N GLU A 98 -10.86 -1.45 10.17
CA GLU A 98 -11.61 -2.56 10.76
C GLU A 98 -11.24 -3.94 10.19
N THR A 99 -10.64 -4.00 8.99
CA THR A 99 -10.06 -5.24 8.42
C THR A 99 -8.63 -5.48 8.88
N VAL A 100 -7.80 -4.43 9.04
CA VAL A 100 -6.43 -4.59 9.59
C VAL A 100 -6.48 -5.22 10.99
N LEU A 101 -7.50 -4.87 11.80
CA LEU A 101 -7.74 -5.48 13.12
C LEU A 101 -8.17 -6.96 13.10
N LEU A 102 -8.55 -7.52 11.94
CA LEU A 102 -8.77 -8.96 11.78
C LEU A 102 -7.43 -9.68 11.58
N LEU A 103 -6.60 -9.10 10.71
CA LEU A 103 -5.30 -9.63 10.28
C LEU A 103 -4.24 -9.56 11.38
N GLU A 104 -4.22 -8.47 12.15
CA GLU A 104 -3.47 -8.32 13.40
C GLU A 104 -4.42 -7.83 14.51
N PRO A 105 -4.99 -8.73 15.34
CA PRO A 105 -5.83 -8.30 16.47
C PRO A 105 -5.00 -7.45 17.43
N GLY A 106 -5.48 -6.23 17.69
CA GLY A 106 -4.75 -5.21 18.46
C GLY A 106 -3.70 -4.40 17.66
N ASN A 107 -3.72 -4.42 16.31
CA ASN A 107 -2.82 -3.59 15.50
C ASN A 107 -2.85 -2.09 15.86
N LYS A 108 -1.66 -1.48 15.95
CA LYS A 108 -1.42 -0.08 16.33
C LYS A 108 -2.17 0.90 15.43
N GLN A 109 -1.99 0.76 14.12
CA GLN A 109 -2.67 1.59 13.12
C GLN A 109 -4.17 1.35 13.14
N ALA A 110 -4.61 0.09 13.27
CA ALA A 110 -6.03 -0.20 13.23
C ALA A 110 -6.81 0.36 14.43
N VAL A 111 -6.14 0.66 15.55
CA VAL A 111 -6.72 1.52 16.59
C VAL A 111 -6.59 3.00 16.23
N THR A 112 -5.36 3.47 15.97
CA THR A 112 -5.05 4.89 15.90
C THR A 112 -5.66 5.58 14.68
N GLU A 113 -5.62 4.95 13.51
CA GLU A 113 -6.19 5.51 12.27
C GLU A 113 -7.72 5.41 12.27
N LEU A 114 -8.28 4.30 12.78
CA LEU A 114 -9.73 4.20 13.03
C LEU A 114 -10.20 5.28 14.02
N SER A 115 -9.33 5.66 14.96
CA SER A 115 -9.62 6.71 15.92
C SER A 115 -9.63 8.12 15.30
N LYS A 116 -8.87 8.35 14.21
CA LYS A 116 -8.91 9.58 13.39
C LYS A 116 -10.23 9.72 12.60
N ILE A 117 -10.94 8.61 12.35
CA ILE A 117 -12.29 8.62 11.75
C ILE A 117 -13.31 9.17 12.73
N LYS A 118 -13.26 8.66 13.98
CA LYS A 118 -14.20 8.98 15.06
C LYS A 118 -13.80 10.22 15.90
N LYS A 119 -12.75 10.93 15.47
CA LYS A 119 -12.29 12.25 15.97
C LYS A 119 -12.11 12.30 17.50
N LYS A 120 -11.19 11.47 17.99
CA LYS A 120 -10.70 11.44 19.39
C LYS A 120 -9.43 12.28 19.57
N ASP B 1 4.49 -8.24 17.28
CA ASP B 1 4.39 -6.83 16.91
C ASP B 1 3.72 -6.70 15.54
N THR B 2 3.04 -5.58 15.32
CA THR B 2 2.10 -5.38 14.21
C THR B 2 2.61 -4.32 13.24
N SER B 3 2.03 -4.33 12.05
CA SER B 3 2.63 -3.77 10.84
C SER B 3 2.46 -2.25 10.72
N ARG B 4 3.53 -1.56 10.29
CA ARG B 4 3.57 -0.12 10.02
C ARG B 4 3.22 0.13 8.55
N MET B 5 2.51 1.22 8.26
CA MET B 5 2.16 1.60 6.89
C MET B 5 3.40 2.02 6.06
N GLU B 6 4.32 2.76 6.68
CA GLU B 6 5.41 3.56 6.09
C GLU B 6 6.64 2.74 5.61
N GLU B 7 6.44 1.74 4.74
CA GLU B 7 7.51 0.86 4.24
C GLU B 7 7.40 0.51 2.75
N VAL B 8 8.55 0.15 2.16
CA VAL B 8 8.67 -0.65 0.91
C VAL B 8 9.46 -1.93 1.20
N ASP B 9 9.65 -2.82 0.22
CA ASP B 9 10.23 -4.16 0.46
C ASP B 9 11.68 -4.15 1.01
N GLY A 1 14.60 -16.56 -15.78
CA GLY A 1 13.76 -16.61 -14.57
C GLY A 1 12.86 -15.39 -14.48
N PRO A 2 11.63 -15.44 -15.02
CA PRO A 2 10.66 -14.33 -14.95
C PRO A 2 10.33 -13.90 -13.51
N HIS A 3 10.40 -14.79 -12.52
CA HIS A 3 10.15 -14.45 -11.12
C HIS A 3 11.27 -13.55 -10.55
N MET A 4 12.52 -13.76 -10.97
CA MET A 4 13.68 -12.97 -10.55
C MET A 4 13.70 -11.59 -11.21
N GLN A 5 13.19 -11.48 -12.44
CA GLN A 5 12.92 -10.21 -13.12
C GLN A 5 11.88 -9.38 -12.34
N ALA A 6 10.88 -10.03 -11.73
CA ALA A 6 9.82 -9.37 -10.98
C ALA A 6 10.32 -8.88 -9.60
N ILE A 7 11.26 -9.61 -8.99
CA ILE A 7 12.02 -9.13 -7.82
C ILE A 7 12.90 -7.94 -8.18
N SER A 8 13.66 -7.98 -9.28
CA SER A 8 14.65 -6.95 -9.57
C SER A 8 14.02 -5.57 -9.73
N GLU A 9 12.92 -5.46 -10.49
CA GLU A 9 12.19 -4.18 -10.64
C GLU A 9 11.53 -3.71 -9.32
N LYS A 10 11.28 -4.61 -8.37
CA LYS A 10 10.84 -4.26 -7.00
C LYS A 10 12.00 -3.68 -6.21
N ASP A 11 13.12 -4.40 -6.14
CA ASP A 11 14.31 -3.99 -5.38
C ASP A 11 14.83 -2.62 -5.82
N ARG A 12 14.82 -2.42 -7.14
CA ARG A 12 15.14 -1.14 -7.81
C ARG A 12 14.21 0.01 -7.39
N GLY A 13 12.90 -0.19 -7.47
CA GLY A 13 11.92 0.82 -7.07
C GLY A 13 11.96 1.13 -5.58
N ASN A 14 12.28 0.14 -4.72
CA ASN A 14 12.47 0.39 -3.28
C ASN A 14 13.57 1.44 -3.07
N GLY A 15 14.73 1.28 -3.72
CA GLY A 15 15.82 2.25 -3.66
C GLY A 15 15.38 3.65 -4.11
N PHE A 16 14.67 3.77 -5.22
CA PHE A 16 14.13 5.06 -5.69
C PHE A 16 13.15 5.67 -4.67
N PHE A 17 12.35 4.86 -3.97
CA PHE A 17 11.44 5.33 -2.94
C PHE A 17 12.20 5.85 -1.70
N LYS A 18 13.35 5.25 -1.37
CA LYS A 18 14.19 5.67 -0.23
C LYS A 18 14.99 6.93 -0.55
N GLU A 19 15.45 7.05 -1.79
CA GLU A 19 16.07 8.26 -2.36
C GLU A 19 15.06 9.43 -2.52
N GLY A 20 13.78 9.21 -2.22
CA GLY A 20 12.70 10.21 -2.33
C GLY A 20 12.31 10.53 -3.78
N LYS A 21 12.71 9.68 -4.72
CA LYS A 21 12.46 9.77 -6.16
C LYS A 21 11.20 8.95 -6.48
N TYR A 22 10.10 9.33 -5.83
CA TYR A 22 8.87 8.52 -5.75
C TYR A 22 8.33 8.09 -7.12
N GLU A 23 8.31 9.00 -8.10
CA GLU A 23 7.88 8.70 -9.47
C GLU A 23 8.74 7.63 -10.14
N ARG A 24 10.04 7.63 -9.90
CA ARG A 24 10.99 6.60 -10.38
C ARG A 24 10.75 5.22 -9.75
N ALA A 25 10.34 5.17 -8.48
CA ALA A 25 9.84 3.95 -7.86
C ALA A 25 8.55 3.46 -8.55
N ILE A 26 7.60 4.38 -8.82
CA ILE A 26 6.37 4.05 -9.58
C ILE A 26 6.70 3.45 -10.95
N GLU A 27 7.64 4.04 -11.68
CA GLU A 27 8.07 3.51 -12.98
C GLU A 27 8.56 2.06 -12.89
N CYS A 28 9.43 1.75 -11.92
CA CYS A 28 9.99 0.41 -11.72
C CYS A 28 8.91 -0.61 -11.30
N TYR A 29 8.11 -0.29 -10.28
CA TYR A 29 7.06 -1.22 -9.82
C TYR A 29 6.04 -1.51 -10.91
N THR A 30 5.70 -0.51 -11.73
CA THR A 30 4.81 -0.68 -12.89
C THR A 30 5.34 -1.72 -13.87
N ARG A 31 6.65 -1.73 -14.15
CA ARG A 31 7.28 -2.76 -15.01
C ARG A 31 7.10 -4.17 -14.45
N GLY A 32 7.18 -4.34 -13.14
CA GLY A 32 6.92 -5.59 -12.44
C GLY A 32 5.44 -5.99 -12.44
N ILE A 33 4.51 -5.08 -12.10
CA ILE A 33 3.05 -5.36 -12.09
C ILE A 33 2.59 -5.79 -13.50
N ALA A 34 3.23 -5.26 -14.52
CA ALA A 34 2.98 -5.60 -15.93
C ALA A 34 3.71 -6.87 -16.40
N ALA A 35 4.82 -7.25 -15.77
CA ALA A 35 5.59 -8.47 -16.06
C ALA A 35 5.05 -9.72 -15.33
N ASP A 36 4.49 -9.54 -14.14
CA ASP A 36 3.99 -10.59 -13.24
C ASP A 36 2.50 -10.37 -12.93
N GLY A 37 2.17 -9.31 -12.19
CA GLY A 37 0.78 -8.94 -11.92
C GLY A 37 0.05 -9.91 -10.97
N ALA A 38 0.78 -10.72 -10.22
CA ALA A 38 0.30 -11.78 -9.35
C ALA A 38 0.86 -11.66 -7.91
N ASN A 39 2.00 -10.99 -7.76
CA ASN A 39 2.58 -10.57 -6.49
C ASN A 39 1.94 -9.27 -5.99
N ALA A 40 1.22 -9.34 -4.86
CA ALA A 40 0.60 -8.20 -4.18
C ALA A 40 1.60 -7.15 -3.65
N LEU A 41 2.89 -7.48 -3.53
CA LEU A 41 3.92 -6.60 -2.96
C LEU A 41 4.36 -5.52 -3.95
N LEU A 42 4.30 -5.81 -5.24
CA LEU A 42 4.62 -4.89 -6.31
C LEU A 42 3.71 -3.64 -6.31
N PRO A 43 2.38 -3.78 -6.41
CA PRO A 43 1.47 -2.64 -6.32
C PRO A 43 1.43 -2.07 -4.88
N ALA A 44 1.68 -2.89 -3.84
CA ALA A 44 1.74 -2.40 -2.45
C ALA A 44 2.81 -1.32 -2.23
N ASN A 45 3.98 -1.47 -2.86
CA ASN A 45 5.02 -0.46 -2.83
C ASN A 45 4.73 0.71 -3.80
N ARG A 46 4.08 0.45 -4.95
CA ARG A 46 3.65 1.50 -5.91
C ARG A 46 2.63 2.46 -5.29
N ALA A 47 1.67 1.93 -4.52
CA ALA A 47 0.71 2.71 -3.76
C ALA A 47 1.37 3.69 -2.79
N MET A 48 2.44 3.26 -2.10
CA MET A 48 3.18 4.14 -1.19
C MET A 48 3.77 5.35 -1.91
N ALA A 49 4.40 5.17 -3.07
CA ALA A 49 4.93 6.28 -3.85
C ALA A 49 3.83 7.26 -4.30
N TYR A 50 2.71 6.75 -4.86
CA TYR A 50 1.53 7.56 -5.20
C TYR A 50 0.97 8.33 -3.99
N LEU A 51 1.00 7.73 -2.79
CA LEU A 51 0.55 8.39 -1.57
C LEU A 51 1.51 9.52 -1.13
N LYS A 52 2.83 9.34 -1.25
CA LYS A 52 3.82 10.40 -0.97
C LYS A 52 3.73 11.58 -1.94
N ILE A 53 3.31 11.38 -3.19
CA ILE A 53 3.06 12.46 -4.15
C ILE A 53 1.62 12.97 -4.11
N GLN A 54 0.82 12.51 -3.12
CA GLN A 54 -0.52 12.97 -2.82
C GLN A 54 -1.51 12.75 -3.97
N LYS A 55 -1.23 11.71 -4.78
CA LYS A 55 -2.14 11.08 -5.75
C LYS A 55 -2.89 9.91 -5.07
N TYR A 56 -3.68 10.21 -4.04
CA TYR A 56 -4.35 9.19 -3.24
C TYR A 56 -5.38 8.38 -4.03
N GLU A 57 -5.94 8.97 -5.09
CA GLU A 57 -6.81 8.26 -6.05
C GLU A 57 -6.10 7.10 -6.74
N GLU A 58 -4.81 7.27 -7.09
CA GLU A 58 -4.02 6.21 -7.71
C GLU A 58 -3.49 5.22 -6.65
N ALA A 59 -3.14 5.72 -5.46
CA ALA A 59 -2.72 4.89 -4.33
C ALA A 59 -3.82 3.95 -3.82
N GLU A 60 -5.08 4.41 -3.71
CA GLU A 60 -6.24 3.54 -3.43
C GLU A 60 -6.29 2.32 -4.38
N LYS A 61 -6.11 2.53 -5.69
CA LYS A 61 -6.27 1.51 -6.74
C LYS A 61 -5.19 0.44 -6.73
N ASP A 62 -3.94 0.82 -6.47
CA ASP A 62 -2.83 -0.13 -6.28
C ASP A 62 -3.01 -0.91 -4.97
N CYS A 63 -3.58 -0.29 -3.95
CA CYS A 63 -3.88 -0.99 -2.71
C CYS A 63 -4.99 -2.03 -2.91
N THR A 64 -6.06 -1.66 -3.62
CA THR A 64 -7.09 -2.62 -4.06
C THR A 64 -6.47 -3.75 -4.88
N GLN A 65 -5.55 -3.46 -5.80
CA GLN A 65 -4.84 -4.51 -6.54
C GLN A 65 -4.10 -5.47 -5.59
N ALA A 66 -3.33 -4.98 -4.62
CA ALA A 66 -2.66 -5.84 -3.65
C ALA A 66 -3.64 -6.72 -2.83
N ILE A 67 -4.88 -6.26 -2.60
CA ILE A 67 -5.91 -7.01 -1.88
C ILE A 67 -6.64 -8.01 -2.81
N LEU A 68 -6.67 -7.74 -4.12
CA LEU A 68 -7.21 -8.67 -5.11
C LEU A 68 -6.29 -9.88 -5.32
N LEU A 69 -4.97 -9.68 -5.22
CA LEU A 69 -3.97 -10.73 -5.39
C LEU A 69 -3.74 -11.51 -4.10
N ASP A 70 -3.44 -10.80 -3.01
CA ASP A 70 -3.22 -11.43 -1.68
C ASP A 70 -4.49 -11.50 -0.85
N GLY A 71 -5.06 -10.36 -0.45
CA GLY A 71 -6.33 -10.27 0.29
C GLY A 71 -6.21 -10.43 1.81
N SER A 72 -5.01 -10.78 2.29
CA SER A 72 -4.65 -10.93 3.71
C SER A 72 -3.57 -9.97 4.18
N TYR A 73 -3.16 -9.04 3.31
CA TYR A 73 -1.99 -8.20 3.53
C TYR A 73 -2.35 -6.95 4.34
N SER A 74 -2.08 -6.95 5.64
CA SER A 74 -2.43 -5.84 6.56
C SER A 74 -1.86 -4.49 6.10
N LYS A 75 -0.64 -4.47 5.55
CA LYS A 75 -0.01 -3.26 4.96
C LYS A 75 -0.84 -2.66 3.82
N ALA A 76 -1.40 -3.47 2.91
CA ALA A 76 -2.22 -2.98 1.80
C ALA A 76 -3.55 -2.37 2.26
N PHE A 77 -4.23 -2.98 3.24
CA PHE A 77 -5.44 -2.41 3.83
C PHE A 77 -5.14 -1.09 4.58
N ALA A 78 -4.06 -1.06 5.38
CA ALA A 78 -3.62 0.16 6.07
C ALA A 78 -3.34 1.31 5.08
N ARG A 79 -2.70 1.02 3.94
CA ARG A 79 -2.42 2.00 2.89
C ARG A 79 -3.69 2.45 2.16
N ARG A 80 -4.65 1.57 1.89
CA ARG A 80 -5.93 1.97 1.27
C ARG A 80 -6.73 2.85 2.21
N GLY A 81 -6.86 2.47 3.48
CA GLY A 81 -7.53 3.30 4.50
C GLY A 81 -6.87 4.67 4.63
N THR A 82 -5.54 4.73 4.69
CA THR A 82 -4.81 6.00 4.76
C THR A 82 -5.08 6.86 3.52
N ALA A 83 -5.01 6.28 2.31
CA ALA A 83 -5.35 6.97 1.07
C ALA A 83 -6.79 7.55 1.09
N ARG A 84 -7.80 6.69 1.31
CA ARG A 84 -9.23 7.03 1.43
C ARG A 84 -9.53 8.16 2.41
N THR A 85 -8.77 8.24 3.49
CA THR A 85 -8.91 9.27 4.52
C THR A 85 -8.67 10.66 3.92
N PHE A 86 -7.56 10.86 3.21
CA PHE A 86 -7.28 12.11 2.47
C PHE A 86 -8.15 12.27 1.20
N LEU A 87 -8.59 11.15 0.61
CA LEU A 87 -9.36 11.11 -0.64
C LEU A 87 -10.82 11.55 -0.43
N GLY A 88 -11.28 11.62 0.83
CA GLY A 88 -12.66 12.00 1.15
C GLY A 88 -13.64 10.83 1.15
N LYS A 89 -13.15 9.61 1.36
CA LYS A 89 -13.93 8.37 1.58
C LYS A 89 -13.77 7.84 3.01
N LEU A 90 -13.95 8.71 4.00
CA LEU A 90 -13.62 8.43 5.39
C LEU A 90 -14.30 7.18 5.98
N ASN A 91 -15.56 6.92 5.61
CA ASN A 91 -16.29 5.71 5.99
C ASN A 91 -15.83 4.44 5.28
N GLU A 92 -15.32 4.52 4.05
CA GLU A 92 -14.66 3.40 3.38
C GLU A 92 -13.28 3.12 4.00
N ALA A 93 -12.55 4.16 4.41
CA ALA A 93 -11.31 3.99 5.17
C ALA A 93 -11.53 3.30 6.53
N LYS A 94 -12.62 3.62 7.23
CA LYS A 94 -13.10 2.87 8.42
C LYS A 94 -13.21 1.37 8.16
N GLN A 95 -13.80 0.97 7.03
CA GLN A 95 -13.97 -0.44 6.64
C GLN A 95 -12.63 -1.13 6.32
N ASP A 96 -11.61 -0.38 5.92
CA ASP A 96 -10.25 -0.92 5.74
C ASP A 96 -9.48 -1.01 7.06
N PHE A 97 -9.52 0.02 7.92
CA PHE A 97 -8.81 0.00 9.22
C PHE A 97 -9.38 -1.07 10.17
N GLU A 98 -10.71 -1.23 10.20
CA GLU A 98 -11.36 -2.33 10.91
C GLU A 98 -10.91 -3.72 10.42
N THR A 99 -10.52 -3.84 9.15
CA THR A 99 -10.01 -5.08 8.55
C THR A 99 -8.54 -5.32 8.88
N VAL A 100 -7.70 -4.29 8.98
CA VAL A 100 -6.29 -4.43 9.42
C VAL A 100 -6.21 -5.17 10.77
N LEU A 101 -7.18 -4.91 11.65
CA LEU A 101 -7.30 -5.55 12.97
C LEU A 101 -7.68 -7.05 12.91
N LEU A 102 -8.21 -7.54 11.80
CA LEU A 102 -8.53 -8.97 11.58
C LEU A 102 -7.29 -9.75 11.06
N LEU A 103 -6.36 -9.03 10.44
CA LEU A 103 -5.14 -9.55 9.83
C LEU A 103 -3.93 -9.53 10.79
N GLU A 104 -3.91 -8.55 11.71
CA GLU A 104 -3.08 -8.55 12.92
C GLU A 104 -3.91 -8.06 14.12
N PRO A 105 -4.30 -8.94 15.06
CA PRO A 105 -5.03 -8.57 16.27
C PRO A 105 -4.30 -7.46 17.06
N GLY A 106 -4.98 -6.36 17.36
CA GLY A 106 -4.40 -5.25 18.14
C GLY A 106 -3.38 -4.38 17.40
N ASN A 107 -3.39 -4.34 16.06
CA ASN A 107 -2.55 -3.49 15.24
C ASN A 107 -2.59 -2.00 15.62
N LYS A 108 -1.39 -1.40 15.72
CA LYS A 108 -1.15 -0.01 16.14
C LYS A 108 -1.90 1.01 15.28
N GLN A 109 -1.71 0.95 13.96
CA GLN A 109 -2.41 1.76 12.99
C GLN A 109 -3.92 1.49 13.00
N ALA A 110 -4.33 0.23 13.10
CA ALA A 110 -5.75 -0.09 13.07
C ALA A 110 -6.53 0.48 14.27
N VAL A 111 -5.85 0.79 15.38
CA VAL A 111 -6.42 1.62 16.44
C VAL A 111 -6.30 3.11 16.10
N THR A 112 -5.09 3.61 15.84
CA THR A 112 -4.82 5.06 15.72
C THR A 112 -5.49 5.71 14.50
N GLU A 113 -5.45 5.10 13.33
CA GLU A 113 -6.03 5.66 12.10
C GLU A 113 -7.55 5.51 12.05
N LEU A 114 -8.11 4.46 12.68
CA LEU A 114 -9.53 4.33 12.98
C LEU A 114 -10.00 5.37 14.00
N SER A 115 -9.13 5.75 14.94
CA SER A 115 -9.42 6.77 15.94
C SER A 115 -9.58 8.16 15.30
N LYS A 116 -8.80 8.47 14.24
CA LYS A 116 -8.93 9.72 13.45
C LYS A 116 -10.29 9.88 12.76
N ILE A 117 -11.02 8.78 12.57
CA ILE A 117 -12.38 8.80 12.00
C ILE A 117 -13.37 9.41 13.01
N LYS A 118 -13.22 9.02 14.29
CA LYS A 118 -14.16 9.28 15.38
C LYS A 118 -13.79 10.52 16.23
N LYS A 119 -12.50 10.87 16.33
CA LYS A 119 -11.94 12.00 17.08
C LYS A 119 -12.38 12.07 18.57
N LYS A 120 -12.57 10.92 19.22
CA LYS A 120 -12.93 10.77 20.65
C LYS A 120 -11.74 10.29 21.47
N ASP B 1 3.12 -6.94 18.50
CA ASP B 1 3.52 -5.86 17.59
C ASP B 1 3.23 -6.19 16.12
N THR B 2 3.02 -5.17 15.29
CA THR B 2 2.37 -5.30 13.97
C THR B 2 3.03 -4.45 12.89
N SER B 3 2.63 -4.71 11.66
CA SER B 3 3.13 -4.14 10.41
C SER B 3 2.92 -2.62 10.32
N ARG B 4 3.89 -1.93 9.71
CA ARG B 4 3.85 -0.48 9.44
C ARG B 4 3.33 -0.16 8.03
N MET B 5 2.59 0.93 7.93
CA MET B 5 2.08 1.48 6.67
C MET B 5 3.20 2.09 5.83
N GLU B 6 4.00 2.97 6.45
CA GLU B 6 5.05 3.88 5.92
C GLU B 6 6.32 3.19 5.36
N GLU B 7 6.17 2.07 4.64
CA GLU B 7 7.25 1.11 4.38
C GLU B 7 7.19 0.53 2.95
N VAL B 8 8.32 0.12 2.39
CA VAL B 8 8.40 -0.67 1.14
C VAL B 8 9.15 -1.99 1.38
N ASP B 9 9.37 -2.82 0.36
CA ASP B 9 10.01 -4.15 0.48
C ASP B 9 11.42 -4.17 1.10
N GLY A 1 8.56 -18.67 -16.48
CA GLY A 1 8.31 -17.94 -15.23
C GLY A 1 9.21 -16.71 -15.11
N PRO A 2 8.70 -15.58 -14.57
CA PRO A 2 9.40 -14.29 -14.51
C PRO A 2 9.95 -13.93 -13.12
N HIS A 3 10.16 -14.88 -12.20
CA HIS A 3 10.27 -14.57 -10.78
C HIS A 3 11.45 -13.62 -10.43
N MET A 4 12.66 -13.92 -10.89
CA MET A 4 13.84 -13.08 -10.62
C MET A 4 13.79 -11.75 -11.35
N GLN A 5 13.16 -11.72 -12.54
CA GLN A 5 12.86 -10.49 -13.28
C GLN A 5 11.87 -9.60 -12.51
N ALA A 6 10.89 -10.17 -11.81
CA ALA A 6 9.85 -9.42 -11.10
C ALA A 6 10.35 -8.89 -9.75
N ILE A 7 11.25 -9.64 -9.09
CA ILE A 7 12.02 -9.16 -7.94
C ILE A 7 12.94 -8.01 -8.36
N SER A 8 13.66 -8.13 -9.48
CA SER A 8 14.68 -7.14 -9.87
C SER A 8 14.13 -5.73 -10.00
N GLU A 9 12.98 -5.57 -10.66
CA GLU A 9 12.30 -4.28 -10.84
C GLU A 9 11.72 -3.74 -9.51
N LYS A 10 11.44 -4.62 -8.53
CA LYS A 10 11.04 -4.24 -7.17
C LYS A 10 12.24 -3.71 -6.37
N ASP A 11 13.32 -4.48 -6.34
CA ASP A 11 14.57 -4.13 -5.64
C ASP A 11 15.14 -2.78 -6.13
N ARG A 12 15.05 -2.57 -7.45
CA ARG A 12 15.30 -1.27 -8.12
C ARG A 12 14.40 -0.14 -7.60
N GLY A 13 13.07 -0.29 -7.68
CA GLY A 13 12.13 0.75 -7.25
C GLY A 13 12.20 1.08 -5.76
N ASN A 14 12.52 0.10 -4.90
CA ASN A 14 12.68 0.36 -3.46
C ASN A 14 13.77 1.40 -3.21
N GLY A 15 14.93 1.30 -3.89
CA GLY A 15 16.03 2.26 -3.76
C GLY A 15 15.66 3.68 -4.21
N PHE A 16 14.95 3.80 -5.34
CA PHE A 16 14.42 5.09 -5.79
C PHE A 16 13.43 5.70 -4.78
N PHE A 17 12.62 4.87 -4.11
CA PHE A 17 11.70 5.34 -3.07
C PHE A 17 12.46 5.85 -1.84
N LYS A 18 13.63 5.25 -1.52
CA LYS A 18 14.44 5.68 -0.38
C LYS A 18 15.13 7.01 -0.63
N GLU A 19 15.48 7.28 -1.89
CA GLU A 19 15.99 8.59 -2.31
C GLU A 19 14.89 9.67 -2.40
N GLY A 20 13.62 9.31 -2.23
CA GLY A 20 12.48 10.19 -2.47
C GLY A 20 12.25 10.52 -3.96
N LYS A 21 12.87 9.74 -4.86
CA LYS A 21 12.58 9.70 -6.31
C LYS A 21 11.33 8.85 -6.55
N TYR A 22 10.20 9.31 -5.99
CA TYR A 22 8.95 8.57 -5.90
C TYR A 22 8.45 8.08 -7.27
N GLU A 23 8.47 8.95 -8.27
CA GLU A 23 8.10 8.59 -9.65
C GLU A 23 9.00 7.48 -10.20
N ARG A 24 10.33 7.58 -10.07
CA ARG A 24 11.25 6.50 -10.51
C ARG A 24 10.95 5.14 -9.87
N ALA A 25 10.52 5.12 -8.61
CA ALA A 25 10.01 3.90 -7.97
C ALA A 25 8.70 3.42 -8.62
N ILE A 26 7.74 4.32 -8.85
CA ILE A 26 6.48 4.02 -9.59
C ILE A 26 6.78 3.44 -10.97
N GLU A 27 7.71 4.02 -11.73
CA GLU A 27 8.12 3.53 -13.05
C GLU A 27 8.57 2.06 -12.97
N CYS A 28 9.48 1.74 -12.04
CA CYS A 28 10.04 0.40 -11.87
C CYS A 28 8.99 -0.62 -11.40
N TYR A 29 8.19 -0.30 -10.38
CA TYR A 29 7.14 -1.22 -9.92
C TYR A 29 6.10 -1.47 -11.01
N THR A 30 5.74 -0.44 -11.80
CA THR A 30 4.82 -0.59 -12.93
C THR A 30 5.33 -1.63 -13.93
N ARG A 31 6.63 -1.63 -14.26
CA ARG A 31 7.22 -2.64 -15.14
C ARG A 31 7.06 -4.06 -14.60
N GLY A 32 7.21 -4.25 -13.29
CA GLY A 32 6.94 -5.51 -12.59
C GLY A 32 5.46 -5.90 -12.57
N ILE A 33 4.55 -5.01 -12.16
CA ILE A 33 3.08 -5.27 -12.14
C ILE A 33 2.58 -5.62 -13.56
N ALA A 34 3.23 -5.07 -14.57
CA ALA A 34 2.95 -5.32 -15.98
C ALA A 34 3.62 -6.60 -16.54
N ALA A 35 4.73 -7.04 -15.94
CA ALA A 35 5.44 -8.28 -16.31
C ALA A 35 4.84 -9.54 -15.62
N ASP A 36 4.39 -9.39 -14.38
CA ASP A 36 3.93 -10.46 -13.48
C ASP A 36 2.44 -10.28 -13.14
N GLY A 37 2.09 -9.23 -12.40
CA GLY A 37 0.70 -8.85 -12.13
C GLY A 37 -0.02 -9.78 -11.13
N ALA A 38 0.74 -10.54 -10.34
CA ALA A 38 0.26 -11.56 -9.41
C ALA A 38 0.89 -11.46 -8.01
N ASN A 39 2.06 -10.82 -7.87
CA ASN A 39 2.64 -10.47 -6.57
C ASN A 39 2.01 -9.21 -5.97
N ALA A 40 1.31 -9.33 -4.84
CA ALA A 40 0.69 -8.21 -4.11
C ALA A 40 1.67 -7.13 -3.61
N LEU A 41 2.97 -7.43 -3.51
CA LEU A 41 3.99 -6.54 -2.95
C LEU A 41 4.42 -5.44 -3.94
N LEU A 42 4.35 -5.74 -5.24
CA LEU A 42 4.69 -4.81 -6.31
C LEU A 42 3.78 -3.56 -6.30
N PRO A 43 2.44 -3.69 -6.41
CA PRO A 43 1.53 -2.55 -6.31
C PRO A 43 1.49 -1.98 -4.90
N ALA A 44 1.76 -2.78 -3.86
CA ALA A 44 1.80 -2.30 -2.46
C ALA A 44 2.89 -1.25 -2.22
N ASN A 45 4.07 -1.40 -2.85
CA ASN A 45 5.12 -0.39 -2.80
C ASN A 45 4.81 0.78 -3.77
N ARG A 46 4.19 0.51 -4.94
CA ARG A 46 3.77 1.56 -5.90
C ARG A 46 2.76 2.53 -5.29
N ALA A 47 1.79 2.01 -4.54
CA ALA A 47 0.81 2.81 -3.82
C ALA A 47 1.45 3.76 -2.79
N MET A 48 2.52 3.34 -2.10
CA MET A 48 3.24 4.21 -1.15
C MET A 48 3.83 5.44 -1.85
N ALA A 49 4.43 5.29 -3.03
CA ALA A 49 4.96 6.43 -3.77
C ALA A 49 3.85 7.40 -4.20
N TYR A 50 2.74 6.92 -4.76
CA TYR A 50 1.54 7.73 -5.05
C TYR A 50 1.03 8.46 -3.79
N LEU A 51 1.08 7.82 -2.62
CA LEU A 51 0.64 8.42 -1.35
C LEU A 51 1.61 9.52 -0.85
N LYS A 52 2.92 9.39 -1.09
CA LYS A 52 3.92 10.44 -0.80
C LYS A 52 3.82 11.66 -1.72
N ILE A 53 3.39 11.47 -2.97
CA ILE A 53 3.05 12.57 -3.89
C ILE A 53 1.59 13.02 -3.77
N GLN A 54 0.87 12.50 -2.78
CA GLN A 54 -0.47 12.93 -2.40
C GLN A 54 -1.51 12.69 -3.52
N LYS A 55 -1.24 11.71 -4.39
CA LYS A 55 -2.16 11.18 -5.39
C LYS A 55 -2.95 9.98 -4.85
N TYR A 56 -3.82 10.22 -3.87
CA TYR A 56 -4.48 9.14 -3.13
C TYR A 56 -5.45 8.32 -3.98
N GLU A 57 -6.02 8.92 -5.03
CA GLU A 57 -6.93 8.24 -5.95
C GLU A 57 -6.27 7.02 -6.61
N GLU A 58 -5.01 7.15 -7.03
CA GLU A 58 -4.26 6.07 -7.69
C GLU A 58 -3.58 5.15 -6.68
N ALA A 59 -3.17 5.70 -5.53
CA ALA A 59 -2.69 4.90 -4.39
C ALA A 59 -3.76 3.92 -3.87
N GLU A 60 -5.00 4.38 -3.70
CA GLU A 60 -6.15 3.58 -3.26
C GLU A 60 -6.41 2.37 -4.16
N LYS A 61 -6.24 2.54 -5.47
CA LYS A 61 -6.46 1.52 -6.51
C LYS A 61 -5.38 0.43 -6.51
N ASP A 62 -4.11 0.80 -6.41
CA ASP A 62 -3.02 -0.18 -6.25
C ASP A 62 -3.11 -0.93 -4.93
N CYS A 63 -3.62 -0.27 -3.88
CA CYS A 63 -3.86 -0.96 -2.62
C CYS A 63 -4.99 -1.98 -2.74
N THR A 64 -6.09 -1.66 -3.44
CA THR A 64 -7.11 -2.65 -3.82
C THR A 64 -6.48 -3.78 -4.64
N GLN A 65 -5.62 -3.49 -5.63
CA GLN A 65 -4.96 -4.54 -6.40
C GLN A 65 -4.17 -5.49 -5.49
N ALA A 66 -3.35 -5.00 -4.56
CA ALA A 66 -2.64 -5.86 -3.61
C ALA A 66 -3.58 -6.77 -2.77
N ILE A 67 -4.81 -6.34 -2.50
CA ILE A 67 -5.82 -7.12 -1.75
C ILE A 67 -6.54 -8.12 -2.69
N LEU A 68 -6.65 -7.82 -3.98
CA LEU A 68 -7.20 -8.73 -4.99
C LEU A 68 -6.26 -9.90 -5.25
N LEU A 69 -4.95 -9.68 -5.12
CA LEU A 69 -3.94 -10.73 -5.30
C LEU A 69 -3.86 -11.54 -4.02
N ASP A 70 -3.46 -10.90 -2.93
CA ASP A 70 -3.18 -11.63 -1.68
C ASP A 70 -4.39 -11.77 -0.75
N GLY A 71 -5.07 -10.67 -0.41
CA GLY A 71 -6.29 -10.65 0.42
C GLY A 71 -6.05 -10.70 1.94
N SER A 72 -4.80 -10.93 2.36
CA SER A 72 -4.41 -11.06 3.77
C SER A 72 -3.29 -10.12 4.21
N TYR A 73 -2.88 -9.18 3.35
CA TYR A 73 -1.72 -8.33 3.56
C TYR A 73 -2.08 -7.07 4.35
N SER A 74 -1.82 -7.06 5.66
CA SER A 74 -2.25 -5.98 6.58
C SER A 74 -1.73 -4.58 6.17
N LYS A 75 -0.51 -4.48 5.62
CA LYS A 75 0.04 -3.25 5.02
C LYS A 75 -0.83 -2.69 3.89
N ALA A 76 -1.32 -3.51 2.96
CA ALA A 76 -2.11 -3.02 1.84
C ALA A 76 -3.46 -2.43 2.30
N PHE A 77 -4.10 -3.04 3.31
CA PHE A 77 -5.31 -2.49 3.91
C PHE A 77 -5.03 -1.19 4.68
N ALA A 78 -3.96 -1.12 5.47
CA ALA A 78 -3.55 0.09 6.18
C ALA A 78 -3.26 1.25 5.21
N ARG A 79 -2.57 0.97 4.09
CA ARG A 79 -2.31 1.94 3.02
C ARG A 79 -3.60 2.36 2.30
N ARG A 80 -4.59 1.47 2.09
CA ARG A 80 -5.86 1.86 1.46
C ARG A 80 -6.70 2.74 2.38
N GLY A 81 -6.86 2.38 3.65
CA GLY A 81 -7.56 3.22 4.63
C GLY A 81 -6.95 4.63 4.71
N THR A 82 -5.63 4.75 4.85
CA THR A 82 -4.97 6.06 4.86
C THR A 82 -5.16 6.82 3.54
N ALA A 83 -5.09 6.16 2.38
CA ALA A 83 -5.34 6.81 1.09
C ALA A 83 -6.78 7.37 1.02
N ARG A 84 -7.80 6.52 1.24
CA ARG A 84 -9.23 6.88 1.30
C ARG A 84 -9.54 8.02 2.26
N THR A 85 -8.80 8.10 3.37
CA THR A 85 -8.98 9.12 4.41
C THR A 85 -8.73 10.53 3.89
N PHE A 86 -7.66 10.72 3.12
CA PHE A 86 -7.37 11.98 2.42
C PHE A 86 -8.16 12.16 1.12
N LEU A 87 -8.61 11.06 0.51
CA LEU A 87 -9.45 11.06 -0.69
C LEU A 87 -10.89 11.56 -0.40
N GLY A 88 -11.30 11.55 0.87
CA GLY A 88 -12.66 11.90 1.29
C GLY A 88 -13.64 10.72 1.30
N LYS A 89 -13.13 9.47 1.27
CA LYS A 89 -13.90 8.23 1.40
C LYS A 89 -13.76 7.64 2.80
N LEU A 90 -13.95 8.49 3.80
CA LEU A 90 -13.70 8.21 5.21
C LEU A 90 -14.50 7.01 5.75
N ASN A 91 -15.74 6.84 5.29
CA ASN A 91 -16.59 5.68 5.60
C ASN A 91 -16.05 4.36 5.01
N GLU A 92 -15.40 4.40 3.84
CA GLU A 92 -14.74 3.24 3.26
C GLU A 92 -13.38 2.95 3.92
N ALA A 93 -12.65 3.99 4.35
CA ALA A 93 -11.43 3.87 5.15
C ALA A 93 -11.67 3.26 6.54
N LYS A 94 -12.79 3.59 7.21
CA LYS A 94 -13.27 2.93 8.43
C LYS A 94 -13.29 1.40 8.26
N GLN A 95 -13.88 0.93 7.16
CA GLN A 95 -14.02 -0.50 6.86
C GLN A 95 -12.67 -1.19 6.62
N ASP A 96 -11.68 -0.45 6.11
CA ASP A 96 -10.34 -0.96 5.86
C ASP A 96 -9.52 -1.05 7.16
N PHE A 97 -9.58 -0.04 8.04
CA PHE A 97 -8.91 -0.10 9.33
C PHE A 97 -9.54 -1.18 10.24
N GLU A 98 -10.87 -1.28 10.25
CA GLU A 98 -11.60 -2.40 10.87
C GLU A 98 -11.19 -3.78 10.30
N THR A 99 -10.73 -3.86 9.04
CA THR A 99 -10.20 -5.10 8.44
C THR A 99 -8.74 -5.37 8.85
N VAL A 100 -7.88 -4.34 8.98
CA VAL A 100 -6.51 -4.53 9.49
C VAL A 100 -6.56 -5.19 10.88
N LEU A 101 -7.54 -4.84 11.71
CA LEU A 101 -7.76 -5.43 13.04
C LEU A 101 -8.24 -6.90 13.03
N LEU A 102 -8.60 -7.47 11.87
CA LEU A 102 -8.85 -8.92 11.70
C LEU A 102 -7.56 -9.68 11.40
N LEU A 103 -6.67 -9.05 10.62
CA LEU A 103 -5.41 -9.61 10.11
C LEU A 103 -4.27 -9.50 11.14
N GLU A 104 -4.27 -8.43 11.94
CA GLU A 104 -3.46 -8.25 13.13
C GLU A 104 -4.34 -7.67 14.26
N PRO A 105 -4.93 -8.51 15.11
CA PRO A 105 -5.63 -8.07 16.32
C PRO A 105 -4.76 -7.13 17.16
N GLY A 106 -5.32 -5.97 17.51
CA GLY A 106 -4.63 -4.93 18.28
C GLY A 106 -3.59 -4.11 17.50
N ASN A 107 -3.58 -4.17 16.16
CA ASN A 107 -2.68 -3.38 15.31
C ASN A 107 -2.71 -1.87 15.62
N LYS A 108 -1.52 -1.30 15.74
CA LYS A 108 -1.27 0.05 16.26
C LYS A 108 -1.81 1.14 15.35
N GLN A 109 -1.65 0.97 14.04
CA GLN A 109 -2.31 1.80 13.04
C GLN A 109 -3.82 1.54 13.03
N ALA A 110 -4.27 0.29 13.08
CA ALA A 110 -5.70 0.00 12.96
C ALA A 110 -6.55 0.57 14.11
N VAL A 111 -5.97 0.74 15.30
CA VAL A 111 -6.59 1.57 16.35
C VAL A 111 -6.37 3.05 16.05
N THR A 112 -5.11 3.49 15.89
CA THR A 112 -4.78 4.93 15.87
C THR A 112 -5.39 5.69 14.69
N GLU A 113 -5.39 5.12 13.50
CA GLU A 113 -5.93 5.76 12.28
C GLU A 113 -7.47 5.68 12.25
N LEU A 114 -8.08 4.59 12.74
CA LEU A 114 -9.52 4.52 13.01
C LEU A 114 -9.95 5.58 14.04
N SER A 115 -9.06 5.96 14.96
CA SER A 115 -9.31 7.04 15.91
C SER A 115 -9.33 8.42 15.21
N LYS A 116 -8.59 8.60 14.11
CA LYS A 116 -8.57 9.83 13.28
C LYS A 116 -9.83 10.02 12.42
N ILE A 117 -10.65 8.99 12.25
CA ILE A 117 -11.94 9.08 11.52
C ILE A 117 -12.91 10.04 12.24
N LYS A 118 -12.91 9.96 13.58
CA LYS A 118 -14.03 10.37 14.46
C LYS A 118 -14.19 11.88 14.69
N LYS A 119 -13.90 12.72 13.69
CA LYS A 119 -13.96 14.21 13.75
C LYS A 119 -15.34 14.82 13.50
N LYS A 120 -16.33 13.95 13.28
CA LYS A 120 -17.78 14.23 13.28
C LYS A 120 -18.52 13.16 14.10
N ASP B 1 3.62 -8.53 17.62
CA ASP B 1 3.72 -7.10 17.25
C ASP B 1 3.48 -6.91 15.75
N THR B 2 2.86 -5.79 15.35
CA THR B 2 2.13 -5.66 14.09
C THR B 2 2.85 -4.80 13.05
N SER B 3 2.30 -4.79 11.83
CA SER B 3 2.90 -4.22 10.63
C SER B 3 2.68 -2.72 10.48
N ARG B 4 3.69 -2.01 9.97
CA ARG B 4 3.80 -0.54 9.88
C ARG B 4 3.52 -0.09 8.44
N MET B 5 2.67 0.93 8.25
CA MET B 5 2.21 1.32 6.91
C MET B 5 3.34 1.75 5.97
N GLU B 6 4.28 2.60 6.40
CA GLU B 6 5.25 3.23 5.48
C GLU B 6 6.27 2.27 4.83
N GLU B 7 6.47 1.06 5.38
CA GLU B 7 7.60 0.17 5.09
C GLU B 7 7.49 -0.55 3.73
N VAL B 8 8.15 -0.06 2.67
CA VAL B 8 8.30 -0.72 1.34
C VAL B 8 9.19 -1.98 1.44
N ASP B 9 9.45 -2.72 0.35
CA ASP B 9 10.17 -4.02 0.42
C ASP B 9 11.63 -3.92 0.91
N GLY A 1 14.31 -14.50 -16.33
CA GLY A 1 13.18 -15.43 -16.12
C GLY A 1 12.06 -14.74 -15.36
N PRO A 2 10.82 -15.26 -15.43
CA PRO A 2 9.61 -14.53 -15.05
C PRO A 2 9.43 -14.24 -13.55
N HIS A 3 10.25 -14.82 -12.66
CA HIS A 3 10.32 -14.47 -11.24
C HIS A 3 11.42 -13.42 -10.98
N MET A 4 12.65 -13.65 -11.48
CA MET A 4 13.81 -12.75 -11.30
C MET A 4 13.64 -11.40 -11.99
N GLN A 5 12.96 -11.38 -13.15
CA GLN A 5 12.56 -10.17 -13.88
C GLN A 5 11.65 -9.27 -13.03
N ALA A 6 10.80 -9.90 -12.19
CA ALA A 6 9.84 -9.22 -11.33
C ALA A 6 10.40 -8.91 -9.92
N ILE A 7 11.48 -9.58 -9.50
CA ILE A 7 12.34 -9.11 -8.40
C ILE A 7 13.11 -7.86 -8.82
N SER A 8 13.69 -7.85 -10.02
CA SER A 8 14.60 -6.77 -10.46
C SER A 8 13.92 -5.40 -10.44
N GLU A 9 12.73 -5.26 -11.01
CA GLU A 9 11.96 -4.01 -11.01
C GLU A 9 11.47 -3.60 -9.60
N LYS A 10 11.35 -4.55 -8.68
CA LYS A 10 11.02 -4.32 -7.27
C LYS A 10 12.24 -3.75 -6.54
N ASP A 11 13.34 -4.49 -6.55
CA ASP A 11 14.64 -4.13 -5.97
C ASP A 11 15.09 -2.72 -6.37
N ARG A 12 14.97 -2.42 -7.68
CA ARG A 12 15.28 -1.11 -8.29
C ARG A 12 14.37 0.01 -7.83
N GLY A 13 13.05 -0.20 -7.86
CA GLY A 13 12.08 0.81 -7.41
C GLY A 13 12.23 1.14 -5.92
N ASN A 14 12.57 0.15 -5.10
CA ASN A 14 12.77 0.36 -3.66
C ASN A 14 13.86 1.42 -3.39
N GLY A 15 15.02 1.32 -4.06
CA GLY A 15 16.11 2.29 -3.91
C GLY A 15 15.67 3.72 -4.22
N PHE A 16 14.90 3.91 -5.29
CA PHE A 16 14.34 5.23 -5.62
C PHE A 16 13.35 5.73 -4.56
N PHE A 17 12.54 4.85 -3.97
CA PHE A 17 11.61 5.23 -2.90
C PHE A 17 12.38 5.70 -1.65
N LYS A 18 13.52 5.09 -1.34
CA LYS A 18 14.34 5.45 -0.16
C LYS A 18 15.14 6.74 -0.35
N GLU A 19 15.49 7.03 -1.59
CA GLU A 19 16.08 8.30 -2.03
C GLU A 19 15.03 9.43 -2.18
N GLY A 20 13.75 9.16 -1.89
CA GLY A 20 12.64 10.10 -2.00
C GLY A 20 12.19 10.40 -3.45
N LYS A 21 12.74 9.67 -4.42
CA LYS A 21 12.45 9.78 -5.86
C LYS A 21 11.21 8.94 -6.20
N TYR A 22 10.08 9.27 -5.56
CA TYR A 22 8.86 8.44 -5.54
C TYR A 22 8.39 8.08 -6.96
N GLU A 23 8.41 9.03 -7.90
CA GLU A 23 8.04 8.81 -9.30
C GLU A 23 8.92 7.75 -9.97
N ARG A 24 10.23 7.78 -9.72
CA ARG A 24 11.22 6.81 -10.24
C ARG A 24 11.05 5.40 -9.69
N ALA A 25 10.52 5.25 -8.47
CA ALA A 25 10.05 3.98 -7.92
C ALA A 25 8.79 3.47 -8.65
N ILE A 26 7.79 4.35 -8.84
CA ILE A 26 6.55 4.04 -9.59
C ILE A 26 6.86 3.50 -10.99
N GLU A 27 7.79 4.14 -11.70
CA GLU A 27 8.21 3.70 -13.05
C GLU A 27 8.72 2.25 -13.07
N CYS A 28 9.49 1.85 -12.06
CA CYS A 28 10.02 0.49 -11.94
C CYS A 28 8.89 -0.49 -11.60
N TYR A 29 8.15 -0.24 -10.51
CA TYR A 29 7.10 -1.18 -10.05
C TYR A 29 6.04 -1.42 -11.12
N THR A 30 5.70 -0.40 -11.91
CA THR A 30 4.76 -0.49 -13.04
C THR A 30 5.16 -1.58 -14.04
N ARG A 31 6.47 -1.67 -14.37
CA ARG A 31 7.02 -2.70 -15.26
C ARG A 31 6.89 -4.10 -14.67
N GLY A 32 7.11 -4.25 -13.37
CA GLY A 32 6.92 -5.50 -12.64
C GLY A 32 5.46 -5.95 -12.62
N ILE A 33 4.52 -5.08 -12.24
CA ILE A 33 3.07 -5.41 -12.17
C ILE A 33 2.56 -5.85 -13.54
N ALA A 34 3.12 -5.28 -14.60
CA ALA A 34 2.81 -5.63 -15.99
C ALA A 34 3.57 -6.87 -16.53
N ALA A 35 4.70 -7.26 -15.90
CA ALA A 35 5.53 -8.42 -16.27
C ALA A 35 5.23 -9.69 -15.45
N ASP A 36 4.63 -9.55 -14.29
CA ASP A 36 4.13 -10.64 -13.43
C ASP A 36 2.60 -10.56 -13.30
N GLY A 37 2.09 -9.68 -12.43
CA GLY A 37 0.66 -9.40 -12.26
C GLY A 37 -0.07 -10.33 -11.28
N ALA A 38 0.67 -11.06 -10.45
CA ALA A 38 0.17 -12.01 -9.46
C ALA A 38 0.81 -11.82 -8.06
N ASN A 39 1.95 -11.14 -7.97
CA ASN A 39 2.57 -10.72 -6.72
C ASN A 39 1.97 -9.43 -6.15
N ALA A 40 1.34 -9.50 -4.96
CA ALA A 40 0.77 -8.36 -4.24
C ALA A 40 1.79 -7.31 -3.75
N LEU A 41 3.08 -7.64 -3.69
CA LEU A 41 4.14 -6.77 -3.14
C LEU A 41 4.54 -5.66 -4.13
N LEU A 42 4.42 -5.94 -5.41
CA LEU A 42 4.72 -5.00 -6.49
C LEU A 42 3.82 -3.74 -6.46
N PRO A 43 2.49 -3.87 -6.51
CA PRO A 43 1.59 -2.73 -6.38
C PRO A 43 1.59 -2.17 -4.95
N ALA A 44 1.87 -3.00 -3.92
CA ALA A 44 1.96 -2.54 -2.52
C ALA A 44 3.04 -1.46 -2.34
N ASN A 45 4.22 -1.63 -2.95
CA ASN A 45 5.27 -0.62 -2.96
C ASN A 45 4.90 0.58 -3.86
N ARG A 46 4.23 0.35 -5.01
CA ARG A 46 3.78 1.42 -5.94
C ARG A 46 2.77 2.37 -5.29
N ALA A 47 1.82 1.83 -4.53
CA ALA A 47 0.82 2.62 -3.80
C ALA A 47 1.45 3.58 -2.79
N MET A 48 2.51 3.16 -2.07
CA MET A 48 3.22 4.02 -1.13
C MET A 48 3.80 5.26 -1.80
N ALA A 49 4.44 5.10 -2.97
CA ALA A 49 4.98 6.23 -3.71
C ALA A 49 3.89 7.24 -4.14
N TYR A 50 2.78 6.76 -4.71
CA TYR A 50 1.60 7.59 -5.03
C TYR A 50 1.05 8.32 -3.79
N LEU A 51 1.10 7.69 -2.61
CA LEU A 51 0.64 8.31 -1.36
C LEU A 51 1.59 9.43 -0.87
N LYS A 52 2.90 9.28 -1.06
CA LYS A 52 3.90 10.33 -0.74
C LYS A 52 3.80 11.56 -1.66
N ILE A 53 3.31 11.40 -2.89
CA ILE A 53 3.05 12.49 -3.84
C ILE A 53 1.60 12.97 -3.84
N GLN A 54 0.80 12.49 -2.89
CA GLN A 54 -0.55 12.99 -2.60
C GLN A 54 -1.57 12.71 -3.71
N LYS A 55 -1.25 11.75 -4.60
CA LYS A 55 -2.18 11.12 -5.54
C LYS A 55 -2.88 9.93 -4.89
N TYR A 56 -3.65 10.18 -3.84
CA TYR A 56 -4.33 9.14 -3.06
C TYR A 56 -5.36 8.36 -3.89
N GLU A 57 -5.95 9.02 -4.88
CA GLU A 57 -6.87 8.39 -5.85
C GLU A 57 -6.19 7.26 -6.65
N GLU A 58 -4.90 7.41 -6.95
CA GLU A 58 -4.09 6.38 -7.63
C GLU A 58 -3.49 5.36 -6.64
N ALA A 59 -3.12 5.80 -5.43
CA ALA A 59 -2.62 4.93 -4.37
C ALA A 59 -3.68 3.90 -3.92
N GLU A 60 -4.93 4.33 -3.72
CA GLU A 60 -6.06 3.44 -3.43
C GLU A 60 -6.17 2.25 -4.41
N LYS A 61 -6.02 2.49 -5.72
CA LYS A 61 -6.18 1.49 -6.80
C LYS A 61 -5.15 0.36 -6.67
N ASP A 62 -3.88 0.73 -6.50
CA ASP A 62 -2.81 -0.25 -6.32
C ASP A 62 -2.94 -1.01 -4.99
N CYS A 63 -3.47 -0.37 -3.94
CA CYS A 63 -3.76 -1.07 -2.70
C CYS A 63 -4.86 -2.13 -2.87
N THR A 64 -5.95 -1.79 -3.58
CA THR A 64 -6.98 -2.77 -3.95
C THR A 64 -6.38 -3.92 -4.78
N GLN A 65 -5.48 -3.64 -5.73
CA GLN A 65 -4.79 -4.70 -6.47
C GLN A 65 -4.04 -5.64 -5.53
N ALA A 66 -3.25 -5.15 -4.57
CA ALA A 66 -2.56 -6.03 -3.62
C ALA A 66 -3.52 -6.90 -2.77
N ILE A 67 -4.73 -6.42 -2.49
CA ILE A 67 -5.76 -7.14 -1.70
C ILE A 67 -6.49 -8.19 -2.55
N LEU A 68 -6.58 -7.98 -3.87
CA LEU A 68 -7.12 -8.97 -4.81
C LEU A 68 -6.19 -10.19 -4.96
N LEU A 69 -4.87 -9.97 -4.94
CA LEU A 69 -3.87 -11.01 -5.21
C LEU A 69 -3.52 -11.81 -3.94
N ASP A 70 -3.32 -11.09 -2.84
CA ASP A 70 -2.99 -11.71 -1.53
C ASP A 70 -4.20 -11.87 -0.59
N GLY A 71 -4.94 -10.78 -0.33
CA GLY A 71 -6.16 -10.79 0.48
C GLY A 71 -5.93 -11.00 1.97
N SER A 72 -4.68 -10.91 2.42
CA SER A 72 -4.31 -10.99 3.83
C SER A 72 -3.26 -9.95 4.26
N TYR A 73 -2.95 -9.00 3.39
CA TYR A 73 -1.82 -8.10 3.55
C TYR A 73 -2.17 -6.87 4.39
N SER A 74 -1.82 -6.89 5.68
CA SER A 74 -2.09 -5.79 6.62
C SER A 74 -1.51 -4.43 6.19
N LYS A 75 -0.28 -4.39 5.63
CA LYS A 75 0.28 -3.19 4.98
C LYS A 75 -0.59 -2.64 3.84
N ALA A 76 -1.15 -3.48 2.95
CA ALA A 76 -2.00 -3.01 1.86
C ALA A 76 -3.34 -2.39 2.34
N PHE A 77 -4.01 -3.01 3.31
CA PHE A 77 -5.25 -2.48 3.89
C PHE A 77 -4.99 -1.16 4.65
N ALA A 78 -3.92 -1.08 5.44
CA ALA A 78 -3.53 0.15 6.14
C ALA A 78 -3.23 1.32 5.19
N ARG A 79 -2.59 1.02 4.04
CA ARG A 79 -2.36 2.01 2.96
C ARG A 79 -3.65 2.42 2.27
N ARG A 80 -4.60 1.50 2.03
CA ARG A 80 -5.89 1.85 1.41
C ARG A 80 -6.74 2.73 2.34
N GLY A 81 -6.94 2.33 3.59
CA GLY A 81 -7.64 3.16 4.58
C GLY A 81 -6.99 4.55 4.73
N THR A 82 -5.66 4.62 4.80
CA THR A 82 -4.95 5.91 4.85
C THR A 82 -5.20 6.75 3.59
N ALA A 83 -5.09 6.16 2.39
CA ALA A 83 -5.35 6.86 1.13
C ALA A 83 -6.78 7.45 1.10
N ARG A 84 -7.80 6.62 1.35
CA ARG A 84 -9.23 7.00 1.45
C ARG A 84 -9.49 8.13 2.43
N THR A 85 -8.75 8.18 3.54
CA THR A 85 -8.90 9.19 4.59
C THR A 85 -8.61 10.60 4.05
N PHE A 86 -7.48 10.78 3.36
CA PHE A 86 -7.14 12.03 2.66
C PHE A 86 -7.99 12.26 1.39
N LEU A 87 -8.46 11.18 0.76
CA LEU A 87 -9.26 11.23 -0.47
C LEU A 87 -10.67 11.75 -0.22
N GLY A 88 -11.19 11.62 1.00
CA GLY A 88 -12.59 11.95 1.30
C GLY A 88 -13.55 10.77 1.07
N LYS A 89 -13.05 9.55 1.30
CA LYS A 89 -13.82 8.30 1.46
C LYS A 89 -13.71 7.77 2.89
N LEU A 90 -13.94 8.63 3.87
CA LEU A 90 -13.74 8.37 5.30
C LEU A 90 -14.61 7.19 5.80
N ASN A 91 -15.85 7.09 5.30
CA ASN A 91 -16.76 5.97 5.55
C ASN A 91 -16.18 4.62 5.06
N GLU A 92 -15.46 4.61 3.95
CA GLU A 92 -14.82 3.42 3.40
C GLU A 92 -13.51 3.10 4.12
N ALA A 93 -12.72 4.12 4.48
CA ALA A 93 -11.53 3.94 5.31
C ALA A 93 -11.82 3.32 6.68
N LYS A 94 -13.01 3.58 7.28
CA LYS A 94 -13.47 2.87 8.49
C LYS A 94 -13.49 1.36 8.30
N GLN A 95 -14.06 0.92 7.18
CA GLN A 95 -14.20 -0.49 6.78
C GLN A 95 -12.83 -1.15 6.49
N ASP A 96 -11.83 -0.39 6.04
CA ASP A 96 -10.46 -0.86 5.84
C ASP A 96 -9.71 -1.01 7.17
N PHE A 97 -9.80 -0.03 8.08
CA PHE A 97 -9.07 -0.08 9.33
C PHE A 97 -9.62 -1.15 10.27
N GLU A 98 -10.94 -1.35 10.30
CA GLU A 98 -11.56 -2.45 11.03
C GLU A 98 -11.17 -3.83 10.45
N THR A 99 -10.83 -3.91 9.15
CA THR A 99 -10.23 -5.11 8.53
C THR A 99 -8.76 -5.32 8.91
N VAL A 100 -7.95 -4.26 9.06
CA VAL A 100 -6.56 -4.41 9.54
C VAL A 100 -6.53 -5.07 10.92
N LEU A 101 -7.53 -4.79 11.77
CA LEU A 101 -7.66 -5.42 13.09
C LEU A 101 -8.04 -6.92 13.05
N LEU A 102 -8.54 -7.45 11.93
CA LEU A 102 -8.75 -8.89 11.74
C LEU A 102 -7.42 -9.59 11.43
N LEU A 103 -6.57 -8.92 10.65
CA LEU A 103 -5.27 -9.40 10.18
C LEU A 103 -4.19 -9.32 11.26
N GLU A 104 -4.27 -8.33 12.15
CA GLU A 104 -3.48 -8.18 13.38
C GLU A 104 -4.36 -7.66 14.54
N PRO A 105 -4.86 -8.55 15.43
CA PRO A 105 -5.66 -8.17 16.60
C PRO A 105 -4.89 -7.25 17.57
N GLY A 106 -5.18 -5.95 17.48
CA GLY A 106 -4.49 -4.88 18.21
C GLY A 106 -3.42 -4.12 17.40
N ASN A 107 -3.50 -4.09 16.07
CA ASN A 107 -2.69 -3.21 15.23
C ASN A 107 -2.79 -1.72 15.62
N LYS A 108 -1.63 -1.07 15.75
CA LYS A 108 -1.45 0.29 16.27
C LYS A 108 -2.08 1.34 15.37
N GLN A 109 -1.89 1.21 14.05
CA GLN A 109 -2.62 2.04 13.10
C GLN A 109 -4.12 1.76 13.12
N ALA A 110 -4.54 0.50 13.21
CA ALA A 110 -5.96 0.17 13.14
C ALA A 110 -6.77 0.70 14.34
N VAL A 111 -6.13 1.01 15.47
CA VAL A 111 -6.74 1.85 16.51
C VAL A 111 -6.59 3.34 16.17
N THR A 112 -5.37 3.80 15.90
CA THR A 112 -5.04 5.23 15.82
C THR A 112 -5.72 5.95 14.65
N GLU A 113 -5.72 5.34 13.46
CA GLU A 113 -6.32 5.91 12.24
C GLU A 113 -7.84 5.79 12.25
N LEU A 114 -8.39 4.67 12.74
CA LEU A 114 -9.82 4.53 12.99
C LEU A 114 -10.31 5.59 14.00
N SER A 115 -9.43 5.99 14.92
CA SER A 115 -9.74 7.06 15.88
C SER A 115 -9.83 8.43 15.19
N LYS A 116 -9.03 8.68 14.14
CA LYS A 116 -9.08 9.93 13.33
C LYS A 116 -10.40 10.11 12.57
N ILE A 117 -11.14 9.01 12.31
CA ILE A 117 -12.46 9.05 11.67
C ILE A 117 -13.47 9.80 12.56
N LYS A 118 -13.34 9.60 13.88
CA LYS A 118 -14.31 9.98 14.92
C LYS A 118 -13.88 11.20 15.75
N LYS A 119 -12.58 11.33 16.05
CA LYS A 119 -11.93 12.38 16.87
C LYS A 119 -12.62 12.67 18.22
N LYS A 120 -13.00 11.61 18.94
CA LYS A 120 -13.63 11.69 20.29
C LYS A 120 -12.60 11.89 21.40
N ASP B 1 3.33 -8.93 17.82
CA ASP B 1 3.71 -7.74 17.06
C ASP B 1 2.81 -7.50 15.83
N THR B 2 2.87 -6.27 15.30
CA THR B 2 2.05 -5.83 14.17
C THR B 2 2.86 -5.05 13.13
N SER B 3 2.24 -4.83 11.98
CA SER B 3 2.81 -4.24 10.78
C SER B 3 2.56 -2.74 10.71
N ARG B 4 3.55 -1.98 10.22
CA ARG B 4 3.50 -0.53 9.98
C ARG B 4 3.40 -0.23 8.48
N MET B 5 2.63 0.78 8.12
CA MET B 5 2.31 1.12 6.73
C MET B 5 3.53 1.51 5.87
N GLU B 6 4.58 2.08 6.46
CA GLU B 6 5.63 2.85 5.76
C GLU B 6 6.56 2.07 4.81
N GLU B 7 6.73 0.76 4.99
CA GLU B 7 7.90 0.02 4.46
C GLU B 7 7.70 -0.56 3.05
N VAL B 8 8.70 -0.43 2.17
CA VAL B 8 8.77 -1.15 0.88
C VAL B 8 9.50 -2.49 1.02
N ASP B 9 9.78 -3.20 -0.09
CA ASP B 9 10.55 -4.45 -0.08
C ASP B 9 12.03 -4.29 0.33
N GLY A 1 10.37 -18.52 -15.96
CA GLY A 1 9.44 -17.47 -15.53
C GLY A 1 10.19 -16.27 -14.98
N PRO A 2 9.67 -15.04 -15.17
CA PRO A 2 10.33 -13.75 -14.87
C PRO A 2 10.54 -13.44 -13.37
N HIS A 3 10.71 -14.43 -12.51
CA HIS A 3 10.85 -14.26 -11.06
C HIS A 3 12.00 -13.33 -10.67
N MET A 4 13.21 -13.55 -11.20
CA MET A 4 14.34 -12.68 -10.89
C MET A 4 14.20 -11.27 -11.48
N GLN A 5 13.48 -11.12 -12.61
CA GLN A 5 13.11 -9.81 -13.16
C GLN A 5 12.07 -9.10 -12.28
N ALA A 6 11.14 -9.83 -11.67
CA ALA A 6 10.07 -9.26 -10.87
C ALA A 6 10.59 -8.84 -9.49
N ILE A 7 11.60 -9.54 -8.97
CA ILE A 7 12.44 -9.05 -7.88
C ILE A 7 13.28 -7.85 -8.32
N SER A 8 13.98 -7.91 -9.47
CA SER A 8 14.87 -6.82 -9.91
C SER A 8 14.16 -5.48 -10.00
N GLU A 9 13.02 -5.39 -10.70
CA GLU A 9 12.29 -4.11 -10.79
C GLU A 9 11.67 -3.67 -9.44
N LYS A 10 11.42 -4.59 -8.51
CA LYS A 10 11.04 -4.27 -7.13
C LYS A 10 12.21 -3.68 -6.35
N ASP A 11 13.36 -4.35 -6.34
CA ASP A 11 14.61 -3.89 -5.69
C ASP A 11 15.06 -2.52 -6.23
N ARG A 12 14.92 -2.34 -7.54
CA ARG A 12 15.18 -1.07 -8.26
C ARG A 12 14.23 0.05 -7.84
N GLY A 13 12.92 -0.19 -7.85
CA GLY A 13 11.96 0.81 -7.38
C GLY A 13 12.08 1.11 -5.88
N ASN A 14 12.44 0.12 -5.06
CA ASN A 14 12.71 0.34 -3.63
C ASN A 14 13.86 1.36 -3.48
N GLY A 15 14.94 1.18 -4.25
CA GLY A 15 16.08 2.10 -4.28
C GLY A 15 15.68 3.53 -4.61
N PHE A 16 14.85 3.74 -5.64
CA PHE A 16 14.32 5.06 -5.97
C PHE A 16 13.38 5.63 -4.89
N PHE A 17 12.61 4.78 -4.20
CA PHE A 17 11.74 5.22 -3.11
C PHE A 17 12.59 5.74 -1.93
N LYS A 18 13.75 5.10 -1.67
CA LYS A 18 14.66 5.52 -0.59
C LYS A 18 15.37 6.83 -0.91
N GLU A 19 15.70 7.04 -2.18
CA GLU A 19 16.24 8.31 -2.68
C GLU A 19 15.22 9.47 -2.60
N GLY A 20 13.94 9.17 -2.39
CA GLY A 20 12.83 10.13 -2.45
C GLY A 20 12.39 10.45 -3.89
N LYS A 21 12.87 9.67 -4.86
CA LYS A 21 12.51 9.74 -6.29
C LYS A 21 11.26 8.89 -6.52
N TYR A 22 10.17 9.24 -5.82
CA TYR A 22 8.93 8.47 -5.75
C TYR A 22 8.38 8.11 -7.15
N GLU A 23 8.42 9.06 -8.09
CA GLU A 23 8.01 8.89 -9.49
C GLU A 23 8.79 7.77 -10.21
N ARG A 24 10.12 7.71 -10.00
CA ARG A 24 11.02 6.66 -10.53
C ARG A 24 10.76 5.28 -9.92
N ALA A 25 10.39 5.21 -8.64
CA ALA A 25 9.93 3.98 -8.01
C ALA A 25 8.63 3.46 -8.67
N ILE A 26 7.65 4.35 -8.88
CA ILE A 26 6.41 4.04 -9.62
C ILE A 26 6.72 3.44 -11.00
N GLU A 27 7.65 4.03 -11.76
CA GLU A 27 8.04 3.52 -13.09
C GLU A 27 8.54 2.07 -13.06
N CYS A 28 9.36 1.72 -12.07
CA CYS A 28 9.94 0.38 -11.90
C CYS A 28 8.86 -0.63 -11.47
N TYR A 29 8.10 -0.31 -10.43
CA TYR A 29 7.05 -1.24 -9.95
C TYR A 29 5.99 -1.48 -11.04
N THR A 30 5.67 -0.48 -11.86
CA THR A 30 4.77 -0.63 -13.02
C THR A 30 5.26 -1.69 -13.99
N ARG A 31 6.58 -1.74 -14.28
CA ARG A 31 7.14 -2.79 -15.15
C ARG A 31 6.93 -4.18 -14.56
N GLY A 32 7.09 -4.35 -13.24
CA GLY A 32 6.84 -5.61 -12.54
C GLY A 32 5.36 -6.00 -12.54
N ILE A 33 4.44 -5.11 -12.14
CA ILE A 33 2.99 -5.40 -12.08
C ILE A 33 2.46 -5.87 -13.44
N ALA A 34 3.05 -5.35 -14.52
CA ALA A 34 2.73 -5.73 -15.90
C ALA A 34 3.44 -7.03 -16.37
N ALA A 35 4.64 -7.31 -15.84
CA ALA A 35 5.46 -8.48 -16.19
C ALA A 35 5.07 -9.76 -15.41
N ASP A 36 4.53 -9.58 -14.20
CA ASP A 36 4.16 -10.61 -13.22
C ASP A 36 2.64 -10.59 -12.99
N GLY A 37 2.11 -9.60 -12.28
CA GLY A 37 0.67 -9.38 -12.07
C GLY A 37 0.02 -10.33 -11.04
N ALA A 38 0.82 -10.95 -10.19
CA ALA A 38 0.42 -11.97 -9.21
C ALA A 38 0.99 -11.75 -7.80
N ASN A 39 2.11 -11.02 -7.69
CA ASN A 39 2.69 -10.60 -6.43
C ASN A 39 2.03 -9.30 -5.91
N ALA A 40 1.34 -9.37 -4.77
CA ALA A 40 0.71 -8.24 -4.08
C ALA A 40 1.69 -7.17 -3.56
N LEU A 41 2.98 -7.49 -3.46
CA LEU A 41 4.01 -6.58 -2.94
C LEU A 41 4.46 -5.52 -3.97
N LEU A 42 4.39 -5.87 -5.26
CA LEU A 42 4.70 -4.97 -6.37
C LEU A 42 3.81 -3.69 -6.37
N PRO A 43 2.47 -3.82 -6.41
CA PRO A 43 1.57 -2.68 -6.32
C PRO A 43 1.53 -2.08 -4.90
N ALA A 44 1.79 -2.87 -3.85
CA ALA A 44 1.86 -2.36 -2.47
C ALA A 44 2.94 -1.28 -2.28
N ASN A 45 4.11 -1.47 -2.92
CA ASN A 45 5.17 -0.48 -2.92
C ASN A 45 4.84 0.70 -3.88
N ARG A 46 4.16 0.43 -5.02
CA ARG A 46 3.73 1.49 -5.96
C ARG A 46 2.72 2.45 -5.32
N ALA A 47 1.75 1.93 -4.57
CA ALA A 47 0.78 2.72 -3.82
C ALA A 47 1.44 3.67 -2.80
N MET A 48 2.51 3.21 -2.12
CA MET A 48 3.25 4.05 -1.18
C MET A 48 3.86 5.27 -1.85
N ALA A 49 4.45 5.14 -3.05
CA ALA A 49 5.00 6.28 -3.77
C ALA A 49 3.89 7.29 -4.17
N TYR A 50 2.76 6.83 -4.73
CA TYR A 50 1.58 7.67 -5.01
C TYR A 50 1.05 8.38 -3.74
N LEU A 51 1.11 7.72 -2.57
CA LEU A 51 0.67 8.32 -1.32
C LEU A 51 1.64 9.41 -0.82
N LYS A 52 2.96 9.21 -0.95
CA LYS A 52 3.97 10.23 -0.64
C LYS A 52 3.87 11.48 -1.53
N ILE A 53 3.39 11.35 -2.77
CA ILE A 53 3.08 12.50 -3.64
C ILE A 53 1.62 12.96 -3.53
N GLN A 54 0.87 12.41 -2.56
CA GLN A 54 -0.47 12.84 -2.16
C GLN A 54 -1.52 12.61 -3.27
N LYS A 55 -1.20 11.74 -4.24
CA LYS A 55 -2.14 11.24 -5.25
C LYS A 55 -2.94 10.07 -4.68
N TYR A 56 -3.72 10.31 -3.62
CA TYR A 56 -4.41 9.26 -2.88
C TYR A 56 -5.44 8.52 -3.72
N GLU A 57 -6.02 9.20 -4.72
CA GLU A 57 -6.94 8.62 -5.70
C GLU A 57 -6.31 7.44 -6.46
N GLU A 58 -5.01 7.53 -6.78
CA GLU A 58 -4.26 6.48 -7.46
C GLU A 58 -3.66 5.46 -6.46
N ALA A 59 -3.25 5.93 -5.28
CA ALA A 59 -2.75 5.05 -4.22
C ALA A 59 -3.84 4.07 -3.71
N GLU A 60 -5.10 4.50 -3.57
CA GLU A 60 -6.24 3.60 -3.30
C GLU A 60 -6.31 2.42 -4.28
N LYS A 61 -6.11 2.65 -5.59
CA LYS A 61 -6.27 1.66 -6.66
C LYS A 61 -5.23 0.54 -6.63
N ASP A 62 -3.95 0.91 -6.45
CA ASP A 62 -2.85 -0.05 -6.29
C ASP A 62 -2.95 -0.81 -4.96
N CYS A 63 -3.51 -0.19 -3.92
CA CYS A 63 -3.78 -0.91 -2.67
C CYS A 63 -4.89 -1.96 -2.86
N THR A 64 -5.98 -1.63 -3.54
CA THR A 64 -6.99 -2.62 -3.95
C THR A 64 -6.35 -3.73 -4.78
N GLN A 65 -5.45 -3.39 -5.72
CA GLN A 65 -4.75 -4.42 -6.51
C GLN A 65 -4.01 -5.42 -5.61
N ALA A 66 -3.22 -4.98 -4.63
CA ALA A 66 -2.56 -5.88 -3.69
C ALA A 66 -3.54 -6.80 -2.91
N ILE A 67 -4.74 -6.31 -2.60
CA ILE A 67 -5.77 -7.06 -1.87
C ILE A 67 -6.48 -8.06 -2.81
N LEU A 68 -6.55 -7.77 -4.11
CA LEU A 68 -7.12 -8.67 -5.13
C LEU A 68 -6.23 -9.89 -5.42
N LEU A 69 -4.91 -9.78 -5.21
CA LEU A 69 -3.96 -10.86 -5.42
C LEU A 69 -3.78 -11.70 -4.14
N ASP A 70 -3.55 -11.03 -3.01
CA ASP A 70 -3.27 -11.69 -1.73
C ASP A 70 -4.51 -11.82 -0.82
N GLY A 71 -5.16 -10.71 -0.46
CA GLY A 71 -6.39 -10.67 0.34
C GLY A 71 -6.20 -10.78 1.85
N SER A 72 -4.96 -10.91 2.32
CA SER A 72 -4.59 -11.04 3.73
C SER A 72 -3.50 -10.09 4.22
N TYR A 73 -3.09 -9.16 3.35
CA TYR A 73 -1.93 -8.31 3.57
C TYR A 73 -2.31 -7.03 4.36
N SER A 74 -2.07 -7.02 5.67
CA SER A 74 -2.46 -5.90 6.57
C SER A 74 -1.88 -4.55 6.13
N LYS A 75 -0.64 -4.53 5.61
CA LYS A 75 0.01 -3.31 5.07
C LYS A 75 -0.76 -2.72 3.88
N ALA A 76 -1.32 -3.53 2.98
CA ALA A 76 -2.12 -3.03 1.85
C ALA A 76 -3.46 -2.43 2.29
N PHE A 77 -4.16 -3.06 3.25
CA PHE A 77 -5.39 -2.51 3.83
C PHE A 77 -5.12 -1.20 4.59
N ALA A 78 -4.06 -1.14 5.40
CA ALA A 78 -3.66 0.08 6.12
C ALA A 78 -3.32 1.24 5.17
N ARG A 79 -2.63 0.95 4.05
CA ARG A 79 -2.36 1.95 3.00
C ARG A 79 -3.62 2.39 2.26
N ARG A 80 -4.60 1.49 1.98
CA ARG A 80 -5.87 1.89 1.35
C ARG A 80 -6.70 2.79 2.27
N GLY A 81 -6.89 2.39 3.52
CA GLY A 81 -7.59 3.19 4.52
C GLY A 81 -6.95 4.57 4.69
N THR A 82 -5.61 4.63 4.78
CA THR A 82 -4.89 5.91 4.89
C THR A 82 -5.13 6.80 3.66
N ALA A 83 -5.04 6.25 2.45
CA ALA A 83 -5.31 6.97 1.20
C ALA A 83 -6.74 7.55 1.18
N ARG A 84 -7.76 6.69 1.35
CA ARG A 84 -9.18 7.05 1.42
C ARG A 84 -9.50 8.14 2.44
N THR A 85 -8.79 8.15 3.57
CA THR A 85 -9.01 9.11 4.67
C THR A 85 -8.77 10.55 4.20
N PHE A 86 -7.68 10.78 3.48
CA PHE A 86 -7.38 12.08 2.85
C PHE A 86 -8.14 12.33 1.54
N LEU A 87 -8.58 11.25 0.87
CA LEU A 87 -9.41 11.30 -0.34
C LEU A 87 -10.86 11.73 -0.04
N GLY A 88 -11.31 11.58 1.20
CA GLY A 88 -12.68 11.90 1.65
C GLY A 88 -13.61 10.68 1.74
N LYS A 89 -13.14 9.48 1.35
CA LYS A 89 -13.88 8.22 1.43
C LYS A 89 -13.79 7.60 2.83
N LEU A 90 -14.13 8.40 3.82
CA LEU A 90 -13.87 8.14 5.24
C LEU A 90 -14.58 6.87 5.76
N ASN A 91 -15.81 6.63 5.32
CA ASN A 91 -16.56 5.40 5.62
C ASN A 91 -15.96 4.15 4.96
N GLU A 92 -15.43 4.26 3.74
CA GLU A 92 -14.72 3.14 3.09
C GLU A 92 -13.37 2.87 3.77
N ALA A 93 -12.67 3.91 4.23
CA ALA A 93 -11.46 3.77 5.03
C ALA A 93 -11.70 3.11 6.41
N LYS A 94 -12.83 3.43 7.04
CA LYS A 94 -13.30 2.78 8.29
C LYS A 94 -13.40 1.26 8.13
N GLN A 95 -13.92 0.78 6.99
CA GLN A 95 -14.03 -0.65 6.68
C GLN A 95 -12.66 -1.33 6.49
N ASP A 96 -11.68 -0.59 5.95
CA ASP A 96 -10.32 -1.09 5.74
C ASP A 96 -9.56 -1.19 7.06
N PHE A 97 -9.64 -0.18 7.94
CA PHE A 97 -8.95 -0.21 9.23
C PHE A 97 -9.56 -1.27 10.16
N GLU A 98 -10.88 -1.40 10.18
CA GLU A 98 -11.56 -2.48 10.91
C GLU A 98 -11.21 -3.88 10.35
N THR A 99 -10.84 -3.99 9.07
CA THR A 99 -10.29 -5.23 8.47
C THR A 99 -8.84 -5.48 8.87
N VAL A 100 -7.99 -4.45 8.98
CA VAL A 100 -6.61 -4.61 9.48
C VAL A 100 -6.63 -5.25 10.87
N LEU A 101 -7.61 -4.89 11.71
CA LEU A 101 -7.80 -5.43 13.05
C LEU A 101 -8.26 -6.91 13.09
N LEU A 102 -8.66 -7.50 11.95
CA LEU A 102 -8.90 -8.94 11.83
C LEU A 102 -7.60 -9.70 11.55
N LEU A 103 -6.79 -9.15 10.64
CA LEU A 103 -5.53 -9.70 10.17
C LEU A 103 -4.44 -9.62 11.26
N GLU A 104 -4.41 -8.51 12.00
CA GLU A 104 -3.57 -8.28 13.18
C GLU A 104 -4.42 -7.66 14.31
N PRO A 105 -4.94 -8.47 15.25
CA PRO A 105 -5.68 -7.97 16.42
C PRO A 105 -4.87 -6.94 17.20
N GLY A 106 -5.48 -5.78 17.45
CA GLY A 106 -4.83 -4.66 18.13
C GLY A 106 -3.75 -3.95 17.30
N ASN A 107 -3.75 -4.06 15.97
CA ASN A 107 -2.81 -3.33 15.11
C ASN A 107 -2.78 -1.83 15.42
N LYS A 108 -1.56 -1.31 15.63
CA LYS A 108 -1.30 0.04 16.14
C LYS A 108 -1.91 1.12 15.23
N GLN A 109 -1.69 0.97 13.92
CA GLN A 109 -2.30 1.86 12.92
C GLN A 109 -3.83 1.72 12.89
N ALA A 110 -4.36 0.50 12.97
CA ALA A 110 -5.80 0.29 12.93
C ALA A 110 -6.55 0.81 14.17
N VAL A 111 -5.87 1.05 15.28
CA VAL A 111 -6.40 1.89 16.37
C VAL A 111 -6.19 3.38 16.05
N THR A 112 -4.95 3.81 15.78
CA THR A 112 -4.61 5.24 15.65
C THR A 112 -5.35 5.94 14.51
N GLU A 113 -5.43 5.35 13.32
CA GLU A 113 -6.04 5.96 12.13
C GLU A 113 -7.57 5.90 12.18
N LEU A 114 -8.13 4.78 12.64
CA LEU A 114 -9.55 4.66 12.96
C LEU A 114 -9.98 5.69 14.03
N SER A 115 -9.05 6.05 14.92
CA SER A 115 -9.28 7.10 15.92
C SER A 115 -9.31 8.51 15.30
N LYS A 116 -8.63 8.75 14.16
CA LYS A 116 -8.73 10.03 13.41
C LYS A 116 -10.06 10.23 12.69
N ILE A 117 -10.83 9.16 12.48
CA ILE A 117 -12.23 9.25 12.01
C ILE A 117 -13.09 10.01 13.03
N LYS A 118 -12.83 9.73 14.32
CA LYS A 118 -13.70 9.99 15.48
C LYS A 118 -13.47 11.33 16.23
N LYS A 119 -12.75 12.30 15.64
CA LYS A 119 -12.24 13.50 16.35
C LYS A 119 -13.14 14.75 16.31
N LYS A 120 -14.45 14.56 16.07
CA LYS A 120 -15.48 15.61 16.23
C LYS A 120 -16.02 15.63 17.65
N ASP B 1 3.14 -8.70 17.91
CA ASP B 1 3.55 -7.50 17.18
C ASP B 1 2.93 -7.39 15.79
N THR B 2 2.72 -6.17 15.31
CA THR B 2 1.91 -5.85 14.12
C THR B 2 2.61 -4.92 13.13
N SER B 3 2.07 -4.92 11.91
CA SER B 3 2.64 -4.26 10.74
C SER B 3 2.36 -2.75 10.71
N ARG B 4 3.40 -1.98 10.40
CA ARG B 4 3.42 -0.53 10.17
C ARG B 4 3.09 -0.25 8.70
N MET B 5 2.38 0.84 8.42
CA MET B 5 1.97 1.19 7.05
C MET B 5 3.17 1.56 6.15
N GLU B 6 3.93 2.57 6.53
CA GLU B 6 4.90 3.24 5.66
C GLU B 6 6.21 2.44 5.51
N GLU B 7 6.25 1.56 4.52
CA GLU B 7 7.43 0.78 4.12
C GLU B 7 7.41 0.52 2.60
N VAL B 8 8.57 0.23 2.01
CA VAL B 8 8.68 -0.61 0.81
C VAL B 8 9.41 -1.93 1.13
N ASP B 9 9.59 -2.80 0.14
CA ASP B 9 10.00 -4.21 0.33
C ASP B 9 11.30 -4.43 1.11
#